data_8CXS
#
_entry.id   8CXS
#
_cell.length_a   81.970
_cell.length_b   161.159
_cell.length_c   230.795
_cell.angle_alpha   90.000
_cell.angle_beta   90.000
_cell.angle_gamma   90.000
#
_symmetry.space_group_name_H-M   'P 21 21 21'
#
loop_
_entity.id
_entity.type
_entity.pdbx_description
1 polymer 'Site-specific DNA-methyltransferase (adenine-specific)'
2 polymer 'DNA Strand 2'
3 polymer 'DNA Strand 1'
4 non-polymer 'POTASSIUM ION'
5 non-polymer 1,2-ETHANEDIOL
6 non-polymer "5'-DEOXY-5'-METHYLTHIOADENOSINE"
7 water water
#
loop_
_entity_poly.entity_id
_entity_poly.type
_entity_poly.pdbx_seq_one_letter_code
_entity_poly.pdbx_strand_id
1 'polypeptide(L)'
;HMDDISQDNFLLSKEYENSLDVDTKKASGIYYTPKIIVDYIVKKTLKNHDIIKNPYPRILDISCGCGNFLLEVYDILYDL
FEENIYELKKKYDENYWTVDNIHRHILNYCIYGADIDEKAISILKDSLTNKKVVNDLDESDIKINLFCCDSLKKKWRYKF
DYIVGNPPYIGHKKLEKKYKKFLLEKYSEVYKDKADLYFCFYKKIIDILKQGGIGSVITPRYFLESLSGKDLREYIKSNV
NVQEIVDFLGANIFKNIGVSSCILTFDKKKTKETYIDVFKIKNEDICINKFETLEELLKSSKFEHFNINQRLLSDEWILV
NKDDETFYNKIQEKCKYSLEDIAISFQGIITGCDKAFILSKDDVKLNLVDDKFLKCWIKSKNINKYIVDKSEYRLIYSND
IDNENTNKRILDEIIGLYKTKLENRRECKSGIRKWYELQWGREKLFFERKKIMYPYKSNENRFAIDYDNNFSSADVYSFF
IKEEYLDKFSYEYLVGILNSSVYDKYFKITAKKMSKNIYDYYPNKVMKIRIFRDNNYEEIENLSKQIISILLNKSIDKGK
VEKLQIKMDNLIMDSLGI
;
A,B,C
2 'polydeoxyribonucleotide' (DA)(DT)(DG)(DG)(DG)(DA)(DC)(DT)(DT)(DT)(DT)(DT)(DG)(DA) E,G,I
3 'polydeoxyribonucleotide' (DT)(DT)(DC)(DA)(DA)(DA)(DA)(DA)(DG)(DT)(DC)(DC)(DC)(DA) D,F,H
#
loop_
_chem_comp.id
_chem_comp.type
_chem_comp.name
_chem_comp.formula
DA DNA linking 2'-DEOXYADENOSINE-5'-MONOPHOSPHATE 'C10 H14 N5 O6 P'
DC DNA linking 2'-DEOXYCYTIDINE-5'-MONOPHOSPHATE 'C9 H14 N3 O7 P'
DG DNA linking 2'-DEOXYGUANOSINE-5'-MONOPHOSPHATE 'C10 H14 N5 O7 P'
DT DNA linking THYMIDINE-5'-MONOPHOSPHATE 'C10 H15 N2 O8 P'
EDO non-polymer 1,2-ETHANEDIOL 'C2 H6 O2'
K non-polymer 'POTASSIUM ION' 'K 1'
MTA non-polymer 5'-DEOXY-5'-METHYLTHIOADENOSINE 'C11 H15 N5 O3 S'
#
# COMPACT_ATOMS: atom_id res chain seq x y z
N ALA A 27 -11.08 2.22 48.39
CA ALA A 27 -11.42 1.55 47.14
C ALA A 27 -12.56 0.57 47.36
N SER A 28 -13.41 0.85 48.35
CA SER A 28 -14.53 -0.04 48.65
C SER A 28 -15.50 -0.12 47.47
N GLY A 29 -15.80 1.02 46.86
CA GLY A 29 -16.72 1.06 45.73
C GLY A 29 -18.18 1.05 46.10
N ILE A 30 -18.52 0.94 47.39
CA ILE A 30 -19.91 0.91 47.85
C ILE A 30 -20.23 2.26 48.47
N TYR A 31 -21.33 2.86 48.02
CA TYR A 31 -21.76 4.18 48.48
C TYR A 31 -23.12 4.08 49.14
N TYR A 32 -23.25 4.69 50.31
CA TYR A 32 -24.49 4.70 51.07
C TYR A 32 -25.34 5.88 50.63
N THR A 33 -26.52 5.59 50.07
CA THR A 33 -27.48 6.63 49.74
C THR A 33 -28.24 7.06 51.00
N PRO A 34 -28.45 8.36 51.20
CA PRO A 34 -29.16 8.81 52.40
C PRO A 34 -30.57 8.22 52.47
N LYS A 35 -30.98 7.87 53.69
CA LYS A 35 -32.25 7.17 53.86
C LYS A 35 -33.42 8.00 53.34
N ILE A 36 -33.34 9.33 53.49
CA ILE A 36 -34.43 10.18 53.02
C ILE A 36 -34.54 10.11 51.50
N ILE A 37 -33.42 9.99 50.80
CA ILE A 37 -33.45 9.82 49.35
C ILE A 37 -34.00 8.44 48.99
N VAL A 38 -33.60 7.41 49.73
CA VAL A 38 -34.05 6.05 49.42
C VAL A 38 -35.56 5.93 49.61
N ASP A 39 -36.07 6.43 50.74
CA ASP A 39 -37.50 6.34 50.98
C ASP A 39 -38.30 7.12 49.93
N TYR A 40 -37.75 8.23 49.46
CA TYR A 40 -38.42 9.01 48.41
C TYR A 40 -38.48 8.24 47.10
N ILE A 41 -37.37 7.61 46.71
CA ILE A 41 -37.32 6.92 45.42
C ILE A 41 -38.22 5.69 45.43
N VAL A 42 -38.20 4.92 46.52
CA VAL A 42 -39.06 3.75 46.63
C VAL A 42 -40.53 4.16 46.63
N LYS A 43 -40.86 5.21 47.40
CA LYS A 43 -42.24 5.68 47.45
C LYS A 43 -42.71 6.17 46.09
N LYS A 44 -41.85 6.88 45.35
CA LYS A 44 -42.24 7.42 44.05
C LYS A 44 -42.54 6.32 43.03
N THR A 45 -42.04 5.11 43.23
CA THR A 45 -42.34 4.05 42.27
C THR A 45 -43.53 3.19 42.70
N LEU A 46 -43.67 2.92 43.99
CA LEU A 46 -44.69 2.00 44.49
C LEU A 46 -45.89 2.70 45.12
N LYS A 47 -45.95 4.04 45.04
CA LYS A 47 -46.97 4.78 45.77
C LYS A 47 -48.38 4.38 45.36
N ASN A 48 -48.61 4.21 44.05
CA ASN A 48 -49.94 3.95 43.53
C ASN A 48 -50.03 2.59 42.84
N HIS A 49 -49.22 1.63 43.26
CA HIS A 49 -49.31 0.30 42.68
C HIS A 49 -50.59 -0.39 43.13
N ASP A 50 -51.28 -1.01 42.18
CA ASP A 50 -52.54 -1.71 42.45
C ASP A 50 -52.21 -3.16 42.74
N ILE A 51 -51.97 -3.48 44.01
CA ILE A 51 -51.56 -4.82 44.38
C ILE A 51 -52.68 -5.84 44.16
N ILE A 52 -53.95 -5.41 44.17
CA ILE A 52 -55.04 -6.33 43.87
C ILE A 52 -55.00 -6.73 42.40
N LYS A 53 -54.82 -5.76 41.51
CA LYS A 53 -54.77 -6.04 40.09
C LYS A 53 -53.52 -6.84 39.71
N ASN A 54 -52.37 -6.51 40.31
CA ASN A 54 -51.12 -7.20 40.04
C ASN A 54 -50.38 -7.46 41.34
N PRO A 55 -50.61 -8.62 41.97
CA PRO A 55 -49.87 -8.98 43.18
C PRO A 55 -48.50 -9.60 42.91
N TYR A 56 -47.99 -9.55 41.68
CA TYR A 56 -46.67 -10.05 41.34
C TYR A 56 -45.82 -8.96 40.70
N PRO A 57 -45.57 -7.85 41.39
CA PRO A 57 -44.72 -6.81 40.80
C PRO A 57 -43.25 -7.17 40.96
N ARG A 58 -42.49 -6.93 39.90
CA ARG A 58 -41.06 -7.23 39.88
C ARG A 58 -40.28 -5.92 40.04
N ILE A 59 -39.66 -5.73 41.21
CA ILE A 59 -38.87 -4.55 41.52
C ILE A 59 -37.40 -4.95 41.52
N LEU A 60 -36.59 -4.19 40.79
CA LEU A 60 -35.19 -4.52 40.57
C LEU A 60 -34.28 -3.37 40.95
N ASP A 61 -33.16 -3.69 41.56
CA ASP A 61 -32.03 -2.78 41.73
C ASP A 61 -30.80 -3.45 41.12
N ILE A 62 -30.34 -2.94 39.97
CA ILE A 62 -29.19 -3.54 39.30
C ILE A 62 -27.86 -3.11 39.89
N SER A 63 -27.88 -2.29 40.93
CA SER A 63 -26.67 -1.80 41.59
C SER A 63 -26.87 -1.78 43.10
N CYS A 64 -27.47 -2.85 43.63
CA CYS A 64 -28.10 -2.78 44.95
C CYS A 64 -27.12 -2.57 46.10
N GLY A 65 -25.85 -2.93 45.92
CA GLY A 65 -24.90 -2.76 47.01
C GLY A 65 -25.28 -3.63 48.18
N CYS A 66 -25.31 -3.03 49.38
CA CYS A 66 -25.70 -3.75 50.58
C CYS A 66 -27.22 -3.83 50.74
N GLY A 67 -27.99 -3.21 49.86
CA GLY A 67 -29.42 -3.28 49.90
C GLY A 67 -30.12 -2.07 50.47
N ASN A 68 -29.59 -0.86 50.24
CA ASN A 68 -30.25 0.34 50.74
C ASN A 68 -31.68 0.43 50.22
N PHE A 69 -31.85 0.20 48.92
CA PHE A 69 -33.17 0.34 48.31
C PHE A 69 -34.02 -0.90 48.50
N LEU A 70 -33.44 -2.09 48.30
CA LEU A 70 -34.23 -3.32 48.31
C LEU A 70 -34.82 -3.60 49.69
N LEU A 71 -34.06 -3.32 50.76
CA LEU A 71 -34.59 -3.54 52.10
C LEU A 71 -35.80 -2.65 52.37
N GLU A 72 -35.76 -1.40 51.88
CA GLU A 72 -36.93 -0.54 52.00
C GLU A 72 -38.06 -1.00 51.10
N VAL A 73 -37.72 -1.54 49.91
CA VAL A 73 -38.74 -2.09 49.03
C VAL A 73 -39.48 -3.23 49.73
N TYR A 74 -38.75 -4.05 50.49
CA TYR A 74 -39.38 -5.13 51.23
C TYR A 74 -40.45 -4.61 52.19
N ASP A 75 -40.09 -3.60 52.99
CA ASP A 75 -41.03 -3.08 53.97
C ASP A 75 -42.27 -2.48 53.32
N ILE A 76 -42.09 -1.73 52.22
CA ILE A 76 -43.23 -1.17 51.51
C ILE A 76 -44.11 -2.29 50.97
N LEU A 77 -43.50 -3.32 50.38
CA LEU A 77 -44.29 -4.44 49.85
C LEU A 77 -45.02 -5.17 50.97
N TYR A 78 -44.34 -5.39 52.10
CA TYR A 78 -44.97 -6.14 53.19
C TYR A 78 -46.21 -5.41 53.70
N ASP A 79 -46.14 -4.09 53.86
CA ASP A 79 -47.31 -3.32 54.24
C ASP A 79 -48.41 -3.42 53.19
N LEU A 80 -48.03 -3.38 51.91
CA LEU A 80 -49.00 -3.46 50.83
C LEU A 80 -49.79 -4.77 50.87
N PHE A 81 -49.07 -5.89 50.95
CA PHE A 81 -49.74 -7.19 50.97
C PHE A 81 -50.57 -7.36 52.23
N GLU A 82 -50.01 -7.00 53.39
CA GLU A 82 -50.73 -7.21 54.64
C GLU A 82 -52.03 -6.41 54.69
N GLU A 83 -51.99 -5.17 54.18
CA GLU A 83 -53.18 -4.32 54.22
C GLU A 83 -54.29 -4.80 53.30
N ASN A 84 -53.97 -5.62 52.30
CA ASN A 84 -54.95 -6.13 51.35
C ASN A 84 -54.98 -7.66 51.33
N ILE A 85 -54.60 -8.29 52.43
CA ILE A 85 -54.45 -9.75 52.45
C ILE A 85 -55.80 -10.44 52.26
N TYR A 86 -56.87 -9.89 52.85
CA TYR A 86 -58.16 -10.55 52.74
C TYR A 86 -58.79 -10.34 51.37
N GLU A 87 -58.58 -9.17 50.76
CA GLU A 87 -59.04 -8.98 49.39
C GLU A 87 -58.30 -9.91 48.43
N LEU A 88 -56.98 -10.06 48.61
CA LEU A 88 -56.22 -11.02 47.81
C LEU A 88 -56.69 -12.44 48.08
N LYS A 89 -56.94 -12.78 49.34
CA LYS A 89 -57.40 -14.11 49.69
C LYS A 89 -58.72 -14.44 48.99
N LYS A 90 -59.61 -13.45 48.89
CA LYS A 90 -60.92 -13.66 48.27
C LYS A 90 -60.83 -13.71 46.74
N LYS A 91 -59.97 -12.88 46.14
CA LYS A 91 -59.89 -12.80 44.69
C LYS A 91 -59.11 -13.96 44.07
N TYR A 92 -58.12 -14.48 44.78
CA TYR A 92 -57.23 -15.51 44.25
C TYR A 92 -57.23 -16.70 45.20
N ASP A 93 -56.27 -17.60 45.04
CA ASP A 93 -56.15 -18.77 45.92
C ASP A 93 -56.18 -18.35 47.39
N GLU A 94 -57.20 -18.82 48.10
CA GLU A 94 -57.37 -18.46 49.50
C GLU A 94 -56.38 -19.16 50.42
N ASN A 95 -55.77 -20.26 49.96
CA ASN A 95 -54.74 -20.91 50.76
C ASN A 95 -53.37 -20.28 50.57
N TYR A 96 -53.15 -19.60 49.44
CA TYR A 96 -51.84 -18.99 49.18
C TYR A 96 -51.69 -17.66 49.90
N TRP A 97 -52.75 -16.85 49.94
CA TRP A 97 -52.66 -15.49 50.46
C TRP A 97 -52.99 -15.50 51.95
N THR A 98 -51.95 -15.76 52.75
CA THR A 98 -51.99 -15.62 54.20
C THR A 98 -50.87 -14.69 54.62
N VAL A 99 -51.01 -14.11 55.81
CA VAL A 99 -49.97 -13.22 56.32
C VAL A 99 -48.68 -13.99 56.54
N ASP A 100 -48.77 -15.24 57.00
CA ASP A 100 -47.60 -16.07 57.23
C ASP A 100 -46.87 -16.42 55.94
N ASN A 101 -47.48 -16.19 54.79
CA ASN A 101 -46.86 -16.52 53.50
C ASN A 101 -46.35 -15.29 52.74
N ILE A 102 -46.58 -14.09 53.27
CA ILE A 102 -46.20 -12.87 52.55
C ILE A 102 -44.70 -12.82 52.32
N HIS A 103 -43.93 -13.14 53.36
CA HIS A 103 -42.47 -13.05 53.27
C HIS A 103 -41.93 -13.93 52.16
N ARG A 104 -42.38 -15.18 52.10
CA ARG A 104 -41.92 -16.08 51.04
C ARG A 104 -42.31 -15.56 49.67
N HIS A 105 -43.53 -15.03 49.52
CA HIS A 105 -43.98 -14.54 48.24
C HIS A 105 -43.12 -13.37 47.75
N ILE A 106 -42.77 -12.45 48.66
CA ILE A 106 -42.00 -11.28 48.28
C ILE A 106 -40.64 -11.69 47.73
N LEU A 107 -39.96 -12.61 48.42
CA LEU A 107 -38.62 -13.02 48.00
C LEU A 107 -38.65 -13.83 46.72
N ASN A 108 -39.70 -14.64 46.51
CA ASN A 108 -39.74 -15.49 45.34
C ASN A 108 -40.04 -14.71 44.07
N TYR A 109 -40.95 -13.75 44.11
CA TYR A 109 -41.51 -13.18 42.90
C TYR A 109 -41.33 -11.68 42.74
N CYS A 110 -40.91 -10.96 43.78
CA CYS A 110 -41.00 -9.51 43.75
C CYS A 110 -39.66 -8.80 43.78
N ILE A 111 -38.75 -9.19 44.67
CA ILE A 111 -37.51 -8.46 44.89
C ILE A 111 -36.39 -9.09 44.08
N TYR A 112 -35.72 -8.27 43.26
CA TYR A 112 -34.58 -8.69 42.45
C TYR A 112 -33.43 -7.70 42.65
N GLY A 113 -32.22 -8.24 42.73
CA GLY A 113 -31.05 -7.40 42.95
C GLY A 113 -29.85 -7.93 42.20
N ALA A 114 -28.96 -7.01 41.82
CA ALA A 114 -27.72 -7.36 41.13
C ALA A 114 -26.61 -6.46 41.63
N ASP A 115 -25.43 -7.04 41.86
CA ASP A 115 -24.26 -6.26 42.21
C ASP A 115 -23.02 -7.07 41.88
N ILE A 116 -21.96 -6.38 41.45
CA ILE A 116 -20.70 -7.04 41.09
C ILE A 116 -19.89 -7.46 42.31
N ASP A 117 -20.33 -7.11 43.52
CA ASP A 117 -19.57 -7.34 44.74
C ASP A 117 -20.18 -8.52 45.50
N GLU A 118 -19.41 -9.60 45.62
CA GLU A 118 -19.91 -10.82 46.25
C GLU A 118 -20.30 -10.59 47.70
N LYS A 119 -19.46 -9.86 48.44
CA LYS A 119 -19.72 -9.65 49.86
C LYS A 119 -21.02 -8.88 50.08
N ALA A 120 -21.27 -7.86 49.25
CA ALA A 120 -22.50 -7.07 49.39
C ALA A 120 -23.73 -7.93 49.15
N ILE A 121 -23.69 -8.77 48.12
CA ILE A 121 -24.81 -9.68 47.86
C ILE A 121 -25.00 -10.65 49.01
N SER A 122 -23.89 -11.16 49.56
CA SER A 122 -23.96 -12.08 50.69
C SER A 122 -24.61 -11.40 51.90
N ILE A 123 -24.24 -10.15 52.16
CA ILE A 123 -24.85 -9.43 53.27
C ILE A 123 -26.33 -9.16 53.00
N LEU A 124 -26.66 -8.78 51.76
CA LEU A 124 -28.06 -8.50 51.43
C LEU A 124 -28.91 -9.76 51.52
N LYS A 125 -28.35 -10.91 51.14
CA LYS A 125 -29.07 -12.17 51.27
C LYS A 125 -29.40 -12.46 52.73
N ASP A 126 -28.45 -12.20 53.63
CA ASP A 126 -28.71 -12.40 55.05
C ASP A 126 -29.77 -11.43 55.56
N SER A 127 -29.73 -10.17 55.12
CA SER A 127 -30.70 -9.18 55.59
C SER A 127 -32.12 -9.55 55.12
N LEU A 128 -32.26 -9.92 53.85
CA LEU A 128 -33.59 -10.30 53.36
C LEU A 128 -34.07 -11.59 54.04
N THR A 129 -33.16 -12.53 54.30
CA THR A 129 -33.54 -13.74 55.00
C THR A 129 -34.00 -13.44 56.42
N ASN A 130 -33.38 -12.46 57.07
CA ASN A 130 -33.68 -12.14 58.46
C ASN A 130 -34.87 -11.20 58.62
N LYS A 131 -35.52 -10.79 57.53
CA LYS A 131 -36.75 -10.00 57.67
C LYS A 131 -37.84 -10.79 58.38
N LYS A 132 -37.87 -12.12 58.20
CA LYS A 132 -38.74 -12.99 58.96
C LYS A 132 -37.88 -14.06 59.62
N VAL A 133 -38.08 -14.26 60.93
CA VAL A 133 -37.29 -15.24 61.67
C VAL A 133 -38.19 -16.22 62.39
N GLU A 139 -38.40 -25.88 57.68
CA GLU A 139 -39.09 -25.33 56.53
C GLU A 139 -38.20 -25.33 55.30
N SER A 140 -38.81 -25.29 54.12
CA SER A 140 -38.05 -25.22 52.87
C SER A 140 -37.31 -23.90 52.76
N ASP A 141 -36.11 -23.96 52.19
CA ASP A 141 -35.34 -22.74 51.95
C ASP A 141 -35.99 -21.93 50.83
N ILE A 142 -35.83 -20.62 50.91
CA ILE A 142 -36.48 -19.68 49.99
C ILE A 142 -35.43 -19.15 49.02
N LYS A 143 -35.72 -19.26 47.73
CA LYS A 143 -34.82 -18.74 46.70
C LYS A 143 -34.94 -17.23 46.63
N ILE A 144 -33.79 -16.54 46.64
CA ILE A 144 -33.73 -15.08 46.61
C ILE A 144 -33.10 -14.66 45.28
N ASN A 145 -33.77 -13.74 44.58
CA ASN A 145 -33.35 -13.34 43.24
C ASN A 145 -32.25 -12.27 43.33
N LEU A 146 -31.09 -12.71 43.82
CA LEU A 146 -29.90 -11.86 43.92
C LEU A 146 -28.81 -12.44 43.02
N PHE A 147 -28.33 -11.63 42.09
CA PHE A 147 -27.31 -12.06 41.14
C PHE A 147 -26.02 -11.30 41.43
N CYS A 148 -24.92 -12.03 41.51
CA CYS A 148 -23.59 -11.42 41.58
C CYS A 148 -23.02 -11.45 40.16
N CYS A 149 -23.09 -10.31 39.48
CA CYS A 149 -22.74 -10.24 38.07
C CYS A 149 -22.46 -8.80 37.69
N ASP A 150 -21.93 -8.62 36.48
CA ASP A 150 -21.88 -7.31 35.85
C ASP A 150 -23.23 -7.05 35.21
N SER A 151 -23.99 -6.11 35.77
CA SER A 151 -25.33 -5.83 35.25
C SER A 151 -25.32 -5.41 33.79
N LEU A 152 -24.20 -4.88 33.30
CA LEU A 152 -24.10 -4.48 31.91
C LEU A 152 -23.77 -5.65 30.98
N LYS A 153 -23.49 -6.82 31.53
CA LYS A 153 -23.23 -8.00 30.72
C LYS A 153 -24.27 -9.10 30.89
N LYS A 154 -24.99 -9.11 32.00
CA LYS A 154 -25.94 -10.18 32.28
C LYS A 154 -27.02 -10.24 31.20
N LYS A 155 -27.28 -11.44 30.71
CA LYS A 155 -28.40 -11.68 29.81
C LYS A 155 -29.67 -11.73 30.67
N TRP A 156 -30.37 -10.60 30.74
CA TRP A 156 -31.59 -10.53 31.55
C TRP A 156 -32.72 -11.28 30.85
N ARG A 157 -33.32 -12.23 31.57
CA ARG A 157 -34.28 -13.14 30.95
C ARG A 157 -35.70 -12.57 30.89
N TYR A 158 -35.95 -11.40 31.48
CA TYR A 158 -37.27 -10.78 31.43
C TYR A 158 -37.14 -9.32 31.85
N LYS A 159 -38.20 -8.56 31.61
CA LYS A 159 -38.28 -7.15 31.98
C LYS A 159 -38.95 -6.99 33.34
N PHE A 160 -38.93 -5.75 33.83
CA PHE A 160 -39.28 -5.48 35.23
C PHE A 160 -40.29 -4.36 35.33
N ASP A 161 -41.17 -4.49 36.33
CA ASP A 161 -42.20 -3.48 36.57
C ASP A 161 -41.60 -2.20 37.12
N TYR A 162 -40.67 -2.32 38.07
CA TYR A 162 -40.09 -1.16 38.73
C TYR A 162 -38.59 -1.35 38.86
N ILE A 163 -37.84 -0.29 38.58
CA ILE A 163 -36.39 -0.29 38.73
C ILE A 163 -36.00 0.93 39.53
N VAL A 164 -35.21 0.72 40.60
CA VAL A 164 -34.74 1.79 41.47
C VAL A 164 -33.28 1.54 41.78
N GLY A 165 -32.59 2.59 42.23
CA GLY A 165 -31.29 2.42 42.82
C GLY A 165 -30.36 3.57 42.50
N ASN A 166 -29.07 3.27 42.65
CA ASN A 166 -27.99 4.25 42.53
C ASN A 166 -26.84 3.58 41.80
N PRO A 167 -26.65 3.87 40.51
CA PRO A 167 -25.62 3.18 39.72
C PRO A 167 -24.23 3.65 40.09
N PRO A 168 -23.18 2.91 39.70
CA PRO A 168 -21.82 3.43 39.86
C PRO A 168 -21.53 4.57 38.89
N TYR A 169 -20.78 5.55 39.37
CA TYR A 169 -20.30 6.65 38.53
C TYR A 169 -18.80 6.45 38.39
N ILE A 170 -18.35 6.18 37.17
CA ILE A 170 -16.93 6.10 36.87
C ILE A 170 -16.66 6.85 35.57
N GLY A 171 -15.73 7.81 35.62
CA GLY A 171 -15.42 8.65 34.50
C GLY A 171 -14.36 8.06 33.59
N HIS A 172 -13.95 8.86 32.60
CA HIS A 172 -13.10 8.33 31.53
C HIS A 172 -11.67 8.07 31.99
N LYS A 173 -11.24 8.67 33.10
CA LYS A 173 -9.89 8.41 33.61
C LYS A 173 -9.83 7.15 34.47
N LYS A 174 -10.86 6.91 35.30
CA LYS A 174 -10.85 5.85 36.29
C LYS A 174 -11.44 4.54 35.79
N LEU A 175 -11.78 4.46 34.51
CA LEU A 175 -12.33 3.25 33.91
C LEU A 175 -11.23 2.52 33.16
N GLU A 176 -11.15 1.20 33.35
CA GLU A 176 -10.13 0.41 32.69
C GLU A 176 -10.36 0.40 31.17
N LYS A 177 -9.27 0.42 30.41
CA LYS A 177 -9.36 0.60 28.96
C LYS A 177 -10.04 -0.59 28.28
N LYS A 178 -9.76 -1.82 28.73
CA LYS A 178 -10.41 -2.98 28.13
C LYS A 178 -11.92 -2.93 28.34
N TYR A 179 -12.36 -2.46 29.51
CA TYR A 179 -13.78 -2.31 29.76
C TYR A 179 -14.38 -1.22 28.89
N LYS A 180 -13.64 -0.12 28.67
CA LYS A 180 -14.15 0.94 27.81
C LYS A 180 -14.32 0.47 26.38
N LYS A 181 -13.41 -0.38 25.91
CA LYS A 181 -13.57 -0.97 24.58
C LYS A 181 -14.89 -1.71 24.46
N PHE A 182 -15.26 -2.47 25.50
CA PHE A 182 -16.55 -3.15 25.51
C PHE A 182 -17.71 -2.15 25.53
N LEU A 183 -17.61 -1.11 26.36
CA LEU A 183 -18.69 -0.13 26.45
C LEU A 183 -18.86 0.62 25.13
N LEU A 184 -17.76 0.98 24.48
CA LEU A 184 -17.84 1.69 23.20
C LEU A 184 -18.50 0.83 22.13
N GLU A 185 -18.38 -0.49 22.22
CA GLU A 185 -18.93 -1.36 21.20
C GLU A 185 -20.39 -1.71 21.44
N LYS A 186 -20.77 -1.98 22.70
CA LYS A 186 -22.13 -2.44 22.99
C LYS A 186 -23.04 -1.35 23.52
N TYR A 187 -22.51 -0.23 23.99
CA TYR A 187 -23.33 0.85 24.54
C TYR A 187 -23.11 2.15 23.79
N SER A 188 -22.80 2.05 22.49
CA SER A 188 -22.43 3.22 21.70
C SER A 188 -23.58 4.21 21.55
N GLU A 189 -24.82 3.80 21.85
CA GLU A 189 -25.93 4.72 21.73
C GLU A 189 -25.87 5.84 22.77
N VAL A 190 -25.22 5.60 23.90
CA VAL A 190 -25.16 6.58 24.98
C VAL A 190 -23.73 6.82 25.43
N TYR A 191 -22.80 5.95 25.04
CA TYR A 191 -21.43 6.00 25.52
C TYR A 191 -20.48 6.27 24.36
N LYS A 192 -19.90 7.47 24.35
CA LYS A 192 -18.86 7.86 23.40
C LYS A 192 -17.88 8.77 24.12
N ASP A 193 -16.65 8.83 23.60
CA ASP A 193 -15.68 9.83 24.02
C ASP A 193 -15.51 9.86 25.54
N LYS A 194 -15.83 11.01 26.16
CA LYS A 194 -15.62 11.23 27.59
C LYS A 194 -16.88 10.96 28.42
N ALA A 195 -17.74 10.05 27.96
CA ALA A 195 -18.95 9.70 28.67
C ALA A 195 -18.62 8.96 29.98
N ASP A 196 -19.64 8.84 30.82
CA ASP A 196 -19.51 8.20 32.12
C ASP A 196 -20.18 6.83 32.13
N LEU A 197 -19.70 5.98 33.05
CA LEU A 197 -20.23 4.62 33.15
C LEU A 197 -21.74 4.63 33.42
N TYR A 198 -22.21 5.57 34.23
CA TYR A 198 -23.63 5.59 34.58
C TYR A 198 -24.53 5.92 33.39
N PHE A 199 -23.97 6.40 32.27
CA PHE A 199 -24.77 6.53 31.07
C PHE A 199 -25.30 5.17 30.64
N CYS A 200 -24.46 4.13 30.70
CA CYS A 200 -24.86 2.80 30.27
C CYS A 200 -25.90 2.21 31.20
N PHE A 201 -25.82 2.50 32.49
CA PHE A 201 -26.85 2.01 33.41
C PHE A 201 -28.20 2.63 33.11
N TYR A 202 -28.23 3.90 32.68
CA TYR A 202 -29.47 4.49 32.20
C TYR A 202 -30.02 3.70 31.02
N LYS A 203 -29.16 3.35 30.06
CA LYS A 203 -29.62 2.58 28.90
C LYS A 203 -30.08 1.19 29.32
N LYS A 204 -29.34 0.53 30.20
CA LYS A 204 -29.73 -0.80 30.63
C LYS A 204 -31.05 -0.78 31.40
N ILE A 205 -31.22 0.18 32.31
CA ILE A 205 -32.46 0.30 33.08
C ILE A 205 -33.64 0.51 32.14
N ILE A 206 -33.49 1.44 31.19
CA ILE A 206 -34.56 1.73 30.25
C ILE A 206 -34.89 0.49 29.43
N ASP A 207 -33.86 -0.25 29.01
CA ASP A 207 -34.07 -1.39 28.10
C ASP A 207 -34.85 -2.52 28.77
N ILE A 208 -34.60 -2.77 30.06
CA ILE A 208 -35.22 -3.90 30.75
C ILE A 208 -36.43 -3.45 31.58
N LEU A 209 -36.95 -2.25 31.34
CA LEU A 209 -38.14 -1.77 32.00
C LEU A 209 -39.37 -2.19 31.21
N LYS A 210 -40.32 -2.84 31.88
CA LYS A 210 -41.54 -3.31 31.24
C LYS A 210 -42.32 -2.15 30.65
N GLN A 211 -43.23 -2.48 29.73
CA GLN A 211 -44.19 -1.49 29.26
C GLN A 211 -45.10 -1.11 30.41
N GLY A 212 -45.29 0.20 30.60
CA GLY A 212 -45.99 0.70 31.76
C GLY A 212 -45.18 0.72 33.03
N GLY A 213 -43.89 0.36 32.96
CA GLY A 213 -43.05 0.34 34.14
C GLY A 213 -42.63 1.73 34.58
N ILE A 214 -42.01 1.79 35.76
CA ILE A 214 -41.57 3.05 36.36
C ILE A 214 -40.16 2.87 36.89
N GLY A 215 -39.28 3.80 36.52
CA GLY A 215 -37.91 3.80 37.00
C GLY A 215 -37.61 5.08 37.76
N SER A 216 -36.79 4.97 38.80
CA SER A 216 -36.40 6.13 39.59
C SER A 216 -35.00 5.88 40.12
N VAL A 217 -34.06 6.75 39.77
CA VAL A 217 -32.65 6.59 40.14
C VAL A 217 -32.08 7.91 40.59
N ILE A 218 -31.01 7.84 41.38
CA ILE A 218 -30.19 9.00 41.72
C ILE A 218 -28.84 8.82 41.01
N THR A 219 -28.48 9.81 40.19
CA THR A 219 -27.25 9.80 39.41
C THR A 219 -26.58 11.16 39.52
N PRO A 220 -25.38 11.35 38.97
CA PRO A 220 -24.84 12.72 38.86
C PRO A 220 -25.74 13.57 37.98
N ARG A 221 -25.74 14.87 38.27
CA ARG A 221 -26.56 15.82 37.51
C ARG A 221 -25.91 16.27 36.21
N TYR A 222 -24.62 15.96 35.99
CA TYR A 222 -23.89 16.61 34.92
C TYR A 222 -24.41 16.23 33.54
N PHE A 223 -25.04 15.06 33.39
CA PHE A 223 -25.54 14.67 32.08
C PHE A 223 -26.67 15.57 31.60
N LEU A 224 -27.32 16.31 32.51
CA LEU A 224 -28.41 17.20 32.09
C LEU A 224 -27.89 18.32 31.18
N GLU A 225 -26.63 18.71 31.32
CA GLU A 225 -26.08 19.82 30.55
C GLU A 225 -24.80 19.49 29.78
N SER A 226 -24.09 18.42 30.12
CA SER A 226 -22.76 18.22 29.56
C SER A 226 -22.83 17.83 28.09
N LEU A 227 -21.75 18.17 27.36
CA LEU A 227 -21.61 17.75 25.97
C LEU A 227 -21.61 16.23 25.84
N SER A 228 -20.97 15.53 26.78
CA SER A 228 -20.92 14.07 26.72
C SER A 228 -22.32 13.47 26.83
N GLY A 229 -23.17 14.05 27.67
CA GLY A 229 -24.49 13.49 27.89
C GLY A 229 -25.49 13.72 26.79
N LYS A 230 -25.08 14.31 25.66
CA LYS A 230 -26.02 14.64 24.59
C LYS A 230 -26.74 13.40 24.08
N ASP A 231 -25.99 12.35 23.74
CA ASP A 231 -26.62 11.13 23.22
C ASP A 231 -27.50 10.46 24.27
N LEU A 232 -27.07 10.48 25.54
CA LEU A 232 -27.90 9.92 26.60
C LEU A 232 -29.22 10.67 26.73
N ARG A 233 -29.17 12.01 26.68
CA ARG A 233 -30.40 12.80 26.75
C ARG A 233 -31.35 12.44 25.60
N GLU A 234 -30.81 12.23 24.41
CA GLU A 234 -31.64 11.82 23.28
C GLU A 234 -32.26 10.46 23.52
N TYR A 235 -31.51 9.54 24.12
CA TYR A 235 -32.02 8.20 24.36
C TYR A 235 -33.15 8.21 25.38
N ILE A 236 -33.01 9.01 26.44
CA ILE A 236 -34.06 9.10 27.45
C ILE A 236 -35.32 9.74 26.87
N LYS A 237 -35.15 10.88 26.20
CA LYS A 237 -36.28 11.62 25.65
C LYS A 237 -37.06 10.77 24.66
N SER A 238 -36.38 9.87 23.94
CA SER A 238 -37.01 9.11 22.87
C SER A 238 -37.57 7.76 23.30
N ASN A 239 -37.36 7.34 24.56
CA ASN A 239 -37.78 6.01 24.97
C ASN A 239 -38.58 5.96 26.25
N VAL A 240 -38.53 6.97 27.12
CA VAL A 240 -39.34 7.00 28.32
C VAL A 240 -40.00 8.37 28.44
N ASN A 241 -41.10 8.40 29.18
CA ASN A 241 -41.69 9.65 29.63
C ASN A 241 -41.01 10.05 30.93
N VAL A 242 -40.30 11.18 30.91
CA VAL A 242 -39.67 11.70 32.11
C VAL A 242 -40.75 12.32 32.98
N GLN A 243 -40.99 11.73 34.15
CA GLN A 243 -42.03 12.24 35.04
C GLN A 243 -41.52 13.43 35.84
N GLU A 244 -40.31 13.33 36.40
CA GLU A 244 -39.86 14.31 37.37
C GLU A 244 -38.34 14.32 37.40
N ILE A 245 -37.76 15.52 37.53
CA ILE A 245 -36.33 15.71 37.74
C ILE A 245 -36.14 16.54 39.00
N VAL A 246 -35.48 15.97 40.00
CA VAL A 246 -35.09 16.71 41.21
C VAL A 246 -33.61 17.07 41.07
N ASP A 247 -33.33 18.35 40.87
CA ASP A 247 -31.97 18.84 40.65
C ASP A 247 -31.46 19.49 41.94
N PHE A 248 -30.48 18.84 42.58
CA PHE A 248 -29.89 19.35 43.81
C PHE A 248 -28.76 20.33 43.55
N LEU A 249 -28.40 20.57 42.30
CA LEU A 249 -27.38 21.55 41.92
C LEU A 249 -26.12 21.21 42.70
N GLY A 250 -25.49 22.17 43.40
CA GLY A 250 -24.25 21.95 44.10
C GLY A 250 -24.36 21.46 45.53
N ALA A 251 -25.56 21.12 45.98
CA ALA A 251 -25.73 20.63 47.34
C ALA A 251 -24.99 19.30 47.51
N ASN A 252 -24.57 19.03 48.73
CA ASN A 252 -23.78 17.84 49.03
C ASN A 252 -24.71 16.78 49.62
N ILE A 253 -25.23 15.92 48.74
CA ILE A 253 -26.11 14.83 49.15
C ILE A 253 -25.34 13.70 49.82
N PHE A 254 -24.21 13.32 49.23
CA PHE A 254 -23.36 12.25 49.76
C PHE A 254 -22.25 12.87 50.58
N LYS A 255 -22.21 12.54 51.87
CA LYS A 255 -21.21 13.15 52.76
C LYS A 255 -19.80 12.77 52.33
N ASN A 256 -18.92 13.76 52.31
CA ASN A 256 -17.50 13.56 52.01
C ASN A 256 -17.27 13.02 50.61
N ILE A 257 -18.19 13.30 49.68
CA ILE A 257 -18.07 12.88 48.29
C ILE A 257 -18.19 14.12 47.41
N GLY A 258 -17.27 14.26 46.47
CA GLY A 258 -17.29 15.40 45.57
C GLY A 258 -18.12 15.15 44.33
N VAL A 259 -19.44 15.08 44.49
CA VAL A 259 -20.34 14.85 43.37
C VAL A 259 -21.62 15.64 43.59
N SER A 260 -22.27 15.99 42.49
CA SER A 260 -23.54 16.71 42.52
C SER A 260 -24.63 15.85 41.90
N SER A 261 -25.79 15.81 42.56
CA SER A 261 -26.76 14.74 42.37
C SER A 261 -28.09 15.26 41.83
N CYS A 262 -28.79 14.37 41.12
CA CYS A 262 -30.17 14.59 40.72
C CYS A 262 -30.92 13.27 40.83
N ILE A 263 -32.25 13.36 40.89
CA ILE A 263 -33.13 12.21 40.93
C ILE A 263 -34.04 12.27 39.71
N LEU A 264 -33.97 11.25 38.87
CA LEU A 264 -34.82 11.16 37.69
C LEU A 264 -35.84 10.05 37.88
N THR A 265 -37.11 10.38 37.67
CA THR A 265 -38.19 9.41 37.66
C THR A 265 -38.81 9.39 36.26
N PHE A 266 -38.95 8.20 35.69
CA PHE A 266 -39.43 8.04 34.33
C PHE A 266 -40.29 6.79 34.23
N ASP A 267 -41.10 6.73 33.17
CA ASP A 267 -42.01 5.62 32.97
C ASP A 267 -42.10 5.27 31.49
N LYS A 268 -42.67 4.10 31.21
CA LYS A 268 -42.96 3.65 29.87
C LYS A 268 -44.47 3.50 29.66
N LYS A 269 -45.24 4.45 30.17
CA LYS A 269 -46.69 4.43 30.01
C LYS A 269 -47.11 5.15 28.73
N LYS A 270 -48.28 4.78 28.23
CA LYS A 270 -48.85 5.47 27.08
C LYS A 270 -49.36 6.83 27.52
N THR A 271 -48.53 7.86 27.37
CA THR A 271 -48.87 9.21 27.80
C THR A 271 -49.51 9.98 26.66
N LYS A 272 -50.56 10.74 26.99
CA LYS A 272 -51.16 11.65 26.02
C LYS A 272 -50.31 12.92 25.89
N GLU A 273 -50.15 13.64 26.98
CA GLU A 273 -49.23 14.78 27.06
C GLU A 273 -48.09 14.44 28.00
N THR A 274 -46.90 14.95 27.67
CA THR A 274 -45.68 14.59 28.38
C THR A 274 -45.03 15.86 28.91
N TYR A 275 -45.37 16.22 30.15
CA TYR A 275 -44.73 17.30 30.86
C TYR A 275 -43.88 16.74 31.99
N ILE A 276 -42.77 17.42 32.26
CA ILE A 276 -41.86 17.05 33.33
C ILE A 276 -42.08 17.98 34.50
N ASP A 277 -42.23 17.43 35.70
CA ASP A 277 -42.08 18.21 36.91
C ASP A 277 -40.59 18.40 37.20
N VAL A 278 -40.17 19.64 37.37
CA VAL A 278 -38.78 19.95 37.69
C VAL A 278 -38.77 20.63 39.06
N PHE A 279 -38.05 20.02 40.01
CA PHE A 279 -37.80 20.62 41.31
C PHE A 279 -36.33 21.01 41.36
N LYS A 280 -36.06 22.30 41.41
CA LYS A 280 -34.70 22.82 41.39
C LYS A 280 -34.43 23.50 42.72
N ILE A 281 -33.37 23.07 43.40
CA ILE A 281 -33.04 23.62 44.71
C ILE A 281 -32.67 25.09 44.56
N LYS A 282 -33.01 25.88 45.58
CA LYS A 282 -32.69 27.31 45.58
C LYS A 282 -31.58 27.68 46.55
N ASN A 283 -31.37 26.89 47.60
CA ASN A 283 -30.30 27.12 48.56
C ASN A 283 -29.44 25.86 48.60
N GLU A 284 -28.22 25.96 48.07
CA GLU A 284 -27.31 24.82 48.08
C GLU A 284 -26.76 24.52 49.46
N ASP A 285 -27.03 25.38 50.45
CA ASP A 285 -26.50 25.25 51.81
C ASP A 285 -27.36 24.37 52.71
N ILE A 286 -28.46 23.82 52.21
CA ILE A 286 -29.41 23.14 53.09
C ILE A 286 -28.81 21.84 53.64
N CYS A 287 -29.23 21.49 54.86
CA CYS A 287 -29.02 20.16 55.39
C CYS A 287 -30.19 19.29 54.95
N ILE A 288 -29.87 18.20 54.23
CA ILE A 288 -30.90 17.41 53.56
C ILE A 288 -31.91 16.82 54.52
N ASN A 289 -31.55 16.69 55.80
CA ASN A 289 -32.43 16.11 56.81
C ASN A 289 -33.25 17.16 57.55
N LYS A 290 -33.58 18.27 56.90
CA LYS A 290 -34.36 19.32 57.55
C LYS A 290 -35.77 18.85 57.88
N PHE A 291 -36.31 17.91 57.11
CA PHE A 291 -37.63 17.35 57.35
C PHE A 291 -37.52 15.83 57.43
N GLU A 292 -38.62 15.20 57.87
CA GLU A 292 -38.66 13.75 57.95
C GLU A 292 -38.71 13.11 56.57
N THR A 293 -39.26 13.83 55.59
CA THR A 293 -39.42 13.31 54.24
C THR A 293 -38.87 14.30 53.23
N LEU A 294 -38.39 13.78 52.09
CA LEU A 294 -37.95 14.64 51.01
C LEU A 294 -39.11 15.39 50.37
N GLU A 295 -40.32 14.85 50.46
CA GLU A 295 -41.49 15.53 49.89
C GLU A 295 -41.73 16.87 50.58
N GLU A 296 -41.54 16.92 51.89
CA GLU A 296 -41.71 18.19 52.61
C GLU A 296 -40.71 19.22 52.14
N LEU A 297 -39.47 18.80 51.86
CA LEU A 297 -38.46 19.72 51.35
C LEU A 297 -38.82 20.23 49.96
N LEU A 298 -39.28 19.34 49.07
CA LEU A 298 -39.58 19.73 47.70
C LEU A 298 -40.70 20.77 47.64
N LYS A 299 -41.72 20.61 48.48
CA LYS A 299 -42.84 21.55 48.49
C LYS A 299 -42.51 22.86 49.19
N SER A 300 -41.40 22.93 49.91
CA SER A 300 -41.09 24.08 50.73
C SER A 300 -40.49 25.22 49.90
N SER A 301 -40.15 26.30 50.58
CA SER A 301 -39.48 27.42 49.95
C SER A 301 -38.03 27.11 49.58
N LYS A 302 -37.50 25.97 50.04
CA LYS A 302 -36.14 25.58 49.68
C LYS A 302 -36.02 25.15 48.23
N PHE A 303 -37.14 24.85 47.58
CA PHE A 303 -37.15 24.38 46.20
C PHE A 303 -38.14 25.20 45.38
N GLU A 304 -37.88 25.33 44.09
CA GLU A 304 -38.83 25.87 43.14
C GLU A 304 -39.30 24.76 42.23
N HIS A 305 -40.54 24.87 41.75
CA HIS A 305 -41.11 23.89 40.85
C HIS A 305 -41.60 24.58 39.58
N PHE A 306 -41.39 23.92 38.44
CA PHE A 306 -41.91 24.37 37.17
C PHE A 306 -42.00 23.16 36.24
N ASN A 307 -42.74 23.33 35.15
CA ASN A 307 -43.00 22.25 34.21
C ASN A 307 -42.29 22.52 32.88
N ILE A 308 -41.83 21.43 32.25
CA ILE A 308 -41.15 21.49 30.96
C ILE A 308 -41.83 20.50 30.03
N ASN A 309 -42.18 20.96 28.83
CA ASN A 309 -42.75 20.08 27.82
C ASN A 309 -41.66 19.21 27.22
N GLN A 310 -41.75 17.89 27.41
CA GLN A 310 -40.72 17.00 26.90
C GLN A 310 -40.61 17.07 25.39
N ARG A 311 -41.73 17.35 24.70
CA ARG A 311 -41.70 17.47 23.25
C ARG A 311 -40.93 18.70 22.79
N LEU A 312 -40.73 19.69 23.65
CA LEU A 312 -40.00 20.89 23.32
C LEU A 312 -38.52 20.82 23.63
N LEU A 313 -38.03 19.68 24.12
CA LEU A 313 -36.61 19.51 24.38
C LEU A 313 -35.86 19.31 23.07
N SER A 314 -34.80 20.10 22.89
CA SER A 314 -33.84 19.88 21.81
C SER A 314 -32.72 18.98 22.33
N ASP A 315 -31.59 18.92 21.61
CA ASP A 315 -30.43 18.20 22.13
C ASP A 315 -30.01 18.74 23.50
N GLU A 316 -30.25 20.03 23.77
CA GLU A 316 -30.03 20.61 25.08
C GLU A 316 -31.35 20.68 25.84
N TRP A 317 -31.28 20.37 27.13
CA TRP A 317 -32.43 20.47 28.03
C TRP A 317 -32.29 21.73 28.85
N ILE A 318 -33.07 22.75 28.51
CA ILE A 318 -33.05 24.03 29.21
C ILE A 318 -34.18 23.99 30.23
N LEU A 319 -33.83 23.61 31.46
CA LEU A 319 -34.81 23.42 32.53
C LEU A 319 -34.81 24.64 33.44
N VAL A 320 -35.54 25.67 33.02
CA VAL A 320 -35.67 26.91 33.77
C VAL A 320 -37.13 27.32 33.80
N ASN A 321 -37.45 28.20 34.76
CA ASN A 321 -38.81 28.66 34.92
C ASN A 321 -39.19 29.64 33.80
N LYS A 322 -40.45 30.09 33.82
CA LYS A 322 -40.96 30.93 32.74
C LYS A 322 -40.24 32.27 32.66
N ASP A 323 -39.92 32.86 33.81
CA ASP A 323 -39.20 34.14 33.80
C ASP A 323 -37.83 33.99 33.16
N ASP A 324 -37.10 32.93 33.52
CA ASP A 324 -35.77 32.71 32.96
C ASP A 324 -35.84 32.35 31.48
N GLU A 325 -36.83 31.55 31.08
CA GLU A 325 -36.97 31.19 29.68
C GLU A 325 -37.24 32.43 28.82
N THR A 326 -38.15 33.31 29.29
CA THR A 326 -38.38 34.57 28.59
C THR A 326 -37.10 35.37 28.50
N PHE A 327 -36.34 35.43 29.59
CA PHE A 327 -35.07 36.13 29.61
C PHE A 327 -34.08 35.55 28.60
N TYR A 328 -33.92 34.23 28.62
CA TYR A 328 -32.95 33.57 27.73
C TYR A 328 -33.36 33.75 26.27
N ASN A 329 -34.64 33.54 25.95
CA ASN A 329 -35.09 33.69 24.57
C ASN A 329 -34.95 35.12 24.08
N LYS A 330 -35.15 36.10 24.97
CA LYS A 330 -35.00 37.51 24.58
C LYS A 330 -33.57 37.79 24.12
N ILE A 331 -32.58 37.30 24.86
CA ILE A 331 -31.19 37.56 24.50
C ILE A 331 -30.82 36.80 23.23
N GLN A 332 -31.26 35.54 23.11
CA GLN A 332 -30.93 34.74 21.94
C GLN A 332 -31.44 35.40 20.66
N GLU A 333 -32.69 35.87 20.68
CA GLU A 333 -33.27 36.46 19.47
C GLU A 333 -32.61 37.79 19.13
N LYS A 334 -32.28 38.60 20.14
CA LYS A 334 -31.73 39.93 19.89
C LYS A 334 -30.28 39.88 19.42
N CYS A 335 -29.50 38.89 19.85
CA CYS A 335 -28.07 38.84 19.54
C CYS A 335 -27.84 38.11 18.22
N LYS A 336 -27.14 38.77 17.30
CA LYS A 336 -26.93 38.25 15.95
C LYS A 336 -25.61 37.52 15.77
N TYR A 337 -24.70 37.58 16.74
CA TYR A 337 -23.44 36.88 16.66
C TYR A 337 -23.27 35.98 17.87
N SER A 338 -22.42 34.97 17.72
CA SER A 338 -21.92 34.19 18.84
C SER A 338 -20.42 34.41 18.93
N LEU A 339 -19.85 34.09 20.10
CA LEU A 339 -18.40 34.19 20.24
C LEU A 339 -17.68 33.29 19.25
N GLU A 340 -18.22 32.10 19.01
CA GLU A 340 -17.64 31.20 18.03
C GLU A 340 -17.56 31.84 16.65
N ASP A 341 -18.54 32.67 16.31
CA ASP A 341 -18.53 33.35 15.01
C ASP A 341 -17.37 34.33 14.90
N ILE A 342 -17.04 35.03 15.98
CA ILE A 342 -16.11 36.15 15.92
C ILE A 342 -14.76 35.84 16.53
N ALA A 343 -14.59 34.71 17.22
CA ALA A 343 -13.39 34.47 18.01
C ALA A 343 -12.81 33.10 17.70
N ILE A 344 -11.51 32.97 17.97
CA ILE A 344 -10.78 31.71 17.89
C ILE A 344 -10.42 31.31 19.31
N SER A 345 -10.94 30.16 19.75
CA SER A 345 -10.76 29.67 21.11
C SER A 345 -9.70 28.58 21.16
N PHE A 346 -9.02 28.46 22.30
CA PHE A 346 -8.08 27.36 22.50
C PHE A 346 -7.86 27.11 23.98
N GLN A 347 -7.56 25.85 24.30
CA GLN A 347 -7.21 25.43 25.64
C GLN A 347 -5.74 25.73 25.93
N GLY A 348 -5.41 25.87 27.20
CA GLY A 348 -4.06 26.20 27.60
C GLY A 348 -3.07 25.05 27.41
N ILE A 349 -1.82 25.32 27.80
CA ILE A 349 -0.77 24.32 27.74
C ILE A 349 -1.12 23.15 28.65
N ILE A 350 -0.82 21.94 28.21
CA ILE A 350 -0.85 20.78 29.07
C ILE A 350 0.56 20.21 29.08
N THR A 351 1.31 20.47 30.16
CA THR A 351 2.69 19.99 30.22
C THR A 351 2.77 18.48 30.41
N GLY A 352 1.79 17.90 31.11
CA GLY A 352 1.83 16.50 31.47
C GLY A 352 2.53 16.22 32.79
N CYS A 353 3.35 17.16 33.27
CA CYS A 353 3.91 17.10 34.62
C CYS A 353 4.31 18.52 35.00
N ASP A 354 3.43 19.20 35.73
CA ASP A 354 3.63 20.63 35.98
C ASP A 354 4.86 20.89 36.83
N LYS A 355 5.12 20.03 37.82
CA LYS A 355 6.26 20.23 38.72
C LYS A 355 7.58 20.22 37.97
N ALA A 356 7.65 19.58 36.80
CA ALA A 356 8.88 19.54 36.04
C ALA A 356 9.17 20.85 35.31
N PHE A 357 8.13 21.57 34.87
CA PHE A 357 8.30 22.70 33.99
C PHE A 357 7.89 24.05 34.58
N ILE A 358 7.19 24.07 35.71
CA ILE A 358 6.69 25.30 36.30
C ILE A 358 7.52 25.64 37.53
N LEU A 359 8.07 26.85 37.56
CA LEU A 359 8.90 27.29 38.66
C LEU A 359 8.48 28.67 39.12
N SER A 360 8.65 28.93 40.41
CA SER A 360 8.47 30.27 40.94
C SER A 360 9.44 31.22 40.25
N LYS A 361 8.98 32.43 39.96
CA LYS A 361 9.84 33.38 39.25
C LYS A 361 11.06 33.77 40.07
N ASP A 362 11.05 33.54 41.37
CA ASP A 362 12.19 33.82 42.23
C ASP A 362 13.02 32.57 42.53
N ASP A 363 12.70 31.43 41.92
CA ASP A 363 13.52 30.23 42.08
C ASP A 363 14.89 30.46 41.48
N VAL A 364 15.94 30.10 42.23
CA VAL A 364 17.30 30.30 41.74
C VAL A 364 17.62 29.40 40.58
N LYS A 365 16.85 28.33 40.37
CA LYS A 365 17.08 27.44 39.23
C LYS A 365 16.87 28.13 37.89
N LEU A 366 16.09 29.21 37.84
CA LEU A 366 15.84 29.90 36.59
C LEU A 366 17.07 30.65 36.08
N ASN A 367 18.10 30.84 36.92
CA ASN A 367 19.36 31.36 36.41
C ASN A 367 20.00 30.41 35.41
N LEU A 368 19.67 29.12 35.49
CA LEU A 368 20.17 28.13 34.55
C LEU A 368 19.46 28.19 33.20
N VAL A 369 18.27 28.77 33.14
CA VAL A 369 17.44 28.76 31.94
C VAL A 369 17.56 30.10 31.24
N ASP A 370 17.93 30.06 29.96
CA ASP A 370 17.91 31.27 29.15
C ASP A 370 16.50 31.82 29.07
N ASP A 371 16.39 33.14 29.12
CA ASP A 371 15.08 33.79 29.20
C ASP A 371 14.24 33.61 27.95
N LYS A 372 14.84 33.20 26.83
CA LYS A 372 14.05 32.89 25.65
C LYS A 372 13.20 31.63 25.82
N PHE A 373 13.52 30.80 26.81
CA PHE A 373 12.75 29.61 27.13
C PHE A 373 11.65 29.86 28.16
N LEU A 374 11.61 31.05 28.77
CA LEU A 374 10.73 31.30 29.90
C LEU A 374 9.50 32.08 29.45
N LYS A 375 8.33 31.63 29.90
CA LYS A 375 7.06 32.29 29.63
C LYS A 375 6.36 32.56 30.95
N CYS A 376 5.58 33.63 30.98
CA CYS A 376 4.77 33.94 32.15
C CYS A 376 3.63 32.94 32.29
N TRP A 377 3.40 32.48 33.53
CA TRP A 377 2.48 31.39 33.81
C TRP A 377 1.50 31.85 34.86
N ILE A 378 0.21 31.76 34.56
CA ILE A 378 -0.84 32.17 35.48
C ILE A 378 -1.75 30.98 35.77
N LYS A 379 -2.49 31.10 36.87
CA LYS A 379 -3.46 30.11 37.30
C LYS A 379 -4.86 30.68 37.18
N SER A 380 -5.86 29.81 37.39
CA SER A 380 -7.25 30.27 37.27
C SER A 380 -7.55 31.37 38.29
N LYS A 381 -6.98 31.26 39.49
CA LYS A 381 -7.24 32.27 40.53
C LYS A 381 -6.65 33.62 40.17
N ASN A 382 -5.73 33.69 39.21
CA ASN A 382 -5.14 34.96 38.81
C ASN A 382 -6.06 35.77 37.90
N ILE A 383 -7.11 35.16 37.37
CA ILE A 383 -8.05 35.87 36.49
C ILE A 383 -9.08 36.57 37.34
N ASN A 384 -9.21 37.87 37.15
CA ASN A 384 -10.30 38.65 37.71
C ASN A 384 -11.17 39.16 36.57
N LYS A 385 -12.24 39.86 36.92
CA LYS A 385 -12.95 40.60 35.90
C LYS A 385 -12.03 41.68 35.32
N TYR A 386 -11.93 41.67 33.99
CA TYR A 386 -11.26 42.67 33.15
C TYR A 386 -9.73 42.64 33.12
N ILE A 387 -9.06 42.03 34.10
CA ILE A 387 -7.60 42.07 34.18
C ILE A 387 -7.06 40.86 34.92
N VAL A 388 -5.81 40.52 34.60
CA VAL A 388 -5.12 39.37 35.18
C VAL A 388 -4.16 39.86 36.25
N ASP A 389 -4.07 39.12 37.34
CA ASP A 389 -3.04 39.40 38.34
C ASP A 389 -1.65 39.20 37.73
N LYS A 390 -0.67 39.87 38.32
CA LYS A 390 0.71 39.69 37.88
C LYS A 390 1.15 38.25 38.14
N SER A 391 1.82 37.67 37.16
CA SER A 391 2.18 36.25 37.25
C SER A 391 3.33 36.05 38.23
N GLU A 392 3.25 34.94 38.97
CA GLU A 392 4.28 34.57 39.93
C GLU A 392 5.09 33.37 39.48
N TYR A 393 4.69 32.69 38.41
CA TYR A 393 5.35 31.47 37.97
C TYR A 393 5.88 31.63 36.56
N ARG A 394 6.82 30.77 36.22
CA ARG A 394 7.43 30.74 34.90
C ARG A 394 7.34 29.35 34.30
N LEU A 395 7.00 29.28 33.03
CA LEU A 395 6.97 28.03 32.28
C LEU A 395 8.25 27.90 31.48
N ILE A 396 8.90 26.73 31.60
CA ILE A 396 10.02 26.39 30.74
C ILE A 396 9.44 25.78 29.47
N TYR A 397 9.47 26.54 28.37
CA TYR A 397 8.98 26.02 27.09
C TYR A 397 10.06 25.11 26.52
N SER A 398 10.10 23.89 27.04
CA SER A 398 11.16 22.94 26.74
C SER A 398 11.15 22.47 25.29
N ASN A 399 10.07 22.70 24.54
CA ASN A 399 10.05 22.31 23.15
C ASN A 399 11.12 23.03 22.34
N ASP A 400 11.50 24.23 22.77
CA ASP A 400 12.52 25.01 22.07
C ASP A 400 13.94 24.54 22.38
N ILE A 401 14.11 23.60 23.30
CA ILE A 401 15.42 23.01 23.58
C ILE A 401 15.76 22.06 22.43
N ASP A 402 16.76 22.43 21.63
CA ASP A 402 17.07 21.68 20.42
C ASP A 402 17.73 20.35 20.74
N ASN A 403 18.91 20.39 21.37
CA ASN A 403 19.71 19.21 21.61
C ASN A 403 19.77 18.92 23.11
N GLU A 404 20.01 17.65 23.44
CA GLU A 404 20.19 17.27 24.84
C GLU A 404 21.58 17.64 25.35
N ASN A 405 22.59 17.67 24.48
CA ASN A 405 23.94 18.03 24.94
C ASN A 405 24.05 19.52 25.19
N THR A 406 23.45 20.34 24.34
CA THR A 406 23.26 21.75 24.66
C THR A 406 22.11 21.87 25.66
N ASN A 407 22.20 22.88 26.52
CA ASN A 407 21.25 23.06 27.63
C ASN A 407 21.19 21.80 28.50
N LYS A 408 22.36 21.17 28.70
CA LYS A 408 22.40 19.93 29.47
C LYS A 408 22.00 20.15 30.92
N ARG A 409 22.40 21.29 31.50
CA ARG A 409 22.10 21.55 32.91
C ARG A 409 20.60 21.73 33.13
N ILE A 410 19.89 22.33 32.18
CA ILE A 410 18.44 22.47 32.31
C ILE A 410 17.81 21.09 32.41
N LEU A 411 18.23 20.16 31.55
CA LEU A 411 17.67 18.82 31.59
C LEU A 411 18.12 18.08 32.84
N ASP A 412 19.38 18.24 33.25
CA ASP A 412 19.91 17.45 34.35
C ASP A 412 19.42 17.94 35.71
N GLU A 413 19.31 19.25 35.91
CA GLU A 413 19.06 19.80 37.22
C GLU A 413 17.62 20.27 37.43
N ILE A 414 16.83 20.42 36.38
CA ILE A 414 15.47 20.92 36.54
C ILE A 414 14.47 19.89 36.03
N ILE A 415 14.47 19.64 34.73
CA ILE A 415 13.45 18.79 34.13
C ILE A 415 13.69 17.32 34.44
N GLY A 416 14.95 16.90 34.48
CA GLY A 416 15.28 15.50 34.68
C GLY A 416 14.97 14.98 36.07
N LEU A 417 14.68 15.85 37.04
CA LEU A 417 14.27 15.39 38.35
C LEU A 417 12.96 14.60 38.30
N TYR A 418 12.20 14.73 37.21
CA TYR A 418 10.94 14.02 37.03
C TYR A 418 10.97 13.15 35.78
N LYS A 419 12.16 12.68 35.39
CA LYS A 419 12.30 11.97 34.11
C LYS A 419 11.45 10.70 34.09
N THR A 420 11.43 9.94 35.20
CA THR A 420 10.63 8.73 35.25
C THR A 420 9.15 9.03 35.04
N LYS A 421 8.63 10.06 35.72
CA LYS A 421 7.23 10.42 35.55
C LYS A 421 6.96 10.94 34.14
N LEU A 422 7.90 11.72 33.60
CA LEU A 422 7.74 12.26 32.25
C LEU A 422 7.73 11.15 31.20
N GLU A 423 8.55 10.12 31.40
CA GLU A 423 8.61 9.00 30.46
C GLU A 423 7.33 8.18 30.44
N ASN A 424 6.45 8.33 31.43
CA ASN A 424 5.23 7.55 31.47
C ASN A 424 4.07 8.22 30.76
N ARG A 425 4.24 9.45 30.28
CA ARG A 425 3.22 10.10 29.48
C ARG A 425 3.02 9.36 28.17
N ARG A 426 1.78 9.35 27.67
CA ARG A 426 1.43 8.49 26.56
C ARG A 426 2.29 8.77 25.33
N GLU A 427 2.48 10.04 24.99
CA GLU A 427 3.24 10.39 23.80
C GLU A 427 4.72 10.10 23.95
N CYS A 428 5.24 10.08 25.19
CA CYS A 428 6.62 9.66 25.38
C CYS A 428 6.78 8.15 25.24
N LYS A 429 5.81 7.38 25.73
CA LYS A 429 5.86 5.94 25.59
C LYS A 429 5.83 5.52 24.13
N SER A 430 5.15 6.29 23.28
CA SER A 430 5.07 5.98 21.86
C SER A 430 6.13 6.70 21.03
N GLY A 431 6.93 7.57 21.63
CA GLY A 431 7.99 8.23 20.90
C GLY A 431 7.59 9.48 20.15
N ILE A 432 6.35 9.94 20.28
CA ILE A 432 5.95 11.20 19.66
C ILE A 432 6.61 12.39 20.34
N ARG A 433 6.88 12.28 21.65
CA ARG A 433 7.52 13.35 22.40
C ARG A 433 8.82 12.83 23.01
N LYS A 434 9.84 13.68 23.01
CA LYS A 434 11.00 13.41 23.83
C LYS A 434 10.62 13.54 25.30
N TRP A 435 11.38 12.86 26.16
CA TRP A 435 10.99 12.77 27.56
C TRP A 435 10.93 14.15 28.23
N TYR A 436 11.68 15.12 27.71
CA TYR A 436 11.76 16.44 28.32
C TYR A 436 10.86 17.47 27.64
N GLU A 437 10.07 17.07 26.66
CA GLU A 437 9.20 18.00 25.96
C GLU A 437 7.87 18.16 26.69
N LEU A 438 7.19 19.27 26.40
CA LEU A 438 5.82 19.44 26.87
C LEU A 438 4.91 18.46 26.13
N GLN A 439 3.94 17.90 26.86
CA GLN A 439 3.04 16.95 26.23
C GLN A 439 2.16 17.62 25.17
N TRP A 440 1.50 18.72 25.53
CA TRP A 440 0.71 19.50 24.58
C TRP A 440 1.12 20.96 24.72
N GLY A 441 2.16 21.35 24.01
CA GLY A 441 2.69 22.70 24.04
C GLY A 441 1.98 23.70 23.19
N ARG A 442 0.97 23.27 22.42
CA ARG A 442 0.13 24.15 21.60
C ARG A 442 1.03 24.96 20.66
N GLU A 443 0.60 26.18 20.33
CA GLU A 443 1.36 27.11 19.52
C GLU A 443 1.66 28.35 20.35
N LYS A 444 2.94 28.71 20.43
CA LYS A 444 3.32 29.89 21.22
C LYS A 444 2.61 31.13 20.74
N LEU A 445 2.48 31.30 19.42
CA LEU A 445 1.91 32.52 18.87
C LEU A 445 0.47 32.76 19.33
N PHE A 446 -0.26 31.69 19.65
CA PHE A 446 -1.61 31.86 20.15
C PHE A 446 -1.63 32.56 21.51
N PHE A 447 -0.64 32.27 22.35
CA PHE A 447 -0.57 32.89 23.67
C PHE A 447 0.12 34.25 23.64
N GLU A 448 1.07 34.45 22.73
CA GLU A 448 1.87 35.67 22.74
C GLU A 448 1.22 36.75 21.88
N ARG A 449 0.04 37.18 22.33
CA ARG A 449 -0.72 38.22 21.67
C ARG A 449 -1.78 38.71 22.65
N LYS A 450 -2.35 39.87 22.34
CA LYS A 450 -3.49 40.36 23.10
C LYS A 450 -4.64 39.36 22.97
N LYS A 451 -5.23 38.99 24.10
CA LYS A 451 -6.27 37.97 24.11
C LYS A 451 -7.09 38.10 25.38
N ILE A 452 -8.20 37.36 25.43
CA ILE A 452 -9.08 37.31 26.58
C ILE A 452 -8.94 35.94 27.24
N MET A 453 -8.87 35.93 28.57
CA MET A 453 -8.70 34.70 29.34
C MET A 453 -9.78 34.60 30.40
N TYR A 454 -10.21 33.37 30.70
CA TYR A 454 -11.19 33.13 31.74
C TYR A 454 -10.87 31.82 32.44
N PRO A 455 -11.19 31.71 33.74
CA PRO A 455 -10.96 30.44 34.45
C PRO A 455 -11.89 29.34 33.95
N TYR A 456 -11.41 28.11 34.01
CA TYR A 456 -12.21 26.99 33.52
C TYR A 456 -13.34 26.62 34.47
N LYS A 457 -13.22 26.99 35.75
CA LYS A 457 -14.24 26.75 36.75
C LYS A 457 -14.32 27.97 37.63
N SER A 458 -15.53 28.49 37.83
CA SER A 458 -15.69 29.74 38.57
C SER A 458 -17.13 29.85 39.07
N ASN A 459 -17.32 30.74 40.05
CA ASN A 459 -18.64 31.10 40.54
C ASN A 459 -19.32 32.17 39.72
N GLU A 460 -18.58 32.88 38.86
CA GLU A 460 -19.14 34.01 38.13
C GLU A 460 -18.34 34.22 36.86
N ASN A 461 -18.91 35.01 35.95
CA ASN A 461 -18.18 35.41 34.76
C ASN A 461 -16.95 36.22 35.15
N ARG A 462 -15.77 35.75 34.71
CA ARG A 462 -14.52 36.46 34.93
CA ARG A 462 -14.52 36.46 34.93
C ARG A 462 -13.72 36.39 33.64
N PHE A 463 -13.95 37.36 32.76
CA PHE A 463 -13.23 37.46 31.49
C PHE A 463 -12.28 38.64 31.58
N ALA A 464 -11.00 38.39 31.31
CA ALA A 464 -9.97 39.40 31.45
C ALA A 464 -9.25 39.60 30.13
N ILE A 465 -8.86 40.84 29.86
CA ILE A 465 -7.95 41.12 28.76
C ILE A 465 -6.54 40.86 29.25
N ASP A 466 -5.80 40.02 28.54
CA ASP A 466 -4.42 39.73 28.87
C ASP A 466 -3.51 40.58 27.98
N TYR A 467 -2.71 41.43 28.60
CA TYR A 467 -1.77 42.27 27.87
C TYR A 467 -0.34 41.76 27.92
N ASP A 468 -0.06 40.68 28.67
CA ASP A 468 1.30 40.34 29.07
C ASP A 468 1.76 38.99 28.53
N ASN A 469 1.13 38.49 27.47
CA ASN A 469 1.55 37.24 26.83
C ASN A 469 1.61 36.09 27.84
N ASN A 470 0.56 36.00 28.65
CA ASN A 470 0.53 34.98 29.69
C ASN A 470 0.21 33.62 29.10
N PHE A 471 1.01 32.62 29.47
CA PHE A 471 0.65 31.23 29.23
C PHE A 471 -0.08 30.67 30.45
N SER A 472 -0.74 29.54 30.26
CA SER A 472 -1.48 28.92 31.35
C SER A 472 -1.71 27.46 31.04
N SER A 473 -2.10 26.72 32.08
CA SER A 473 -2.50 25.33 31.91
C SER A 473 -3.95 25.28 31.43
N ALA A 474 -4.54 24.09 31.46
CA ALA A 474 -5.91 23.91 30.99
C ALA A 474 -6.95 24.43 31.96
N ASP A 475 -6.54 24.98 33.10
CA ASP A 475 -7.48 25.61 34.02
C ASP A 475 -7.83 27.03 33.62
N VAL A 476 -7.23 27.55 32.55
CA VAL A 476 -7.57 28.85 31.99
C VAL A 476 -7.73 28.69 30.49
N TYR A 477 -8.85 29.15 29.96
CA TYR A 477 -9.08 29.18 28.53
C TYR A 477 -8.84 30.59 27.97
N SER A 478 -8.59 30.65 26.67
CA SER A 478 -8.29 31.91 26.00
C SER A 478 -9.06 31.97 24.69
N PHE A 479 -9.26 33.20 24.20
CA PHE A 479 -9.65 33.40 22.82
C PHE A 479 -9.18 34.77 22.36
N PHE A 480 -9.06 34.91 21.05
CA PHE A 480 -8.78 36.19 20.43
C PHE A 480 -9.77 36.40 19.29
N ILE A 481 -10.02 37.66 18.98
CA ILE A 481 -11.02 38.03 17.99
C ILE A 481 -10.44 37.82 16.59
N LYS A 482 -11.24 37.26 15.70
CA LYS A 482 -10.82 37.10 14.31
C LYS A 482 -10.58 38.47 13.68
N GLU A 483 -9.66 38.52 12.72
CA GLU A 483 -9.28 39.79 12.12
C GLU A 483 -10.47 40.48 11.47
N GLU A 484 -11.32 39.72 10.77
CA GLU A 484 -12.43 40.32 10.05
C GLU A 484 -13.47 40.94 10.98
N TYR A 485 -13.49 40.55 12.25
CA TYR A 485 -14.45 41.10 13.20
C TYR A 485 -13.85 42.14 14.13
N LEU A 486 -12.58 42.52 13.92
CA LEU A 486 -11.93 43.46 14.83
C LEU A 486 -12.54 44.85 14.74
N ASP A 487 -13.09 45.23 13.57
CA ASP A 487 -13.72 46.53 13.46
C ASP A 487 -15.14 46.54 14.02
N LYS A 488 -15.75 45.38 14.22
CA LYS A 488 -17.06 45.32 14.84
C LYS A 488 -17.02 45.10 16.34
N PHE A 489 -15.98 44.43 16.84
CA PHE A 489 -15.89 44.10 18.26
C PHE A 489 -14.47 44.34 18.75
N SER A 490 -14.35 45.06 19.87
CA SER A 490 -13.08 45.26 20.55
C SER A 490 -13.03 44.39 21.80
N TYR A 491 -11.81 44.13 22.26
CA TYR A 491 -11.66 43.36 23.49
C TYR A 491 -12.28 44.09 24.67
N GLU A 492 -12.14 45.41 24.71
CA GLU A 492 -12.70 46.20 25.81
C GLU A 492 -14.22 46.12 25.82
N TYR A 493 -14.85 46.13 24.64
CA TYR A 493 -16.30 46.00 24.60
C TYR A 493 -16.74 44.60 25.03
N LEU A 494 -16.01 43.57 24.60
CA LEU A 494 -16.43 42.19 24.90
C LEU A 494 -16.37 41.91 26.40
N VAL A 495 -15.27 42.31 27.06
CA VAL A 495 -15.17 42.05 28.50
C VAL A 495 -16.21 42.87 29.26
N GLY A 496 -16.60 44.02 28.71
CA GLY A 496 -17.65 44.80 29.33
C GLY A 496 -18.97 44.05 29.41
N ILE A 497 -19.44 43.53 28.28
CA ILE A 497 -20.73 42.83 28.31
C ILE A 497 -20.59 41.46 28.97
N LEU A 498 -19.47 40.76 28.74
CA LEU A 498 -19.32 39.41 29.27
C LEU A 498 -19.25 39.39 30.79
N ASN A 499 -18.66 40.41 31.40
CA ASN A 499 -18.58 40.46 32.86
C ASN A 499 -19.82 41.06 33.51
N SER A 500 -20.79 41.50 32.72
CA SER A 500 -21.96 42.16 33.27
C SER A 500 -22.86 41.17 34.00
N SER A 501 -23.71 41.71 34.88
CA SER A 501 -24.66 40.88 35.61
C SER A 501 -25.64 40.20 34.68
N VAL A 502 -25.97 40.84 33.56
CA VAL A 502 -26.87 40.24 32.58
C VAL A 502 -26.26 38.96 32.04
N TYR A 503 -25.00 39.03 31.59
CA TYR A 503 -24.38 37.88 30.96
C TYR A 503 -23.94 36.82 31.96
N ASP A 504 -23.70 37.21 33.21
CA ASP A 504 -23.49 36.21 34.26
C ASP A 504 -24.74 35.36 34.44
N LYS A 505 -25.91 36.01 34.52
CA LYS A 505 -27.16 35.26 34.60
C LYS A 505 -27.45 34.52 33.31
N TYR A 506 -27.18 35.16 32.16
CA TYR A 506 -27.47 34.55 30.87
C TYR A 506 -26.64 33.28 30.66
N PHE A 507 -25.35 33.32 31.01
CA PHE A 507 -24.51 32.14 30.82
C PHE A 507 -24.92 31.00 31.75
N LYS A 508 -25.30 31.33 32.99
CA LYS A 508 -25.63 30.29 33.96
C LYS A 508 -26.96 29.60 33.66
N ILE A 509 -27.77 30.14 32.75
CA ILE A 509 -29.04 29.51 32.39
C ILE A 509 -28.79 28.10 31.85
N THR A 510 -27.77 27.94 31.02
CA THR A 510 -27.48 26.67 30.37
C THR A 510 -26.13 26.09 30.77
N ALA A 511 -25.39 26.74 31.67
CA ALA A 511 -24.06 26.29 32.02
C ALA A 511 -24.11 25.00 32.83
N LYS A 512 -22.95 24.33 32.89
CA LYS A 512 -22.82 23.05 33.57
C LYS A 512 -22.49 23.32 35.04
N LYS A 513 -23.43 22.99 35.93
CA LYS A 513 -23.26 23.20 37.37
C LYS A 513 -22.43 22.06 37.93
N MET A 514 -21.21 22.38 38.38
CA MET A 514 -20.25 21.35 38.78
C MET A 514 -20.34 21.01 40.26
N SER A 515 -20.10 21.97 41.12
CA SER A 515 -20.16 21.79 42.56
C SER A 515 -20.65 23.09 43.17
N LYS A 516 -20.61 23.17 44.49
CA LYS A 516 -21.16 24.32 45.19
C LYS A 516 -20.44 25.59 44.77
N ASN A 517 -21.19 26.51 44.15
CA ASN A 517 -20.66 27.79 43.68
C ASN A 517 -19.61 27.62 42.59
N ILE A 518 -19.70 26.57 41.77
CA ILE A 518 -18.76 26.35 40.68
C ILE A 518 -19.53 25.92 39.44
N TYR A 519 -19.43 26.71 38.37
CA TYR A 519 -19.87 26.30 37.04
C TYR A 519 -18.65 26.03 36.19
N ASP A 520 -18.80 25.14 35.21
CA ASP A 520 -17.77 24.97 34.20
C ASP A 520 -17.82 26.14 33.24
N TYR A 521 -16.67 26.75 32.97
CA TYR A 521 -16.52 27.74 31.92
C TYR A 521 -15.60 27.13 30.87
N TYR A 522 -16.18 26.35 29.98
CA TYR A 522 -15.48 25.66 28.92
C TYR A 522 -15.92 26.18 27.57
N PRO A 523 -15.07 26.09 26.55
CA PRO A 523 -15.47 26.58 25.22
C PRO A 523 -16.73 25.93 24.68
N ASN A 524 -17.01 24.66 25.01
CA ASN A 524 -18.19 24.01 24.45
C ASN A 524 -19.48 24.69 24.88
N LYS A 525 -19.45 25.54 25.91
CA LYS A 525 -20.57 26.41 26.22
C LYS A 525 -20.23 27.89 26.14
N VAL A 526 -19.02 28.28 26.54
CA VAL A 526 -18.65 29.70 26.51
C VAL A 526 -18.69 30.24 25.09
N MET A 527 -18.27 29.44 24.10
CA MET A 527 -18.27 29.92 22.73
C MET A 527 -19.67 30.01 22.14
N LYS A 528 -20.69 29.44 22.78
CA LYS A 528 -22.06 29.57 22.32
C LYS A 528 -22.75 30.82 22.87
N ILE A 529 -22.07 31.58 23.73
CA ILE A 529 -22.61 32.85 24.21
C ILE A 529 -22.83 33.77 23.02
N ARG A 530 -24.02 34.35 22.94
CA ARG A 530 -24.37 35.24 21.85
C ARG A 530 -24.15 36.69 22.28
N ILE A 531 -23.75 37.54 21.33
CA ILE A 531 -23.39 38.92 21.61
C ILE A 531 -24.05 39.83 20.59
N PHE A 532 -24.10 41.11 20.92
CA PHE A 532 -24.80 42.11 20.14
C PHE A 532 -23.94 43.34 20.00
N ARG A 533 -24.28 44.18 19.02
CA ARG A 533 -23.76 45.53 18.94
C ARG A 533 -24.86 46.45 18.46
N ASP A 534 -25.05 47.57 19.16
CA ASP A 534 -26.08 48.54 18.80
C ASP A 534 -25.61 49.92 19.23
N ASN A 535 -26.56 50.86 19.37
CA ASN A 535 -26.22 52.25 19.67
C ASN A 535 -25.48 52.41 21.00
N ASN A 536 -25.60 51.46 21.92
CA ASN A 536 -24.93 51.58 23.20
C ASN A 536 -23.48 51.12 23.18
N TYR A 537 -22.97 50.67 22.03
CA TYR A 537 -21.63 50.09 21.96
C TYR A 537 -20.58 51.04 22.52
N GLU A 538 -20.60 52.30 22.09
CA GLU A 538 -19.55 53.23 22.45
C GLU A 538 -19.53 53.52 23.94
N GLU A 539 -20.70 53.73 24.55
CA GLU A 539 -20.74 54.02 25.98
C GLU A 539 -20.36 52.79 26.79
N ILE A 540 -20.76 51.60 26.35
CA ILE A 540 -20.36 50.37 27.03
C ILE A 540 -18.86 50.18 26.96
N GLU A 541 -18.28 50.40 25.76
CA GLU A 541 -16.84 50.28 25.60
C GLU A 541 -16.10 51.31 26.46
N ASN A 542 -16.62 52.53 26.52
CA ASN A 542 -15.97 53.58 27.30
C ASN A 542 -16.02 53.26 28.80
N LEU A 543 -17.14 52.74 29.29
CA LEU A 543 -17.21 52.35 30.70
C LEU A 543 -16.21 51.25 31.01
N SER A 544 -16.07 50.27 30.11
CA SER A 544 -15.12 49.19 30.33
C SER A 544 -13.69 49.72 30.38
N LYS A 545 -13.35 50.67 29.50
CA LYS A 545 -12.02 51.27 29.53
C LYS A 545 -11.78 52.01 30.84
N GLN A 546 -12.78 52.70 31.36
CA GLN A 546 -12.64 53.37 32.65
C GLN A 546 -12.38 52.36 33.77
N ILE A 547 -13.13 51.26 33.77
CA ILE A 547 -12.94 50.23 34.79
C ILE A 547 -11.53 49.65 34.70
N ILE A 548 -11.08 49.33 33.48
CA ILE A 548 -9.76 48.78 33.28
C ILE A 548 -8.70 49.77 33.76
N SER A 549 -8.89 51.05 33.45
CA SER A 549 -7.93 52.06 33.88
C SER A 549 -7.85 52.14 35.40
N ILE A 550 -9.00 52.10 36.07
CA ILE A 550 -9.00 52.13 37.54
C ILE A 550 -8.37 50.86 38.11
N LEU A 551 -8.69 49.71 37.54
CA LEU A 551 -8.21 48.44 38.09
C LEU A 551 -6.69 48.32 37.97
N LEU A 552 -6.09 49.02 37.02
CA LEU A 552 -4.65 48.93 36.81
C LEU A 552 -3.87 49.95 37.64
N ASN A 553 -4.54 50.88 38.32
CA ASN A 553 -3.85 51.89 39.09
C ASN A 553 -3.23 51.31 40.35
N LYS A 554 -2.30 52.06 40.94
CA LYS A 554 -1.69 51.65 42.19
C LYS A 554 -2.71 51.69 43.33
N SER A 555 -3.26 52.88 43.61
CA SER A 555 -4.26 53.05 44.67
C SER A 555 -5.64 52.88 44.06
N ILE A 556 -6.05 51.61 43.93
CA ILE A 556 -7.36 51.31 43.38
C ILE A 556 -8.43 51.72 44.39
N ASP A 557 -9.38 52.53 43.96
CA ASP A 557 -10.63 52.70 44.68
C ASP A 557 -11.66 51.84 43.95
N LYS A 558 -12.00 50.70 44.56
CA LYS A 558 -12.90 49.77 43.90
C LYS A 558 -14.33 50.30 43.84
N GLY A 559 -14.67 51.28 44.68
CA GLY A 559 -16.03 51.76 44.73
C GLY A 559 -16.49 52.36 43.41
N LYS A 560 -15.66 53.17 42.78
CA LYS A 560 -16.01 53.75 41.49
C LYS A 560 -16.21 52.66 40.44
N VAL A 561 -15.43 51.57 40.52
CA VAL A 561 -15.59 50.47 39.58
C VAL A 561 -16.99 49.87 39.68
N GLU A 562 -17.48 49.69 40.91
CA GLU A 562 -18.80 49.10 41.09
C GLU A 562 -19.90 49.98 40.53
N LYS A 563 -19.77 51.30 40.73
CA LYS A 563 -20.75 52.23 40.17
C LYS A 563 -20.72 52.20 38.64
N LEU A 564 -19.52 52.16 38.06
CA LEU A 564 -19.42 52.07 36.60
C LEU A 564 -20.03 50.77 36.09
N GLN A 565 -19.88 49.69 36.85
CA GLN A 565 -20.48 48.42 36.45
C GLN A 565 -22.00 48.48 36.49
N ILE A 566 -22.56 49.16 37.49
CA ILE A 566 -24.01 49.30 37.58
C ILE A 566 -24.54 50.08 36.37
N LYS A 567 -23.87 51.17 36.02
CA LYS A 567 -24.28 51.94 34.85
C LYS A 567 -24.18 51.11 33.57
N MET A 568 -23.13 50.29 33.45
CA MET A 568 -23.00 49.44 32.27
C MET A 568 -24.12 48.39 32.22
N ASP A 569 -24.47 47.81 33.37
CA ASP A 569 -25.56 46.83 33.41
C ASP A 569 -26.87 47.46 32.95
N ASN A 570 -27.09 48.73 33.28
CA ASN A 570 -28.31 49.41 32.84
C ASN A 570 -28.33 49.58 31.32
N LEU A 571 -27.17 49.91 30.73
CA LEU A 571 -27.10 50.03 29.28
C LEU A 571 -27.39 48.70 28.60
N ILE A 572 -26.81 47.62 29.14
CA ILE A 572 -26.97 46.30 28.54
C ILE A 572 -28.40 45.82 28.66
N MET A 573 -29.04 46.05 29.80
CA MET A 573 -30.45 45.69 29.95
C MET A 573 -31.33 46.50 29.01
N ASP A 574 -31.03 47.79 28.83
CA ASP A 574 -31.75 48.60 27.87
C ASP A 574 -31.55 48.08 26.45
N SER A 575 -30.33 47.69 26.11
CA SER A 575 -30.06 47.19 24.76
C SER A 575 -30.83 45.91 24.49
N LEU A 576 -30.84 44.98 25.45
CA LEU A 576 -31.51 43.70 25.27
C LEU A 576 -33.00 43.76 25.59
N GLY A 577 -33.51 44.91 26.01
CA GLY A 577 -34.93 45.05 26.28
C GLY A 577 -35.43 44.14 27.38
N ILE A 578 -34.62 43.92 28.41
CA ILE A 578 -35.04 43.08 29.52
C ILE A 578 -35.35 43.96 30.73
N GLY B 29 14.06 -9.62 -4.96
CA GLY B 29 14.66 -8.31 -4.87
C GLY B 29 16.18 -8.30 -5.00
N ILE B 30 16.68 -8.87 -6.10
CA ILE B 30 18.10 -8.93 -6.38
C ILE B 30 18.40 -8.03 -7.57
N TYR B 31 19.38 -7.15 -7.42
CA TYR B 31 19.70 -6.15 -8.42
C TYR B 31 21.17 -6.28 -8.83
N TYR B 32 21.42 -6.05 -10.11
CA TYR B 32 22.74 -6.27 -10.71
C TYR B 32 23.47 -4.94 -10.80
N THR B 33 24.58 -4.83 -10.08
CA THR B 33 25.41 -3.63 -10.13
C THR B 33 26.29 -3.66 -11.37
N PRO B 34 26.38 -2.57 -12.13
CA PRO B 34 27.24 -2.58 -13.33
C PRO B 34 28.69 -2.87 -12.98
N LYS B 35 29.35 -3.61 -13.86
CA LYS B 35 30.71 -4.08 -13.57
C LYS B 35 31.69 -2.91 -13.41
N ILE B 36 31.47 -1.81 -14.13
CA ILE B 36 32.37 -0.67 -13.98
C ILE B 36 32.26 -0.08 -12.57
N ILE B 37 31.06 -0.13 -11.96
CA ILE B 37 30.90 0.31 -10.57
C ILE B 37 31.57 -0.69 -9.63
N VAL B 38 31.34 -1.99 -9.85
CA VAL B 38 31.89 -3.01 -8.96
C VAL B 38 33.41 -2.96 -8.98
N ASP B 39 34.00 -2.85 -10.16
CA ASP B 39 35.45 -2.78 -10.27
C ASP B 39 36.01 -1.56 -9.55
N TYR B 40 35.32 -0.41 -9.67
CA TYR B 40 35.79 0.80 -8.99
C TYR B 40 35.75 0.64 -7.48
N ILE B 41 34.66 0.09 -6.94
CA ILE B 41 34.49 0.00 -5.49
C ILE B 41 35.50 -0.98 -4.90
N VAL B 42 35.66 -2.15 -5.53
CA VAL B 42 36.61 -3.13 -5.03
C VAL B 42 38.03 -2.60 -5.11
N LYS B 43 38.37 -1.95 -6.23
CA LYS B 43 39.71 -1.38 -6.36
C LYS B 43 39.93 -0.27 -5.34
N LYS B 44 38.90 0.55 -5.08
CA LYS B 44 39.08 1.66 -4.15
C LYS B 44 39.40 1.19 -2.74
N THR B 45 38.90 0.02 -2.34
CA THR B 45 39.17 -0.48 -0.99
C THR B 45 40.45 -1.29 -0.91
N LEU B 46 40.73 -2.11 -1.92
CA LEU B 46 41.86 -3.04 -1.88
C LEU B 46 43.09 -2.51 -2.59
N LYS B 47 43.07 -1.27 -3.08
CA LYS B 47 44.14 -0.78 -3.95
C LYS B 47 45.50 -0.84 -3.26
N ASN B 48 45.58 -0.37 -2.02
CA ASN B 48 46.86 -0.16 -1.37
C ASN B 48 47.11 -1.13 -0.22
N HIS B 49 46.42 -2.27 -0.19
CA HIS B 49 46.58 -3.19 0.93
C HIS B 49 47.96 -3.83 0.90
N ASP B 50 48.64 -3.82 2.05
CA ASP B 50 49.95 -4.44 2.20
C ASP B 50 49.73 -5.92 2.53
N ILE B 51 49.79 -6.78 1.51
CA ILE B 51 49.51 -8.19 1.74
C ILE B 51 50.63 -8.87 2.52
N ILE B 52 51.85 -8.34 2.46
CA ILE B 52 52.95 -8.91 3.25
C ILE B 52 52.73 -8.62 4.73
N LYS B 53 52.32 -7.40 5.06
CA LYS B 53 52.12 -7.04 6.46
C LYS B 53 50.92 -7.75 7.07
N ASN B 54 49.82 -7.84 6.31
CA ASN B 54 48.60 -8.53 6.77
C ASN B 54 48.09 -9.43 5.66
N PRO B 55 48.54 -10.68 5.61
CA PRO B 55 47.99 -11.64 4.64
C PRO B 55 46.65 -12.25 5.04
N TYR B 56 45.96 -11.71 6.04
CA TYR B 56 44.63 -12.19 6.43
C TYR B 56 43.63 -11.03 6.46
N PRO B 57 43.37 -10.40 5.32
CA PRO B 57 42.36 -9.33 5.30
C PRO B 57 40.97 -9.93 5.19
N ARG B 58 40.07 -9.49 6.08
CA ARG B 58 38.68 -9.93 6.04
C ARG B 58 37.87 -8.94 5.21
N ILE B 59 37.38 -9.39 4.07
CA ILE B 59 36.53 -8.58 3.17
C ILE B 59 35.13 -9.15 3.23
N LEU B 60 34.16 -8.27 3.48
CA LEU B 60 32.78 -8.67 3.74
C LEU B 60 31.81 -7.91 2.86
N ASP B 61 30.79 -8.61 2.37
CA ASP B 61 29.64 -8.01 1.70
C ASP B 61 28.39 -8.55 2.39
N ILE B 62 27.65 -7.68 3.08
CA ILE B 62 26.51 -8.12 3.88
C ILE B 62 25.22 -8.18 3.08
N SER B 63 25.23 -7.81 1.81
CA SER B 63 24.10 -8.00 0.91
C SER B 63 24.60 -8.51 -0.43
N CYS B 64 25.41 -9.57 -0.39
CA CYS B 64 26.24 -9.96 -1.53
C CYS B 64 25.45 -10.41 -2.75
N GLY B 65 24.18 -10.79 -2.59
CA GLY B 65 23.43 -11.26 -3.74
C GLY B 65 24.05 -12.50 -4.33
N CYS B 66 24.26 -12.48 -5.65
CA CYS B 66 24.91 -13.59 -6.36
C CYS B 66 26.43 -13.49 -6.36
N GLY B 67 26.98 -12.42 -5.80
CA GLY B 67 28.42 -12.28 -5.68
C GLY B 67 29.08 -11.35 -6.67
N ASN B 68 28.39 -10.30 -7.11
CA ASN B 68 28.99 -9.39 -8.07
C ASN B 68 30.25 -8.76 -7.51
N PHE B 69 30.23 -8.38 -6.23
CA PHE B 69 31.40 -7.79 -5.59
C PHE B 69 32.40 -8.86 -5.15
N LEU B 70 31.92 -9.92 -4.48
CA LEU B 70 32.83 -10.89 -3.87
C LEU B 70 33.62 -11.64 -4.91
N LEU B 71 33.03 -11.93 -6.07
CA LEU B 71 33.77 -12.61 -7.13
C LEU B 71 34.91 -11.74 -7.63
N GLU B 72 34.66 -10.44 -7.80
CA GLU B 72 35.74 -9.51 -8.13
C GLU B 72 36.75 -9.42 -7.00
N VAL B 73 36.28 -9.43 -5.75
CA VAL B 73 37.18 -9.44 -4.62
C VAL B 73 38.10 -10.65 -4.68
N TYR B 74 37.56 -11.79 -5.10
CA TYR B 74 38.39 -12.99 -5.25
C TYR B 74 39.49 -12.77 -6.27
N ASP B 75 39.14 -12.22 -7.44
CA ASP B 75 40.14 -12.03 -8.50
C ASP B 75 41.24 -11.08 -8.05
N ILE B 76 40.87 -9.96 -7.41
CA ILE B 76 41.86 -9.01 -6.94
C ILE B 76 42.76 -9.66 -5.89
N LEU B 77 42.15 -10.36 -4.93
CA LEU B 77 42.92 -11.02 -3.88
C LEU B 77 43.86 -12.07 -4.45
N TYR B 78 43.37 -12.87 -5.40
CA TYR B 78 44.20 -13.94 -5.95
C TYR B 78 45.46 -13.37 -6.61
N ASP B 79 45.32 -12.32 -7.40
CA ASP B 79 46.47 -11.68 -8.01
C ASP B 79 47.39 -11.08 -6.94
N LEU B 80 46.80 -10.54 -5.88
CA LEU B 80 47.59 -9.94 -4.81
C LEU B 80 48.46 -10.99 -4.13
N PHE B 81 47.87 -12.15 -3.80
CA PHE B 81 48.64 -13.23 -3.21
C PHE B 81 49.65 -13.80 -4.19
N GLU B 82 49.26 -13.95 -5.47
CA GLU B 82 50.13 -14.60 -6.43
C GLU B 82 51.41 -13.82 -6.67
N GLU B 83 51.30 -12.49 -6.82
CA GLU B 83 52.49 -11.70 -7.14
C GLU B 83 53.43 -11.53 -5.95
N ASN B 84 53.01 -11.92 -4.74
CA ASN B 84 53.84 -11.80 -3.55
C ASN B 84 54.02 -13.15 -2.85
N ILE B 85 53.78 -14.25 -3.56
CA ILE B 85 53.73 -15.56 -2.91
C ILE B 85 55.07 -15.92 -2.30
N TYR B 86 56.17 -15.62 -3.01
CA TYR B 86 57.48 -15.97 -2.48
C TYR B 86 57.87 -15.11 -1.28
N GLU B 87 57.46 -13.84 -1.28
CA GLU B 87 57.72 -12.98 -0.12
C GLU B 87 56.99 -13.49 1.12
N LEU B 88 55.73 -13.92 0.95
CA LEU B 88 55.01 -14.54 2.06
C LEU B 88 55.64 -15.88 2.45
N LYS B 89 56.19 -16.61 1.47
CA LYS B 89 56.81 -17.89 1.76
C LYS B 89 58.02 -17.74 2.69
N LYS B 90 58.84 -16.71 2.45
CA LYS B 90 60.01 -16.48 3.30
C LYS B 90 59.62 -15.95 4.67
N LYS B 91 58.71 -14.97 4.70
CA LYS B 91 58.35 -14.32 5.96
C LYS B 91 57.58 -15.27 6.87
N TYR B 92 56.59 -15.98 6.32
CA TYR B 92 55.73 -16.88 7.07
C TYR B 92 56.12 -18.33 6.81
N ASP B 93 55.25 -19.26 7.24
CA ASP B 93 55.50 -20.68 7.07
C ASP B 93 55.62 -21.04 5.59
N GLU B 94 56.80 -21.53 5.18
CA GLU B 94 57.06 -21.76 3.77
C GLU B 94 56.27 -22.93 3.21
N ASN B 95 55.89 -23.90 4.06
CA ASN B 95 55.03 -24.99 3.59
C ASN B 95 53.64 -24.48 3.23
N TYR B 96 53.13 -23.50 3.98
CA TYR B 96 51.74 -23.07 3.82
C TYR B 96 51.54 -22.23 2.56
N TRP B 97 52.51 -21.38 2.20
CA TRP B 97 52.33 -20.37 1.16
C TRP B 97 52.83 -20.92 -0.18
N THR B 98 51.95 -21.61 -0.88
CA THR B 98 52.15 -22.04 -2.25
C THR B 98 51.05 -21.44 -3.12
N VAL B 99 51.26 -21.47 -4.45
CA VAL B 99 50.28 -20.91 -5.35
C VAL B 99 48.97 -21.69 -5.30
N ASP B 100 49.04 -23.02 -5.28
CA ASP B 100 47.81 -23.81 -5.30
C ASP B 100 47.09 -23.80 -3.96
N ASN B 101 47.68 -23.24 -2.91
CA ASN B 101 46.99 -23.08 -1.64
C ASN B 101 46.30 -21.72 -1.50
N ILE B 102 46.50 -20.81 -2.47
CA ILE B 102 45.90 -19.49 -2.39
C ILE B 102 44.39 -19.59 -2.36
N HIS B 103 43.82 -20.45 -3.21
CA HIS B 103 42.38 -20.60 -3.31
C HIS B 103 41.75 -20.96 -1.97
N ARG B 104 42.32 -21.97 -1.29
CA ARG B 104 41.79 -22.35 0.03
C ARG B 104 41.96 -21.23 1.04
N HIS B 105 43.10 -20.54 1.01
CA HIS B 105 43.34 -19.47 1.97
C HIS B 105 42.33 -18.33 1.80
N ILE B 106 42.03 -17.96 0.55
CA ILE B 106 41.08 -16.88 0.31
C ILE B 106 39.70 -17.26 0.85
N LEU B 107 39.25 -18.48 0.58
CA LEU B 107 37.93 -18.90 1.00
C LEU B 107 37.84 -19.09 2.50
N ASN B 108 38.91 -19.57 3.13
CA ASN B 108 38.86 -19.86 4.57
C ASN B 108 38.86 -18.59 5.40
N TYR B 109 39.73 -17.63 5.07
CA TYR B 109 40.01 -16.52 5.98
C TYR B 109 39.66 -15.14 5.45
N CYS B 110 39.45 -14.96 4.16
CA CYS B 110 39.41 -13.62 3.58
C CYS B 110 38.04 -13.17 3.12
N ILE B 111 37.26 -14.03 2.46
CA ILE B 111 36.01 -13.64 1.84
C ILE B 111 34.84 -14.04 2.73
N TYR B 112 33.97 -13.07 3.05
CA TYR B 112 32.77 -13.28 3.85
C TYR B 112 31.57 -12.68 3.12
N GLY B 113 30.44 -13.37 3.20
CA GLY B 113 29.24 -12.91 2.51
C GLY B 113 27.99 -13.23 3.28
N ALA B 114 26.98 -12.37 3.13
CA ALA B 114 25.68 -12.59 3.77
C ALA B 114 24.57 -12.12 2.84
N ASP B 115 23.45 -12.84 2.86
CA ASP B 115 22.26 -12.47 2.10
C ASP B 115 21.08 -13.27 2.62
N ILE B 116 19.89 -12.65 2.60
CA ILE B 116 18.69 -13.36 3.04
C ILE B 116 18.21 -14.39 2.02
N ASP B 117 18.59 -14.25 0.76
CA ASP B 117 18.10 -15.13 -0.29
C ASP B 117 18.95 -16.39 -0.35
N GLU B 118 18.33 -17.55 -0.08
CA GLU B 118 19.08 -18.80 -0.06
C GLU B 118 19.63 -19.15 -1.44
N LYS B 119 18.84 -18.94 -2.49
CA LYS B 119 19.28 -19.31 -3.83
C LYS B 119 20.48 -18.49 -4.28
N ALA B 120 20.53 -17.21 -3.89
CA ALA B 120 21.68 -16.39 -4.20
C ALA B 120 22.94 -16.91 -3.52
N ILE B 121 22.82 -17.31 -2.26
CA ILE B 121 23.98 -17.80 -1.51
C ILE B 121 24.52 -19.09 -2.13
N SER B 122 23.64 -20.02 -2.47
CA SER B 122 24.10 -21.29 -3.03
C SER B 122 24.76 -21.08 -4.39
N ILE B 123 24.23 -20.16 -5.20
CA ILE B 123 24.85 -19.85 -6.47
C ILE B 123 26.25 -19.28 -6.26
N LEU B 124 26.38 -18.34 -5.32
CA LEU B 124 27.69 -17.78 -5.01
C LEU B 124 28.63 -18.86 -4.48
N LYS B 125 28.10 -19.82 -3.71
CA LYS B 125 28.93 -20.91 -3.22
C LYS B 125 29.49 -21.71 -4.38
N ASP B 126 28.66 -22.00 -5.39
CA ASP B 126 29.15 -22.71 -6.57
C ASP B 126 30.15 -21.88 -7.36
N SER B 127 29.89 -20.57 -7.50
CA SER B 127 30.80 -19.72 -8.25
C SER B 127 32.17 -19.66 -7.58
N LEU B 128 32.20 -19.51 -6.26
CA LEU B 128 33.48 -19.46 -5.55
C LEU B 128 34.22 -20.79 -5.61
N THR B 129 33.51 -21.90 -5.46
CA THR B 129 34.16 -23.19 -5.54
C THR B 129 34.65 -23.52 -6.95
N ASN B 130 34.06 -22.92 -7.98
CA ASN B 130 34.47 -23.17 -9.35
C ASN B 130 35.60 -22.24 -9.80
N LYS B 131 36.18 -21.48 -8.87
CA LYS B 131 37.33 -20.64 -9.20
C LYS B 131 38.60 -21.46 -9.36
N LYS B 132 38.71 -22.59 -8.66
CA LYS B 132 39.87 -23.47 -8.74
C LYS B 132 39.58 -24.62 -9.68
N VAL B 133 40.47 -24.81 -10.66
CA VAL B 133 40.21 -25.78 -11.73
C VAL B 133 40.25 -27.21 -11.23
N VAL B 134 41.04 -27.50 -10.20
CA VAL B 134 41.27 -28.87 -9.76
C VAL B 134 39.99 -29.44 -9.17
N ASN B 135 39.65 -30.67 -9.57
CA ASN B 135 38.48 -31.38 -9.06
C ASN B 135 38.91 -32.20 -7.85
N ASP B 136 38.54 -31.75 -6.65
CA ASP B 136 38.92 -32.38 -5.40
C ASP B 136 40.44 -32.47 -5.27
N LEU B 137 41.08 -31.29 -5.24
CA LEU B 137 42.53 -31.22 -5.11
C LEU B 137 43.01 -31.81 -3.79
N ASP B 138 42.37 -31.40 -2.69
CA ASP B 138 42.72 -31.91 -1.35
C ASP B 138 41.75 -32.94 -0.82
N GLU B 139 40.77 -33.37 -1.62
CA GLU B 139 39.76 -34.37 -1.22
C GLU B 139 39.04 -33.98 0.06
N SER B 140 38.89 -32.68 0.30
CA SER B 140 38.23 -32.18 1.49
C SER B 140 37.45 -30.92 1.14
N ASP B 141 36.24 -30.81 1.65
CA ASP B 141 35.41 -29.64 1.38
C ASP B 141 36.08 -28.38 1.92
N ILE B 142 35.95 -27.28 1.18
CA ILE B 142 36.57 -26.01 1.54
C ILE B 142 35.60 -25.24 2.43
N LYS B 143 36.07 -24.76 3.57
CA LYS B 143 35.26 -23.87 4.39
C LYS B 143 35.07 -22.55 3.67
N ILE B 144 33.81 -22.12 3.54
CA ILE B 144 33.46 -20.86 2.91
C ILE B 144 32.60 -20.06 3.88
N ASN B 145 32.91 -18.78 4.02
CA ASN B 145 32.23 -17.94 5.01
C ASN B 145 31.04 -17.20 4.37
N LEU B 146 30.07 -17.99 3.90
CA LEU B 146 28.83 -17.47 3.36
C LEU B 146 27.72 -17.74 4.36
N PHE B 147 26.90 -16.72 4.63
CA PHE B 147 25.84 -16.80 5.62
C PHE B 147 24.53 -16.44 4.98
N CYS B 148 23.53 -17.30 5.16
CA CYS B 148 22.16 -17.01 4.74
C CYS B 148 21.40 -16.55 5.98
N CYS B 149 21.20 -15.24 6.09
CA CYS B 149 20.64 -14.66 7.30
C CYS B 149 20.23 -13.23 7.02
N ASP B 150 19.59 -12.62 8.01
CA ASP B 150 19.30 -11.19 8.02
C ASP B 150 20.53 -10.48 8.58
N SER B 151 21.27 -9.77 7.72
CA SER B 151 22.51 -9.14 8.15
C SER B 151 22.30 -8.15 9.27
N LEU B 152 21.14 -7.50 9.33
CA LEU B 152 20.83 -6.56 10.40
C LEU B 152 20.51 -7.26 11.71
N LYS B 153 20.29 -8.57 11.71
CA LYS B 153 20.02 -9.31 12.93
C LYS B 153 21.18 -10.21 13.37
N LYS B 154 22.13 -10.50 12.49
CA LYS B 154 23.21 -11.40 12.85
C LYS B 154 24.11 -10.77 13.90
N LYS B 155 24.54 -11.60 14.87
CA LYS B 155 25.51 -11.19 15.88
C LYS B 155 26.89 -11.49 15.33
N TRP B 156 27.57 -10.46 14.84
CA TRP B 156 28.90 -10.63 14.25
C TRP B 156 29.93 -10.76 15.36
N ARG B 157 30.72 -11.83 15.32
CA ARG B 157 31.67 -12.10 16.39
C ARG B 157 32.92 -11.23 16.32
N TYR B 158 33.20 -10.62 15.18
CA TYR B 158 34.39 -9.79 15.04
C TYR B 158 34.18 -8.81 13.89
N LYS B 159 35.05 -7.81 13.84
CA LYS B 159 34.96 -6.75 12.84
C LYS B 159 35.78 -7.12 11.61
N PHE B 160 35.64 -6.30 10.56
CA PHE B 160 36.14 -6.65 9.23
C PHE B 160 37.02 -5.53 8.69
N ASP B 161 38.07 -5.93 7.96
CA ASP B 161 39.01 -4.97 7.39
C ASP B 161 38.37 -4.16 6.27
N TYR B 162 37.59 -4.81 5.40
CA TYR B 162 36.98 -4.11 4.27
C TYR B 162 35.54 -4.57 4.10
N ILE B 163 34.67 -3.62 3.77
CA ILE B 163 33.26 -3.90 3.53
C ILE B 163 32.85 -3.19 2.23
N VAL B 164 32.33 -3.96 1.27
CA VAL B 164 31.92 -3.46 -0.03
C VAL B 164 30.54 -4.04 -0.35
N GLY B 165 29.83 -3.35 -1.24
CA GLY B 165 28.64 -3.94 -1.81
C GLY B 165 27.55 -2.92 -2.06
N ASN B 166 26.35 -3.46 -2.26
CA ASN B 166 25.18 -2.69 -2.69
C ASN B 166 23.98 -3.14 -1.84
N PRO B 167 23.60 -2.35 -0.85
CA PRO B 167 22.54 -2.79 0.09
C PRO B 167 21.17 -2.73 -0.56
N PRO B 168 20.16 -3.37 0.04
CA PRO B 168 18.80 -3.23 -0.49
C PRO B 168 18.23 -1.85 -0.17
N TYR B 169 17.45 -1.30 -1.10
CA TYR B 169 16.75 -0.03 -0.90
C TYR B 169 15.26 -0.34 -0.78
N ILE B 170 14.70 -0.17 0.41
CA ILE B 170 13.27 -0.38 0.63
C ILE B 170 12.74 0.78 1.46
N GLY B 171 11.73 1.47 0.94
CA GLY B 171 11.14 2.61 1.62
C GLY B 171 10.06 2.23 2.61
N HIS B 172 9.41 3.25 3.17
CA HIS B 172 8.47 3.03 4.26
C HIS B 172 7.21 2.33 3.78
N LYS B 173 6.86 2.45 2.49
CA LYS B 173 5.68 1.77 1.97
C LYS B 173 5.92 0.28 1.76
N LYS B 174 7.11 -0.10 1.31
CA LYS B 174 7.36 -1.45 0.85
C LYS B 174 7.94 -2.38 1.91
N LEU B 175 8.24 -1.88 3.10
CA LEU B 175 8.63 -2.73 4.21
C LEU B 175 7.40 -3.20 4.96
N GLU B 176 7.49 -4.41 5.51
CA GLU B 176 6.41 -4.91 6.37
C GLU B 176 6.45 -4.20 7.72
N LYS B 177 5.26 -3.99 8.29
CA LYS B 177 5.17 -3.21 9.52
C LYS B 177 5.85 -3.91 10.69
N LYS B 178 5.73 -5.24 10.77
CA LYS B 178 6.37 -5.97 11.85
C LYS B 178 7.89 -5.79 11.81
N TYR B 179 8.47 -5.82 10.61
CA TYR B 179 9.90 -5.61 10.47
C TYR B 179 10.31 -4.19 10.84
N LYS B 180 9.46 -3.21 10.52
CA LYS B 180 9.78 -1.83 10.87
C LYS B 180 9.81 -1.62 12.37
N LYS B 181 9.01 -2.38 13.13
CA LYS B 181 9.08 -2.27 14.58
C LYS B 181 10.46 -2.67 15.10
N PHE B 182 11.04 -3.72 14.52
CA PHE B 182 12.41 -4.11 14.88
C PHE B 182 13.41 -3.03 14.49
N LEU B 183 13.26 -2.46 13.30
CA LEU B 183 14.17 -1.40 12.86
C LEU B 183 14.09 -0.18 13.76
N LEU B 184 12.86 0.24 14.12
CA LEU B 184 12.70 1.41 14.97
C LEU B 184 13.27 1.18 16.36
N GLU B 185 13.38 -0.07 16.80
CA GLU B 185 13.94 -0.36 18.13
C GLU B 185 15.45 -0.43 18.09
N LYS B 186 16.00 -1.29 17.23
CA LYS B 186 17.43 -1.57 17.21
C LYS B 186 18.23 -0.61 16.34
N TYR B 187 17.58 0.22 15.53
CA TYR B 187 18.30 1.11 14.62
C TYR B 187 17.77 2.54 14.70
N SER B 188 17.32 2.96 15.89
CA SER B 188 16.73 4.29 16.02
C SER B 188 17.73 5.41 15.76
N GLU B 189 19.04 5.14 15.86
CA GLU B 189 20.03 6.18 15.65
C GLU B 189 20.04 6.68 14.19
N VAL B 190 19.65 5.83 13.25
CA VAL B 190 19.57 6.25 11.84
C VAL B 190 18.20 6.00 11.24
N TYR B 191 17.35 5.16 11.81
CA TYR B 191 16.08 4.80 11.21
C TYR B 191 14.95 5.35 12.06
N LYS B 192 14.15 6.23 11.46
CA LYS B 192 12.98 6.85 12.07
C LYS B 192 11.99 7.13 10.96
N ASP B 193 11.09 8.08 11.19
CA ASP B 193 9.79 8.18 10.53
C ASP B 193 9.74 7.64 9.09
N LYS B 194 10.41 8.29 8.14
CA LYS B 194 10.28 7.89 6.74
C LYS B 194 11.62 7.45 6.18
N ALA B 195 12.48 6.91 7.04
CA ALA B 195 13.80 6.47 6.64
C ALA B 195 13.68 5.27 5.70
N ASP B 196 14.83 4.88 5.15
CA ASP B 196 14.92 3.77 4.22
C ASP B 196 15.74 2.65 4.84
N LEU B 197 15.49 1.42 4.37
CA LEU B 197 16.21 0.26 4.88
C LEU B 197 17.73 0.41 4.72
N TYR B 198 18.19 1.04 3.63
CA TYR B 198 19.63 1.15 3.44
C TYR B 198 20.29 2.09 4.45
N PHE B 199 19.51 2.91 5.17
CA PHE B 199 20.09 3.67 6.27
C PHE B 199 20.67 2.74 7.31
N CYS B 200 19.94 1.67 7.65
CA CYS B 200 20.40 0.72 8.67
C CYS B 200 21.61 -0.05 8.20
N PHE B 201 21.72 -0.33 6.90
CA PHE B 201 22.90 -1.01 6.38
C PHE B 201 24.13 -0.13 6.50
N TYR B 202 23.96 1.19 6.30
CA TYR B 202 25.06 2.10 6.59
C TYR B 202 25.52 1.94 8.03
N LYS B 203 24.56 1.89 8.97
CA LYS B 203 24.94 1.79 10.37
C LYS B 203 25.60 0.46 10.68
N LYS B 204 25.07 -0.65 10.16
CA LYS B 204 25.68 -1.94 10.43
C LYS B 204 27.08 -2.02 9.86
N ILE B 205 27.28 -1.54 8.63
CA ILE B 205 28.60 -1.55 8.00
C ILE B 205 29.59 -0.76 8.85
N ILE B 206 29.19 0.44 9.29
CA ILE B 206 30.06 1.27 10.11
C ILE B 206 30.38 0.59 11.43
N ASP B 207 29.37 -0.05 12.04
CA ASP B 207 29.55 -0.62 13.37
C ASP B 207 30.52 -1.79 13.35
N ILE B 208 30.51 -2.61 12.30
CA ILE B 208 31.36 -3.80 12.25
C ILE B 208 32.61 -3.57 11.40
N LEU B 209 32.88 -2.33 11.02
CA LEU B 209 34.11 -1.99 10.32
C LEU B 209 35.27 -1.91 11.32
N LYS B 210 36.36 -2.60 11.01
CA LYS B 210 37.52 -2.66 11.88
C LYS B 210 38.20 -1.28 11.96
N GLN B 211 38.95 -1.07 13.04
CA GLN B 211 39.75 0.13 13.13
C GLN B 211 40.80 0.14 12.01
N GLY B 212 40.88 1.25 11.29
CA GLY B 212 41.74 1.33 10.14
C GLY B 212 41.18 0.72 8.88
N GLY B 213 39.94 0.20 8.92
CA GLY B 213 39.34 -0.40 7.75
C GLY B 213 38.75 0.60 6.78
N ILE B 214 38.36 0.10 5.61
CA ILE B 214 37.78 0.92 4.56
C ILE B 214 36.48 0.28 4.11
N GLY B 215 35.45 1.11 3.95
CA GLY B 215 34.19 0.68 3.37
C GLY B 215 33.88 1.48 2.13
N SER B 216 33.22 0.83 1.17
CA SER B 216 32.81 1.52 -0.05
C SER B 216 31.53 0.87 -0.55
N VAL B 217 30.46 1.65 -0.70
CA VAL B 217 29.15 1.14 -1.08
C VAL B 217 28.53 2.07 -2.12
N ILE B 218 27.58 1.52 -2.87
CA ILE B 218 26.74 2.30 -3.78
C ILE B 218 25.32 2.23 -3.23
N THR B 219 24.74 3.40 -2.96
CA THR B 219 23.42 3.52 -2.36
C THR B 219 22.65 4.60 -3.12
N PRO B 220 21.36 4.80 -2.85
CA PRO B 220 20.68 5.98 -3.37
C PRO B 220 21.34 7.25 -2.85
N ARG B 221 21.26 8.31 -3.64
CA ARG B 221 21.84 9.59 -3.28
C ARG B 221 20.96 10.42 -2.36
N TYR B 222 19.71 10.03 -2.15
CA TYR B 222 18.72 10.93 -1.55
C TYR B 222 19.06 11.29 -0.10
N PHE B 223 19.74 10.40 0.63
CA PHE B 223 20.05 10.70 2.03
C PHE B 223 20.99 11.90 2.16
N LEU B 224 21.70 12.28 1.08
CA LEU B 224 22.60 13.41 1.16
C LEU B 224 21.86 14.72 1.39
N GLU B 225 20.59 14.80 0.97
CA GLU B 225 19.81 16.02 1.11
C GLU B 225 18.49 15.85 1.85
N SER B 226 17.98 14.62 1.97
CA SER B 226 16.61 14.45 2.42
C SER B 226 16.46 14.76 3.90
N LEU B 227 15.22 15.08 4.28
CA LEU B 227 14.89 15.27 5.69
C LEU B 227 15.07 13.97 6.47
N SER B 228 14.70 12.84 5.88
CA SER B 228 14.80 11.56 6.58
C SER B 228 16.25 11.18 6.87
N GLY B 229 17.19 11.65 6.04
CA GLY B 229 18.58 11.28 6.20
C GLY B 229 19.36 12.08 7.21
N LYS B 230 18.71 12.97 7.95
CA LYS B 230 19.41 13.85 8.89
C LYS B 230 20.20 13.05 9.92
N ASP B 231 19.55 12.07 10.55
CA ASP B 231 20.24 11.29 11.58
C ASP B 231 21.37 10.45 10.97
N LEU B 232 21.14 9.88 9.79
CA LEU B 232 22.17 9.07 9.14
C LEU B 232 23.40 9.90 8.80
N ARG B 233 23.20 11.11 8.28
CA ARG B 233 24.34 11.98 7.95
C ARG B 233 25.16 12.27 9.19
N GLU B 234 24.50 12.48 10.33
CA GLU B 234 25.22 12.71 11.58
C GLU B 234 25.99 11.46 12.01
N TYR B 235 25.39 10.28 11.85
CA TYR B 235 26.06 9.06 12.27
C TYR B 235 27.29 8.79 11.42
N ILE B 236 27.18 9.00 10.11
CA ILE B 236 28.34 8.85 9.23
C ILE B 236 29.41 9.87 9.60
N LYS B 237 29.01 11.13 9.75
CA LYS B 237 29.96 12.22 9.93
C LYS B 237 30.79 12.03 11.20
N SER B 238 30.19 11.49 12.26
CA SER B 238 30.85 11.43 13.55
C SER B 238 31.36 10.04 13.91
N ASN B 239 31.38 9.10 12.96
CA ASN B 239 31.92 7.77 13.23
C ASN B 239 32.94 7.29 12.20
N VAL B 240 32.98 7.85 10.99
CA VAL B 240 33.97 7.50 9.98
C VAL B 240 34.47 8.77 9.31
N ASN B 241 35.63 8.64 8.67
CA ASN B 241 36.15 9.67 7.77
C ASN B 241 35.68 9.37 6.36
N VAL B 242 34.90 10.27 5.78
CA VAL B 242 34.41 10.08 4.41
C VAL B 242 35.55 10.42 3.46
N GLN B 243 36.10 9.40 2.80
CA GLN B 243 37.17 9.66 1.84
C GLN B 243 36.64 10.37 0.59
N GLU B 244 35.55 9.86 0.03
CA GLU B 244 35.11 10.28 -1.29
C GLU B 244 33.62 10.08 -1.45
N ILE B 245 32.99 11.00 -2.18
CA ILE B 245 31.58 10.90 -2.55
C ILE B 245 31.49 11.10 -4.06
N VAL B 246 30.95 10.10 -4.76
CA VAL B 246 30.67 10.22 -6.18
C VAL B 246 29.15 10.35 -6.32
N ASP B 247 28.69 11.52 -6.76
CA ASP B 247 27.27 11.83 -6.90
C ASP B 247 26.93 11.84 -8.39
N PHE B 248 26.12 10.87 -8.81
CA PHE B 248 25.68 10.78 -10.20
C PHE B 248 24.45 11.62 -10.48
N LEU B 249 23.92 12.31 -9.46
CA LEU B 249 22.74 13.18 -9.60
C LEU B 249 21.61 12.33 -10.20
N GLY B 250 20.95 12.77 -11.26
CA GLY B 250 19.85 12.06 -11.88
C GLY B 250 20.23 11.03 -12.93
N ALA B 251 21.52 10.76 -13.12
CA ALA B 251 21.94 9.76 -14.07
C ALA B 251 21.40 8.39 -13.67
N ASN B 252 21.11 7.56 -14.68
CA ASN B 252 20.52 6.24 -14.49
C ASN B 252 21.64 5.21 -14.56
N ILE B 253 22.18 4.89 -13.38
CA ILE B 253 23.25 3.90 -13.27
C ILE B 253 22.71 2.49 -13.47
N PHE B 254 21.51 2.22 -12.95
CA PHE B 254 20.89 0.90 -13.06
C PHE B 254 19.82 0.93 -14.16
N LYS B 255 20.02 0.14 -15.20
CA LYS B 255 19.11 0.13 -16.33
C LYS B 255 17.71 -0.30 -15.91
N ASN B 256 16.71 0.47 -16.32
CA ASN B 256 15.30 0.21 -16.06
C ASN B 256 14.95 0.27 -14.57
N ILE B 257 15.81 0.88 -13.76
CA ILE B 257 15.53 1.08 -12.35
C ILE B 257 15.35 2.57 -12.11
N GLY B 258 14.21 2.94 -11.53
CA GLY B 258 13.96 4.32 -11.22
C GLY B 258 14.58 4.76 -9.91
N VAL B 259 15.92 4.85 -9.87
CA VAL B 259 16.64 5.29 -8.69
C VAL B 259 17.83 6.14 -9.13
N SER B 260 18.31 6.98 -8.22
CA SER B 260 19.48 7.81 -8.45
C SER B 260 20.54 7.48 -7.40
N SER B 261 21.80 7.37 -7.85
CA SER B 261 22.83 6.65 -7.11
C SER B 261 23.99 7.56 -6.70
N CYS B 262 24.70 7.11 -5.66
CA CYS B 262 25.97 7.70 -5.25
C CYS B 262 26.87 6.61 -4.70
N ILE B 263 28.17 6.89 -4.68
CA ILE B 263 29.17 5.96 -4.15
C ILE B 263 29.88 6.66 -2.99
N LEU B 264 29.83 6.05 -1.82
CA LEU B 264 30.50 6.56 -0.63
C LEU B 264 31.64 5.64 -0.25
N THR B 265 32.82 6.22 -0.05
CA THR B 265 33.99 5.52 0.45
C THR B 265 34.44 6.17 1.75
N PHE B 266 34.54 5.37 2.81
CA PHE B 266 34.84 5.88 4.14
C PHE B 266 35.83 4.95 4.83
N ASP B 267 36.53 5.47 5.82
CA ASP B 267 37.50 4.70 6.57
C ASP B 267 37.37 4.99 8.06
N LYS B 268 38.09 4.20 8.85
CA LYS B 268 38.27 4.44 10.28
C LYS B 268 39.75 4.59 10.61
N LYS B 269 40.47 5.30 9.75
CA LYS B 269 41.89 5.61 9.97
C LYS B 269 42.04 6.84 10.85
N LYS B 270 43.21 6.95 11.48
CA LYS B 270 43.55 8.12 12.29
C LYS B 270 43.99 9.22 11.33
N THR B 271 43.03 10.03 10.91
CA THR B 271 43.28 11.10 9.95
C THR B 271 43.50 12.42 10.67
N LYS B 272 44.35 13.27 10.08
CA LYS B 272 44.64 14.55 10.69
C LYS B 272 43.48 15.52 10.49
N GLU B 273 43.16 15.84 9.25
CA GLU B 273 42.06 16.74 8.91
C GLU B 273 41.39 16.19 7.64
N THR B 274 40.36 15.38 7.83
CA THR B 274 39.75 14.68 6.72
C THR B 274 39.00 15.64 5.81
N TYR B 275 39.45 15.74 4.56
CA TYR B 275 38.70 16.39 3.50
C TYR B 275 38.04 15.32 2.63
N ILE B 276 36.86 15.64 2.12
CA ILE B 276 36.13 14.73 1.25
C ILE B 276 36.44 15.08 -0.20
N ASP B 277 36.80 14.08 -0.98
CA ASP B 277 36.79 14.21 -2.44
C ASP B 277 35.36 14.09 -2.91
N VAL B 278 34.87 15.12 -3.61
CA VAL B 278 33.50 15.12 -4.12
C VAL B 278 33.58 15.17 -5.64
N PHE B 279 32.95 14.18 -6.29
CA PHE B 279 32.86 14.14 -7.74
C PHE B 279 31.39 14.23 -8.12
N LYS B 280 30.98 15.39 -8.65
CA LYS B 280 29.61 15.63 -9.07
C LYS B 280 29.55 15.61 -10.59
N ILE B 281 28.63 14.82 -11.14
CA ILE B 281 28.50 14.72 -12.58
C ILE B 281 28.03 16.05 -13.15
N LYS B 282 28.51 16.40 -14.35
CA LYS B 282 28.12 17.64 -14.98
C LYS B 282 26.87 17.49 -15.84
N ASN B 283 26.77 16.40 -16.59
CA ASN B 283 25.62 16.11 -17.44
C ASN B 283 25.00 14.79 -17.00
N GLU B 284 23.71 14.82 -16.70
CA GLU B 284 22.99 13.62 -16.28
C GLU B 284 22.69 12.67 -17.43
N ASP B 285 22.93 13.08 -18.68
CA ASP B 285 22.57 12.31 -19.86
C ASP B 285 23.76 11.56 -20.47
N ILE B 286 24.80 11.29 -19.68
CA ILE B 286 25.98 10.63 -20.22
C ILE B 286 25.87 9.13 -20.00
N CYS B 287 26.66 8.38 -20.77
CA CYS B 287 26.74 6.93 -20.64
C CYS B 287 27.92 6.57 -19.73
N ILE B 288 27.66 5.67 -18.78
CA ILE B 288 28.66 5.34 -17.78
C ILE B 288 29.81 4.53 -18.37
N ASN B 289 29.63 3.93 -19.55
CA ASN B 289 30.66 3.11 -20.19
C ASN B 289 31.42 3.87 -21.27
N LYS B 290 31.65 5.17 -21.06
CA LYS B 290 32.44 5.96 -22.01
C LYS B 290 33.87 5.44 -22.07
N PHE B 291 34.47 5.17 -20.92
CA PHE B 291 35.81 4.60 -20.82
C PHE B 291 35.73 3.19 -20.24
N GLU B 292 36.88 2.51 -20.25
CA GLU B 292 36.94 1.17 -19.68
C GLU B 292 36.74 1.18 -18.17
N THR B 293 37.17 2.26 -17.50
CA THR B 293 37.14 2.35 -16.05
C THR B 293 36.33 3.56 -15.61
N LEU B 294 35.89 3.53 -14.35
CA LEU B 294 35.20 4.70 -13.79
C LEU B 294 36.17 5.81 -13.44
N GLU B 295 37.42 5.48 -13.09
CA GLU B 295 38.40 6.51 -12.78
C GLU B 295 38.59 7.47 -13.94
N GLU B 296 38.68 6.94 -15.16
CA GLU B 296 38.84 7.82 -16.32
C GLU B 296 37.67 8.77 -16.46
N LEU B 297 36.45 8.28 -16.21
CA LEU B 297 35.28 9.14 -16.26
C LEU B 297 35.34 10.23 -15.21
N LEU B 298 35.75 9.89 -13.98
CA LEU B 298 35.79 10.87 -12.90
C LEU B 298 36.80 11.96 -13.18
N LYS B 299 37.99 11.59 -13.68
CA LYS B 299 39.02 12.58 -13.98
C LYS B 299 38.71 13.41 -15.22
N SER B 300 37.71 13.04 -16.01
CA SER B 300 37.43 13.70 -17.26
C SER B 300 36.64 14.99 -17.04
N SER B 301 36.37 15.70 -18.13
CA SER B 301 35.56 16.91 -18.08
C SER B 301 34.09 16.61 -17.82
N LYS B 302 33.68 15.34 -17.87
CA LYS B 302 32.30 14.98 -17.58
C LYS B 302 31.98 15.07 -16.10
N PHE B 303 32.98 15.19 -15.24
CA PHE B 303 32.78 15.28 -13.80
C PHE B 303 33.47 16.50 -13.24
N GLU B 304 32.89 17.05 -12.18
CA GLU B 304 33.43 18.18 -11.45
C GLU B 304 33.95 17.70 -10.10
N HIS B 305 35.11 18.19 -9.70
CA HIS B 305 35.74 17.78 -8.45
C HIS B 305 35.95 18.98 -7.54
N PHE B 306 35.68 18.80 -6.25
CA PHE B 306 36.02 19.79 -5.24
C PHE B 306 36.10 19.08 -3.89
N ASN B 307 36.77 19.75 -2.94
CA ASN B 307 36.97 19.21 -1.61
C ASN B 307 36.01 19.85 -0.62
N ILE B 308 35.61 19.06 0.38
CA ILE B 308 34.75 19.53 1.47
C ILE B 308 35.40 19.12 2.78
N ASN B 309 35.55 20.09 3.69
CA ASN B 309 36.06 19.79 5.02
C ASN B 309 34.94 19.14 5.84
N GLN B 310 35.13 17.87 6.20
CA GLN B 310 34.10 17.14 6.92
C GLN B 310 33.86 17.75 8.30
N ARG B 311 34.89 18.32 8.91
CA ARG B 311 34.74 18.91 10.24
C ARG B 311 33.78 20.10 10.23
N LEU B 312 33.65 20.78 9.10
CA LEU B 312 32.80 21.96 8.98
C LEU B 312 31.37 21.63 8.57
N LEU B 313 31.05 20.35 8.33
CA LEU B 313 29.69 20.00 7.95
C LEU B 313 28.73 20.25 9.10
N SER B 314 27.57 20.79 8.78
CA SER B 314 26.49 20.94 9.75
C SER B 314 25.60 19.70 9.67
N ASP B 315 24.40 19.77 10.28
CA ASP B 315 23.45 18.69 10.12
C ASP B 315 23.00 18.54 8.66
N GLU B 316 23.22 19.55 7.83
CA GLU B 316 22.96 19.47 6.41
C GLU B 316 24.29 19.49 5.65
N TRP B 317 24.39 18.65 4.62
CA TRP B 317 25.58 18.56 3.78
C TRP B 317 25.33 19.37 2.52
N ILE B 318 25.89 20.58 2.46
CA ILE B 318 25.83 21.40 1.25
C ILE B 318 27.14 21.16 0.53
N LEU B 319 27.15 20.15 -0.34
CA LEU B 319 28.35 19.73 -1.06
C LEU B 319 28.37 20.46 -2.40
N VAL B 320 28.89 21.68 -2.39
CA VAL B 320 28.99 22.51 -3.58
C VAL B 320 30.35 23.18 -3.63
N ASN B 321 30.68 23.72 -4.79
CA ASN B 321 31.97 24.37 -4.98
C ASN B 321 31.99 25.72 -4.26
N LYS B 322 33.11 26.43 -4.40
CA LYS B 322 33.29 27.69 -3.69
C LYS B 322 32.34 28.77 -4.20
N ASP B 323 32.11 28.83 -5.51
CA ASP B 323 31.22 29.85 -6.05
C ASP B 323 29.80 29.67 -5.56
N ASP B 324 29.29 28.43 -5.55
CA ASP B 324 27.94 28.18 -5.09
C ASP B 324 27.80 28.49 -3.59
N GLU B 325 28.82 28.14 -2.81
CA GLU B 325 28.75 28.42 -1.37
C GLU B 325 28.67 29.92 -1.09
N THR B 326 29.46 30.73 -1.80
CA THR B 326 29.41 32.17 -1.60
C THR B 326 28.11 32.76 -2.14
N PHE B 327 27.64 32.24 -3.27
CA PHE B 327 26.35 32.66 -3.80
C PHE B 327 25.22 32.33 -2.83
N TYR B 328 25.25 31.11 -2.28
CA TYR B 328 24.26 30.71 -1.29
C TYR B 328 24.32 31.58 -0.04
N ASN B 329 25.53 31.84 0.46
CA ASN B 329 25.66 32.61 1.71
C ASN B 329 25.22 34.05 1.52
N LYS B 330 25.49 34.64 0.36
CA LYS B 330 25.07 36.02 0.13
C LYS B 330 23.55 36.15 0.19
N ILE B 331 22.84 35.20 -0.44
CA ILE B 331 21.38 35.25 -0.42
C ILE B 331 20.85 34.98 0.98
N GLN B 332 21.42 34.00 1.68
CA GLN B 332 20.94 33.66 3.02
C GLN B 332 21.07 34.84 3.96
N GLU B 333 22.19 35.55 3.91
CA GLU B 333 22.41 36.66 4.82
C GLU B 333 21.55 37.87 4.45
N LYS B 334 21.35 38.11 3.15
CA LYS B 334 20.62 39.31 2.73
C LYS B 334 19.14 39.20 3.03
N CYS B 335 18.57 38.01 2.99
CA CYS B 335 17.15 37.80 3.20
C CYS B 335 16.86 37.64 4.69
N LYS B 336 15.96 38.47 5.22
CA LYS B 336 15.64 38.47 6.63
C LYS B 336 14.37 37.71 6.96
N TYR B 337 13.72 37.09 5.96
CA TYR B 337 12.50 36.34 6.17
C TYR B 337 12.60 35.00 5.45
N SER B 338 11.82 34.04 5.92
CA SER B 338 11.64 32.77 5.23
C SER B 338 10.16 32.60 4.91
N LEU B 339 9.87 31.77 3.90
CA LEU B 339 8.49 31.49 3.55
C LEU B 339 7.73 30.93 4.74
N GLU B 340 8.39 30.11 5.55
CA GLU B 340 7.74 29.57 6.74
C GLU B 340 7.32 30.69 7.70
N ASP B 341 8.12 31.76 7.77
CA ASP B 341 7.77 32.88 8.64
C ASP B 341 6.47 33.54 8.21
N ILE B 342 6.25 33.70 6.91
CA ILE B 342 5.20 34.58 6.39
C ILE B 342 4.02 33.81 5.81
N ALA B 343 4.08 32.48 5.72
CA ALA B 343 3.08 31.74 4.98
C ALA B 343 2.62 30.51 5.74
N ILE B 344 1.37 30.11 5.46
CA ILE B 344 0.81 28.85 5.94
C ILE B 344 0.83 27.86 4.78
N SER B 345 1.53 26.75 4.96
CA SER B 345 1.72 25.74 3.93
C SER B 345 0.84 24.52 4.21
N PHE B 346 0.44 23.82 3.16
CA PHE B 346 -0.31 22.58 3.35
C PHE B 346 -0.23 21.71 2.10
N GLN B 347 -0.32 20.39 2.31
CA GLN B 347 -0.34 19.40 1.25
C GLN B 347 -1.76 19.27 0.67
N GLY B 348 -1.84 18.80 -0.56
CA GLY B 348 -3.11 18.66 -1.23
C GLY B 348 -3.98 17.55 -0.66
N ILE B 349 -5.16 17.42 -1.26
CA ILE B 349 -6.10 16.37 -0.87
C ILE B 349 -5.48 15.01 -1.13
N ILE B 350 -5.73 14.06 -0.22
CA ILE B 350 -5.40 12.66 -0.45
C ILE B 350 -6.71 11.89 -0.35
N THR B 351 -7.32 11.58 -1.49
CA THR B 351 -8.59 10.86 -1.47
C THR B 351 -8.44 9.46 -0.91
N GLY B 352 -7.33 8.79 -1.24
CA GLY B 352 -7.12 7.40 -0.92
C GLY B 352 -7.41 6.47 -2.07
N CYS B 353 -8.25 6.89 -3.02
CA CYS B 353 -8.50 6.15 -4.25
C CYS B 353 -9.05 7.14 -5.26
N ASP B 354 -8.15 7.67 -6.12
CA ASP B 354 -8.53 8.80 -6.98
C ASP B 354 -9.59 8.41 -7.99
N LYS B 355 -9.63 7.13 -8.40
CA LYS B 355 -10.59 6.72 -9.41
C LYS B 355 -12.03 6.79 -8.93
N ALA B 356 -12.25 6.83 -7.61
CA ALA B 356 -13.59 6.88 -7.07
C ALA B 356 -14.14 8.29 -6.94
N PHE B 357 -13.27 9.31 -6.85
CA PHE B 357 -13.70 10.67 -6.59
C PHE B 357 -13.36 11.67 -7.68
N ILE B 358 -12.45 11.32 -8.60
CA ILE B 358 -11.99 12.25 -9.63
C ILE B 358 -12.62 11.84 -10.96
N LEU B 359 -13.26 12.80 -11.62
CA LEU B 359 -13.91 12.55 -12.89
C LEU B 359 -13.47 13.59 -13.91
N SER B 360 -13.43 13.16 -15.17
CA SER B 360 -13.17 14.08 -16.26
C SER B 360 -14.27 15.11 -16.36
N LYS B 361 -13.87 16.34 -16.75
CA LYS B 361 -14.82 17.43 -16.87
C LYS B 361 -15.95 17.10 -17.84
N ASP B 362 -15.68 16.24 -18.82
CA ASP B 362 -16.67 15.83 -19.81
C ASP B 362 -17.31 14.48 -19.48
N ASP B 363 -17.09 13.95 -18.28
CA ASP B 363 -17.70 12.68 -17.90
C ASP B 363 -19.19 12.86 -17.66
N VAL B 364 -19.98 11.91 -18.18
CA VAL B 364 -21.44 12.00 -18.07
C VAL B 364 -21.90 11.74 -16.63
N LYS B 365 -21.13 10.97 -15.86
CA LYS B 365 -21.53 10.67 -14.48
C LYS B 365 -21.63 11.92 -13.62
N LEU B 366 -20.98 13.02 -14.02
CA LEU B 366 -21.08 14.26 -13.25
C LEU B 366 -22.49 14.84 -13.26
N ASN B 367 -23.35 14.39 -14.17
CA ASN B 367 -24.76 14.78 -14.13
C ASN B 367 -25.47 14.26 -12.90
N LEU B 368 -24.96 13.18 -12.29
CA LEU B 368 -25.55 12.64 -11.07
C LEU B 368 -25.12 13.40 -9.81
N VAL B 369 -24.08 14.22 -9.91
CA VAL B 369 -23.51 14.89 -8.73
C VAL B 369 -23.99 16.32 -8.70
N ASP B 370 -24.65 16.70 -7.60
CA ASP B 370 -25.04 18.08 -7.38
C ASP B 370 -23.78 18.95 -7.35
N ASP B 371 -23.89 20.14 -7.96
CA ASP B 371 -22.71 20.99 -8.12
C ASP B 371 -22.16 21.48 -6.80
N LYS B 372 -22.95 21.43 -5.72
CA LYS B 372 -22.42 21.81 -4.42
C LYS B 372 -21.31 20.87 -3.94
N PHE B 373 -21.24 19.66 -4.49
CA PHE B 373 -20.22 18.68 -4.13
C PHE B 373 -18.96 18.77 -4.98
N LEU B 374 -18.97 19.54 -6.06
CA LEU B 374 -17.92 19.48 -7.06
C LEU B 374 -16.89 20.58 -6.84
N LYS B 375 -15.62 20.21 -6.98
CA LYS B 375 -14.50 21.15 -6.88
C LYS B 375 -13.60 20.98 -8.10
N CYS B 376 -12.95 22.07 -8.49
CA CYS B 376 -11.98 22.00 -9.59
C CYS B 376 -10.72 21.28 -9.13
N TRP B 377 -10.16 20.46 -10.02
CA TRP B 377 -9.09 19.54 -9.68
C TRP B 377 -7.98 19.70 -10.71
N ILE B 378 -6.77 19.99 -10.26
CA ILE B 378 -5.62 20.17 -11.15
C ILE B 378 -4.54 19.19 -10.74
N LYS B 379 -3.62 18.95 -11.68
CA LYS B 379 -2.48 18.09 -11.45
C LYS B 379 -1.20 18.90 -11.58
N SER B 380 -0.07 18.27 -11.26
CA SER B 380 1.20 18.99 -11.23
C SER B 380 1.52 19.63 -12.57
N LYS B 381 1.12 19.02 -13.68
CA LYS B 381 1.43 19.56 -15.00
C LYS B 381 0.60 20.80 -15.34
N ASN B 382 -0.43 21.11 -14.55
CA ASN B 382 -1.22 22.31 -14.79
C ASN B 382 -0.53 23.57 -14.27
N ILE B 383 0.51 23.44 -13.45
CA ILE B 383 1.14 24.59 -12.82
C ILE B 383 2.19 25.15 -13.76
N ASN B 384 2.02 26.41 -14.15
CA ASN B 384 3.04 27.17 -14.85
C ASN B 384 3.63 28.20 -13.91
N LYS B 385 4.62 28.93 -14.41
CA LYS B 385 5.01 30.15 -13.72
C LYS B 385 3.86 31.14 -13.75
N TYR B 386 3.53 31.67 -12.57
CA TYR B 386 2.61 32.77 -12.33
C TYR B 386 1.11 32.48 -12.47
N ILE B 387 0.71 31.39 -13.15
CA ILE B 387 -0.71 31.09 -13.34
C ILE B 387 -0.90 29.60 -13.59
N VAL B 388 -2.13 29.14 -13.42
CA VAL B 388 -2.51 27.74 -13.50
C VAL B 388 -3.39 27.52 -14.72
N ASP B 389 -3.14 26.42 -15.43
CA ASP B 389 -3.95 26.05 -16.57
C ASP B 389 -5.39 25.74 -16.13
N LYS B 390 -6.31 25.89 -17.08
CA LYS B 390 -7.70 25.53 -16.82
C LYS B 390 -7.81 24.07 -16.43
N SER B 391 -8.57 23.80 -15.37
CA SER B 391 -8.68 22.45 -14.85
C SER B 391 -9.51 21.57 -15.78
N GLU B 392 -9.08 20.31 -15.93
CA GLU B 392 -9.77 19.33 -16.76
C GLU B 392 -10.50 18.26 -15.96
N TYR B 393 -10.42 18.31 -14.62
CA TYR B 393 -11.03 17.30 -13.77
C TYR B 393 -11.85 17.95 -12.67
N ARG B 394 -12.80 17.19 -12.15
CA ARG B 394 -13.64 17.63 -11.03
C ARG B 394 -13.53 16.62 -9.90
N LEU B 395 -13.53 17.11 -8.67
CA LEU B 395 -13.44 16.30 -7.47
C LEU B 395 -14.79 16.27 -6.78
N ILE B 396 -15.25 15.08 -6.41
CA ILE B 396 -16.47 14.91 -5.62
C ILE B 396 -16.06 14.98 -4.16
N TYR B 397 -16.27 16.15 -3.52
CA TYR B 397 -15.88 16.33 -2.13
C TYR B 397 -16.89 15.57 -1.27
N SER B 398 -16.70 14.26 -1.20
CA SER B 398 -17.68 13.35 -0.61
C SER B 398 -17.87 13.53 0.88
N ASN B 399 -16.96 14.23 1.56
CA ASN B 399 -17.12 14.47 2.99
C ASN B 399 -18.39 15.27 3.29
N ASP B 400 -18.87 16.05 2.33
CA ASP B 400 -20.10 16.82 2.49
C ASP B 400 -21.35 16.00 2.22
N ILE B 401 -21.22 14.73 1.85
CA ILE B 401 -22.37 13.84 1.76
C ILE B 401 -22.63 13.29 3.16
N ASP B 402 -23.79 13.65 3.72
CA ASP B 402 -24.07 13.40 5.14
C ASP B 402 -24.67 12.03 5.39
N ASN B 403 -25.81 11.74 4.77
CA ASN B 403 -26.51 10.48 4.95
C ASN B 403 -26.45 9.68 3.66
N GLU B 404 -26.26 8.37 3.80
CA GLU B 404 -26.19 7.50 2.64
C GLU B 404 -27.51 7.44 1.87
N ASN B 405 -28.62 7.83 2.48
CA ASN B 405 -29.93 7.77 1.84
C ASN B 405 -30.22 9.01 0.99
N THR B 406 -29.75 10.19 1.42
CA THR B 406 -30.09 11.42 0.73
C THR B 406 -29.43 11.50 -0.65
N ASN B 407 -28.25 10.90 -0.82
CA ASN B 407 -27.48 10.97 -2.06
C ASN B 407 -27.11 9.58 -2.54
N LYS B 408 -28.10 8.68 -2.58
CA LYS B 408 -27.83 7.27 -2.88
C LYS B 408 -27.25 7.08 -4.29
N ARG B 409 -27.68 7.88 -5.26
CA ARG B 409 -27.23 7.69 -6.64
C ARG B 409 -25.73 7.84 -6.77
N ILE B 410 -25.15 8.85 -6.12
CA ILE B 410 -23.70 9.06 -6.20
C ILE B 410 -22.95 7.89 -5.59
N LEU B 411 -23.43 7.39 -4.45
CA LEU B 411 -22.72 6.31 -3.77
C LEU B 411 -22.78 5.00 -4.53
N ASP B 412 -23.89 4.71 -5.20
CA ASP B 412 -24.03 3.42 -5.87
C ASP B 412 -23.38 3.41 -7.25
N GLU B 413 -23.44 4.52 -7.98
CA GLU B 413 -23.02 4.55 -9.37
C GLU B 413 -21.62 5.11 -9.59
N ILE B 414 -21.06 5.85 -8.63
CA ILE B 414 -19.76 6.46 -8.86
C ILE B 414 -18.75 5.99 -7.83
N ILE B 415 -18.98 6.34 -6.56
CA ILE B 415 -17.99 6.05 -5.53
C ILE B 415 -17.97 4.56 -5.18
N GLY B 416 -19.16 3.94 -5.09
CA GLY B 416 -19.27 2.55 -4.67
C GLY B 416 -18.67 1.55 -5.62
N LEU B 417 -18.34 1.97 -6.85
CA LEU B 417 -17.62 1.09 -7.76
C LEU B 417 -16.27 0.67 -7.19
N TYR B 418 -15.75 1.40 -6.20
CA TYR B 418 -14.47 1.11 -5.58
C TYR B 418 -14.61 0.89 -4.07
N LYS B 419 -15.80 0.48 -3.63
CA LYS B 419 -16.06 0.38 -2.20
C LYS B 419 -15.09 -0.57 -1.51
N THR B 420 -14.75 -1.68 -2.17
CA THR B 420 -13.84 -2.64 -1.56
C THR B 420 -12.48 -2.02 -1.29
N LYS B 421 -11.91 -1.32 -2.29
CA LYS B 421 -10.64 -0.65 -2.09
C LYS B 421 -10.75 0.46 -1.06
N LEU B 422 -11.87 1.19 -1.08
CA LEU B 422 -12.07 2.28 -0.12
C LEU B 422 -12.12 1.76 1.31
N GLU B 423 -12.75 0.60 1.51
CA GLU B 423 -12.84 0.02 2.86
C GLU B 423 -11.52 -0.53 3.37
N ASN B 424 -10.52 -0.70 2.51
CA ASN B 424 -9.22 -1.17 2.93
C ASN B 424 -8.29 -0.04 3.40
N ARG B 425 -8.73 1.22 3.29
CA ARG B 425 -7.95 2.33 3.80
C ARG B 425 -7.92 2.30 5.33
N ARG B 426 -6.79 2.75 5.88
CA ARG B 426 -6.53 2.57 7.31
C ARG B 426 -7.62 3.19 8.16
N GLU B 427 -8.01 4.43 7.85
CA GLU B 427 -8.99 5.12 8.68
C GLU B 427 -10.38 4.51 8.57
N CYS B 428 -10.68 3.81 7.47
CA CYS B 428 -11.96 3.11 7.39
C CYS B 428 -11.97 1.87 8.27
N LYS B 429 -10.88 1.10 8.26
CA LYS B 429 -10.81 -0.10 9.09
C LYS B 429 -10.80 0.24 10.57
N SER B 430 -10.23 1.39 10.95
CA SER B 430 -10.30 1.83 12.34
C SER B 430 -11.68 2.39 12.70
N GLY B 431 -12.49 2.73 11.69
CA GLY B 431 -13.86 3.13 11.91
C GLY B 431 -14.11 4.63 11.98
N ILE B 432 -13.05 5.45 11.93
CA ILE B 432 -13.24 6.89 12.07
C ILE B 432 -13.59 7.57 10.76
N ARG B 433 -13.46 6.87 9.63
CA ARG B 433 -13.76 7.44 8.32
C ARG B 433 -14.79 6.55 7.62
N LYS B 434 -15.87 7.16 7.14
CA LYS B 434 -16.87 6.42 6.38
C LYS B 434 -16.26 5.91 5.09
N TRP B 435 -16.79 4.79 4.59
CA TRP B 435 -16.19 4.14 3.44
C TRP B 435 -16.19 5.04 2.21
N TYR B 436 -17.13 5.97 2.13
CA TYR B 436 -17.27 6.83 0.96
C TYR B 436 -16.62 8.19 1.14
N GLU B 437 -16.02 8.48 2.29
CA GLU B 437 -15.43 9.78 2.54
C GLU B 437 -14.00 9.84 2.01
N LEU B 438 -13.53 11.07 1.78
CA LEU B 438 -12.13 11.27 1.44
C LEU B 438 -11.24 10.91 2.63
N GLN B 439 -10.14 10.22 2.35
CA GLN B 439 -9.26 9.79 3.43
C GLN B 439 -8.67 10.98 4.17
N TRP B 440 -8.16 11.98 3.43
CA TRP B 440 -7.66 13.23 4.01
C TRP B 440 -8.28 14.38 3.23
N GLY B 441 -9.47 14.80 3.66
CA GLY B 441 -10.14 15.89 2.98
C GLY B 441 -9.59 17.27 3.29
N ARG B 442 -8.70 17.37 4.27
CA ARG B 442 -8.06 18.64 4.66
C ARG B 442 -9.17 19.65 5.00
N GLU B 443 -8.91 20.93 4.77
CA GLU B 443 -9.86 22.00 5.07
C GLU B 443 -10.20 22.71 3.76
N LYS B 444 -11.49 22.76 3.42
CA LYS B 444 -11.92 23.44 2.21
C LYS B 444 -11.59 24.92 2.27
N LEU B 445 -11.74 25.54 3.44
CA LEU B 445 -11.44 26.97 3.59
C LEU B 445 -9.99 27.30 3.25
N PHE B 446 -9.08 26.32 3.32
CA PHE B 446 -7.70 26.55 2.89
C PHE B 446 -7.57 26.55 1.38
N PHE B 447 -8.38 25.77 0.67
CA PHE B 447 -8.29 25.68 -0.78
C PHE B 447 -9.10 26.73 -1.50
N GLU B 448 -10.22 27.15 -0.92
CA GLU B 448 -11.16 28.07 -1.58
C GLU B 448 -10.85 29.52 -1.20
N ARG B 449 -9.66 29.95 -1.62
CA ARG B 449 -9.15 31.29 -1.36
C ARG B 449 -8.00 31.54 -2.31
N LYS B 450 -7.61 32.80 -2.42
CA LYS B 450 -6.41 33.13 -3.20
C LYS B 450 -5.19 32.52 -2.55
N LYS B 451 -4.35 31.87 -3.35
CA LYS B 451 -3.21 31.15 -2.81
C LYS B 451 -2.20 30.91 -3.92
N ILE B 452 -1.02 30.44 -3.52
CA ILE B 452 0.06 30.10 -4.44
C ILE B 452 0.23 28.59 -4.44
N MET B 453 0.32 28.00 -5.64
CA MET B 453 0.44 26.56 -5.80
C MET B 453 1.68 26.24 -6.64
N TYR B 454 2.32 25.10 -6.35
CA TYR B 454 3.50 24.69 -7.08
C TYR B 454 3.55 23.16 -7.17
N PRO B 455 4.12 22.61 -8.23
CA PRO B 455 4.19 21.15 -8.36
C PRO B 455 5.17 20.54 -7.36
N TYR B 456 4.87 19.31 -6.94
CA TYR B 456 5.71 18.67 -5.93
C TYR B 456 7.01 18.13 -6.52
N LYS B 457 7.06 17.92 -7.83
CA LYS B 457 8.26 17.49 -8.52
C LYS B 457 8.34 18.25 -9.82
N SER B 458 9.49 18.85 -10.09
CA SER B 458 9.62 19.72 -11.26
C SER B 458 11.09 19.89 -11.61
N ASN B 459 11.31 20.33 -12.85
CA ASN B 459 12.64 20.69 -13.33
C ASN B 459 13.03 22.12 -12.99
N GLU B 460 12.08 22.95 -12.55
CA GLU B 460 12.34 24.37 -12.35
C GLU B 460 11.29 24.93 -11.40
N ASN B 461 11.56 26.15 -10.91
CA ASN B 461 10.60 26.85 -10.06
C ASN B 461 9.35 27.17 -10.86
N ARG B 462 8.20 26.68 -10.40
CA ARG B 462 6.91 26.99 -11.02
C ARG B 462 5.94 27.34 -9.89
N PHE B 463 5.89 28.61 -9.51
CA PHE B 463 5.00 29.09 -8.47
C PHE B 463 3.93 29.96 -9.11
N ALA B 464 2.67 29.57 -8.93
CA ALA B 464 1.56 30.22 -9.61
C ALA B 464 0.53 30.71 -8.62
N ILE B 465 -0.05 31.87 -8.91
CA ILE B 465 -1.19 32.37 -8.14
C ILE B 465 -2.44 31.67 -8.63
N ASP B 466 -3.18 31.06 -7.71
CA ASP B 466 -4.45 30.42 -8.02
C ASP B 466 -5.60 31.33 -7.62
N TYR B 467 -6.37 31.77 -8.59
CA TYR B 467 -7.56 32.59 -8.36
C TYR B 467 -8.85 31.78 -8.39
N ASP B 468 -8.79 30.48 -8.72
CA ASP B 468 -9.97 29.75 -9.13
C ASP B 468 -10.40 28.67 -8.13
N ASN B 469 -9.93 28.74 -6.89
CA ASN B 469 -10.29 27.78 -5.85
C ASN B 469 -9.99 26.35 -6.28
N ASN B 470 -8.81 26.14 -6.86
CA ASN B 470 -8.42 24.82 -7.34
C ASN B 470 -8.04 23.91 -6.19
N PHE B 471 -8.62 22.73 -6.16
CA PHE B 471 -8.16 21.64 -5.33
C PHE B 471 -7.14 20.82 -6.10
N SER B 472 -6.40 19.98 -5.38
CA SER B 472 -5.40 19.12 -6.00
C SER B 472 -5.06 17.99 -5.05
N SER B 473 -4.37 17.00 -5.59
CA SER B 473 -3.82 15.91 -4.79
C SER B 473 -2.47 16.33 -4.23
N ALA B 474 -1.72 15.38 -3.68
CA ALA B 474 -0.45 15.66 -3.05
C ALA B 474 0.69 15.85 -4.05
N ASP B 475 0.40 15.88 -5.35
CA ASP B 475 1.38 16.27 -6.36
C ASP B 475 1.45 17.78 -6.55
N VAL B 476 0.62 18.54 -5.85
CA VAL B 476 0.63 19.99 -5.88
C VAL B 476 0.53 20.49 -4.44
N TYR B 477 1.48 21.32 -4.03
CA TYR B 477 1.43 21.96 -2.72
C TYR B 477 0.92 23.39 -2.85
N SER B 478 0.45 23.93 -1.73
CA SER B 478 -0.12 25.26 -1.70
C SER B 478 0.37 26.00 -0.47
N PHE B 479 0.36 27.33 -0.55
CA PHE B 479 0.47 28.14 0.65
C PHE B 479 -0.25 29.46 0.41
N PHE B 480 -0.70 30.07 1.51
CA PHE B 480 -1.20 31.42 1.49
C PHE B 480 -0.45 32.23 2.54
N ILE B 481 -0.51 33.55 2.37
CA ILE B 481 0.24 34.46 3.22
C ILE B 481 -0.52 34.71 4.52
N LYS B 482 0.20 34.67 5.64
CA LYS B 482 -0.40 34.95 6.94
C LYS B 482 -0.97 36.36 6.96
N GLU B 483 -2.06 36.54 7.73
CA GLU B 483 -2.73 37.84 7.76
C GLU B 483 -1.78 38.93 8.21
N GLU B 484 -0.94 38.66 9.22
CA GLU B 484 -0.08 39.68 9.78
C GLU B 484 1.08 40.06 8.86
N TYR B 485 1.28 39.34 7.76
CA TYR B 485 2.35 39.66 6.82
C TYR B 485 1.83 40.22 5.50
N LEU B 486 0.51 40.34 5.33
CA LEU B 486 -0.04 40.84 4.08
C LEU B 486 0.36 42.28 3.82
N ASP B 487 0.60 43.07 4.87
CA ASP B 487 1.06 44.44 4.66
C ASP B 487 2.50 44.51 4.16
N LYS B 488 3.27 43.43 4.31
CA LYS B 488 4.67 43.40 3.89
C LYS B 488 4.90 42.65 2.59
N PHE B 489 4.17 41.55 2.35
CA PHE B 489 4.37 40.73 1.17
C PHE B 489 3.05 40.44 0.48
N SER B 490 3.04 40.56 -0.83
CA SER B 490 1.89 40.24 -1.65
C SER B 490 2.18 39.02 -2.52
N TYR B 491 1.10 38.36 -2.96
CA TYR B 491 1.26 37.17 -3.80
C TYR B 491 1.99 37.50 -5.09
N GLU B 492 1.70 38.67 -5.68
CA GLU B 492 2.36 39.06 -6.93
C GLU B 492 3.86 39.25 -6.74
N TYR B 493 4.27 39.82 -5.61
CA TYR B 493 5.69 39.94 -5.32
C TYR B 493 6.34 38.58 -5.12
N LEU B 494 5.68 37.67 -4.40
CA LEU B 494 6.28 36.37 -4.09
C LEU B 494 6.50 35.55 -5.36
N VAL B 495 5.47 35.44 -6.22
CA VAL B 495 5.68 34.70 -7.46
C VAL B 495 6.70 35.42 -8.34
N GLY B 496 6.83 36.74 -8.18
CA GLY B 496 7.83 37.47 -8.94
C GLY B 496 9.24 37.03 -8.61
N ILE B 497 9.57 36.92 -7.32
CA ILE B 497 10.93 36.52 -6.98
C ILE B 497 11.10 35.01 -7.03
N LEU B 498 10.05 34.25 -6.69
CA LEU B 498 10.19 32.79 -6.64
C LEU B 498 10.38 32.17 -8.02
N ASN B 499 9.94 32.85 -9.08
CA ASN B 499 10.09 32.35 -10.43
C ASN B 499 11.32 32.91 -11.14
N SER B 500 12.12 33.71 -10.46
CA SER B 500 13.26 34.37 -11.09
C SER B 500 14.40 33.37 -11.33
N SER B 501 15.31 33.77 -12.22
CA SER B 501 16.50 32.96 -12.45
C SER B 501 17.31 32.79 -11.17
N VAL B 502 17.36 33.83 -10.34
CA VAL B 502 18.15 33.77 -9.11
C VAL B 502 17.60 32.69 -8.18
N TYR B 503 16.28 32.71 -7.95
CA TYR B 503 15.69 31.78 -6.99
C TYR B 503 15.59 30.36 -7.52
N ASP B 504 15.60 30.17 -8.84
CA ASP B 504 15.70 28.81 -9.38
C ASP B 504 17.06 28.21 -9.06
N LYS B 505 18.13 28.96 -9.33
CA LYS B 505 19.47 28.50 -8.98
C LYS B 505 19.64 28.40 -7.46
N TYR B 506 19.09 29.37 -6.72
CA TYR B 506 19.22 29.38 -5.27
C TYR B 506 18.54 28.15 -4.63
N PHE B 507 17.33 27.82 -5.08
CA PHE B 507 16.66 26.66 -4.52
C PHE B 507 17.40 25.37 -4.85
N LYS B 508 17.88 25.24 -6.08
CA LYS B 508 18.50 23.99 -6.52
C LYS B 508 19.86 23.75 -5.89
N ILE B 509 20.42 24.72 -5.16
CA ILE B 509 21.69 24.49 -4.48
C ILE B 509 21.53 23.44 -3.39
N THR B 510 20.40 23.44 -2.69
CA THR B 510 20.15 22.50 -1.61
C THR B 510 18.97 21.57 -1.89
N ALA B 511 18.34 21.67 -3.05
CA ALA B 511 17.14 20.90 -3.32
C ALA B 511 17.47 19.41 -3.49
N LYS B 512 16.44 18.59 -3.30
CA LYS B 512 16.57 17.13 -3.35
C LYS B 512 16.41 16.68 -4.79
N LYS B 513 17.52 16.27 -5.41
CA LYS B 513 17.50 15.79 -6.78
C LYS B 513 16.98 14.36 -6.82
N MET B 514 15.83 14.15 -7.47
CA MET B 514 15.13 12.87 -7.49
C MET B 514 15.49 12.00 -8.69
N SER B 515 15.40 12.54 -9.89
CA SER B 515 15.71 11.81 -11.11
C SER B 515 16.13 12.83 -12.17
N LYS B 516 16.27 12.36 -13.40
CA LYS B 516 16.73 13.22 -14.48
C LYS B 516 15.80 14.42 -14.65
N ASN B 517 16.34 15.62 -14.43
CA ASN B 517 15.59 16.88 -14.55
C ASN B 517 14.40 16.95 -13.61
N ILE B 518 14.50 16.34 -12.43
CA ILE B 518 13.42 16.40 -11.45
C ILE B 518 14.01 16.67 -10.08
N TYR B 519 13.54 17.74 -9.44
CA TYR B 519 13.79 18.01 -8.03
C TYR B 519 12.49 17.90 -7.26
N ASP B 520 12.59 17.51 -5.99
CA ASP B 520 11.44 17.62 -5.09
C ASP B 520 11.20 19.08 -4.75
N TYR B 521 9.97 19.53 -4.91
CA TYR B 521 9.51 20.81 -4.38
C TYR B 521 8.51 20.49 -3.28
N TYR B 522 9.04 20.23 -2.10
CA TYR B 522 8.26 19.88 -0.91
C TYR B 522 8.42 20.97 0.14
N PRO B 523 7.44 21.13 1.02
CA PRO B 523 7.54 22.17 2.05
C PRO B 523 8.77 22.05 2.93
N ASN B 524 9.29 20.83 3.16
CA ASN B 524 10.43 20.69 4.06
C ASN B 524 11.66 21.41 3.52
N LYS B 525 11.67 21.78 2.25
CA LYS B 525 12.71 22.65 1.72
C LYS B 525 12.17 23.95 1.13
N VAL B 526 10.99 23.92 0.50
CA VAL B 526 10.44 25.13 -0.11
C VAL B 526 10.16 26.19 0.95
N MET B 527 9.59 25.78 2.08
CA MET B 527 9.30 26.74 3.13
C MET B 527 10.56 27.32 3.76
N LYS B 528 11.71 26.71 3.53
CA LYS B 528 12.96 27.27 4.02
C LYS B 528 13.57 28.30 3.06
N ILE B 529 12.99 28.48 1.87
CA ILE B 529 13.43 29.53 0.97
C ILE B 529 13.33 30.87 1.67
N ARG B 530 14.38 31.68 1.54
CA ARG B 530 14.47 32.94 2.25
C ARG B 530 14.09 34.09 1.34
N ILE B 531 13.33 35.04 1.89
CA ILE B 531 12.71 36.13 1.15
C ILE B 531 13.28 37.45 1.66
N PHE B 532 13.41 38.42 0.76
CA PHE B 532 13.91 39.74 1.09
C PHE B 532 12.86 40.79 0.75
N ARG B 533 13.05 41.98 1.34
CA ARG B 533 12.14 43.11 1.11
C ARG B 533 12.98 44.37 1.19
N ASP B 534 13.11 45.10 0.08
CA ASP B 534 13.96 46.27 0.04
C ASP B 534 13.37 47.29 -0.93
N ASN B 535 14.21 48.27 -1.34
CA ASN B 535 13.75 49.36 -2.19
C ASN B 535 13.27 48.90 -3.56
N ASN B 536 13.61 47.69 -3.99
CA ASN B 536 13.17 47.19 -5.28
C ASN B 536 11.78 46.57 -5.23
N TYR B 537 11.14 46.55 -4.07
CA TYR B 537 9.89 45.80 -3.90
C TYR B 537 8.84 46.21 -4.93
N GLU B 538 8.58 47.52 -5.04
CA GLU B 538 7.46 47.98 -5.86
C GLU B 538 7.69 47.69 -7.34
N GLU B 539 8.92 47.87 -7.83
CA GLU B 539 9.20 47.62 -9.24
C GLU B 539 9.15 46.13 -9.55
N ILE B 540 9.66 45.29 -8.65
CA ILE B 540 9.52 43.84 -8.83
C ILE B 540 8.06 43.46 -8.85
N GLU B 541 7.27 44.00 -7.93
CA GLU B 541 5.84 43.68 -7.87
C GLU B 541 5.13 44.12 -9.15
N ASN B 542 5.44 45.33 -9.62
CA ASN B 542 4.76 45.83 -10.82
C ASN B 542 5.12 44.99 -12.03
N LEU B 543 6.38 44.56 -12.15
CA LEU B 543 6.77 43.69 -13.26
C LEU B 543 6.02 42.37 -13.19
N SER B 544 5.87 41.82 -11.99
CA SER B 544 5.11 40.59 -11.82
C SER B 544 3.65 40.78 -12.22
N LYS B 545 3.03 41.88 -11.80
CA LYS B 545 1.64 42.16 -12.19
C LYS B 545 1.53 42.29 -13.70
N GLN B 546 2.50 42.94 -14.32
CA GLN B 546 2.49 43.11 -15.77
C GLN B 546 2.57 41.77 -16.49
N ILE B 547 3.43 40.87 -16.00
CA ILE B 547 3.57 39.55 -16.60
C ILE B 547 2.27 38.75 -16.44
N ILE B 548 1.70 38.77 -15.23
CA ILE B 548 0.43 38.07 -14.99
C ILE B 548 -0.63 38.59 -15.95
N SER B 549 -0.71 39.90 -16.12
CA SER B 549 -1.72 40.48 -16.98
C SER B 549 -1.54 40.04 -18.44
N ILE B 550 -0.30 39.95 -18.90
CA ILE B 550 -0.06 39.48 -20.27
C ILE B 550 -0.45 38.03 -20.42
N LEU B 551 -0.09 37.19 -19.44
CA LEU B 551 -0.37 35.75 -19.56
C LEU B 551 -1.87 35.47 -19.57
N LEU B 552 -2.67 36.33 -18.92
CA LEU B 552 -4.11 36.15 -18.91
C LEU B 552 -4.80 36.78 -20.11
N ASN B 553 -4.06 37.49 -20.96
CA ASN B 553 -4.66 38.21 -22.08
C ASN B 553 -5.10 37.24 -23.18
N LYS B 554 -5.86 37.77 -24.13
CA LYS B 554 -6.31 36.95 -25.25
C LYS B 554 -5.14 36.56 -26.15
N SER B 555 -4.31 37.53 -26.54
CA SER B 555 -3.07 37.26 -27.26
C SER B 555 -1.91 37.37 -26.28
N ILE B 556 -1.14 36.30 -26.13
CA ILE B 556 -0.01 36.29 -25.22
C ILE B 556 1.25 36.62 -26.01
N ASP B 557 1.95 37.68 -25.58
CA ASP B 557 3.21 38.11 -26.18
C ASP B 557 4.33 37.46 -25.38
N LYS B 558 4.78 36.29 -25.82
CA LYS B 558 5.85 35.59 -25.11
C LYS B 558 7.13 36.41 -25.07
N GLY B 559 7.38 37.21 -26.11
CA GLY B 559 8.57 38.05 -26.11
C GLY B 559 8.53 39.14 -25.05
N LYS B 560 7.35 39.76 -24.87
CA LYS B 560 7.23 40.82 -23.86
C LYS B 560 7.38 40.25 -22.45
N VAL B 561 6.85 39.06 -22.20
CA VAL B 561 7.02 38.43 -20.90
C VAL B 561 8.50 38.19 -20.62
N GLU B 562 9.24 37.72 -21.63
CA GLU B 562 10.66 37.43 -21.46
C GLU B 562 11.44 38.69 -21.13
N LYS B 563 11.14 39.80 -21.81
CA LYS B 563 11.84 41.05 -21.51
C LYS B 563 11.54 41.54 -20.10
N LEU B 564 10.28 41.44 -19.68
CA LEU B 564 9.93 41.79 -18.30
C LEU B 564 10.62 40.86 -17.30
N GLN B 565 10.66 39.57 -17.62
CA GLN B 565 11.31 38.61 -16.72
C GLN B 565 12.81 38.90 -16.58
N ILE B 566 13.48 39.21 -17.68
CA ILE B 566 14.91 39.55 -17.61
C ILE B 566 15.11 40.81 -16.78
N LYS B 567 14.23 41.81 -16.97
CA LYS B 567 14.30 43.03 -16.18
C LYS B 567 14.13 42.74 -14.70
N MET B 568 13.21 41.82 -14.36
CA MET B 568 13.01 41.45 -12.97
C MET B 568 14.20 40.64 -12.44
N ASP B 569 14.76 39.77 -13.28
CA ASP B 569 15.93 39.00 -12.85
C ASP B 569 17.08 39.91 -12.46
N ASN B 570 17.33 40.95 -13.25
CA ASN B 570 18.41 41.88 -12.94
C ASN B 570 18.12 42.66 -11.65
N LEU B 571 16.86 43.03 -11.43
CA LEU B 571 16.51 43.74 -10.20
C LEU B 571 16.79 42.88 -8.97
N ILE B 572 16.44 41.60 -9.03
CA ILE B 572 16.66 40.70 -7.90
C ILE B 572 18.15 40.43 -7.72
N MET B 573 18.90 40.30 -8.82
CA MET B 573 20.35 40.19 -8.71
C MET B 573 20.94 41.42 -8.05
N ASP B 574 20.48 42.60 -8.43
CA ASP B 574 20.95 43.83 -7.80
C ASP B 574 20.58 43.87 -6.32
N SER B 575 19.36 43.44 -5.98
CA SER B 575 18.93 43.49 -4.59
C SER B 575 19.78 42.59 -3.70
N LEU B 576 20.09 41.38 -4.18
CA LEU B 576 20.77 40.39 -3.36
C LEU B 576 22.29 40.53 -3.41
N GLY B 577 22.82 41.51 -4.13
CA GLY B 577 24.25 41.68 -4.21
C GLY B 577 24.98 40.61 -4.99
N ILE B 578 24.34 40.07 -6.04
CA ILE B 578 24.96 39.06 -6.89
C ILE B 578 25.31 39.68 -8.23
N GLY C 29 -13.27 -24.26 -43.53
CA GLY C 29 -12.59 -24.45 -42.27
C GLY C 29 -13.00 -25.72 -41.53
N ILE C 30 -13.61 -26.65 -42.26
CA ILE C 30 -14.05 -27.93 -41.71
C ILE C 30 -13.11 -29.02 -42.23
N TYR C 31 -12.63 -29.86 -41.31
CA TYR C 31 -11.65 -30.89 -41.63
C TYR C 31 -12.21 -32.28 -41.33
N TYR C 32 -11.94 -33.21 -42.25
CA TYR C 32 -12.42 -34.58 -42.12
C TYR C 32 -11.41 -35.40 -41.34
N THR C 33 -11.81 -35.89 -40.17
CA THR C 33 -10.97 -36.78 -39.36
C THR C 33 -11.14 -38.21 -39.83
N PRO C 34 -10.05 -38.95 -40.07
CA PRO C 34 -10.17 -40.32 -40.58
C PRO C 34 -10.99 -41.20 -39.64
N LYS C 35 -11.74 -42.13 -40.25
CA LYS C 35 -12.63 -42.99 -39.47
C LYS C 35 -11.86 -43.81 -38.45
N ILE C 36 -10.62 -44.19 -38.77
CA ILE C 36 -9.81 -44.97 -37.84
C ILE C 36 -9.49 -44.15 -36.58
N ILE C 37 -9.24 -42.85 -36.75
CA ILE C 37 -8.97 -41.99 -35.60
C ILE C 37 -10.24 -41.82 -34.76
N VAL C 38 -11.38 -41.57 -35.42
CA VAL C 38 -12.63 -41.32 -34.70
C VAL C 38 -13.04 -42.55 -33.90
N ASP C 39 -12.95 -43.74 -34.51
CA ASP C 39 -13.33 -44.96 -33.81
C ASP C 39 -12.47 -45.18 -32.58
N TYR C 40 -11.16 -44.96 -32.70
CA TYR C 40 -10.25 -45.15 -31.58
C TYR C 40 -10.56 -44.19 -30.43
N ILE C 41 -10.87 -42.93 -30.75
CA ILE C 41 -11.13 -41.93 -29.71
C ILE C 41 -12.46 -42.21 -29.00
N VAL C 42 -13.50 -42.54 -29.77
CA VAL C 42 -14.79 -42.88 -29.15
C VAL C 42 -14.65 -44.12 -28.29
N LYS C 43 -13.93 -45.14 -28.79
CA LYS C 43 -13.68 -46.35 -28.01
C LYS C 43 -12.90 -46.02 -26.73
N LYS C 44 -11.91 -45.14 -26.82
CA LYS C 44 -11.07 -44.85 -25.66
C LYS C 44 -11.85 -44.25 -24.50
N THR C 45 -12.93 -43.54 -24.79
CA THR C 45 -13.71 -42.89 -23.74
C THR C 45 -14.82 -43.77 -23.19
N LEU C 46 -15.56 -44.47 -24.05
CA LEU C 46 -16.74 -45.21 -23.65
C LEU C 46 -16.48 -46.71 -23.45
N LYS C 47 -15.21 -47.12 -23.38
CA LYS C 47 -14.89 -48.54 -23.32
C LYS C 47 -15.43 -49.18 -22.03
N ASN C 48 -15.37 -48.45 -20.92
CA ASN C 48 -15.64 -49.03 -19.61
C ASN C 48 -16.76 -48.30 -18.87
N HIS C 49 -17.77 -47.81 -19.58
CA HIS C 49 -18.91 -47.16 -18.95
C HIS C 49 -19.96 -48.21 -18.59
N ASP C 50 -20.23 -48.35 -17.29
CA ASP C 50 -21.27 -49.25 -16.80
C ASP C 50 -22.61 -48.58 -17.06
N ILE C 51 -23.21 -48.92 -18.21
CA ILE C 51 -24.45 -48.26 -18.63
C ILE C 51 -25.59 -48.57 -17.66
N ILE C 52 -25.52 -49.70 -16.96
CA ILE C 52 -26.54 -50.01 -15.97
C ILE C 52 -26.42 -49.08 -14.77
N LYS C 53 -25.19 -48.81 -14.32
CA LYS C 53 -25.00 -47.94 -13.16
C LYS C 53 -25.34 -46.49 -13.48
N ASN C 54 -24.86 -45.99 -14.62
CA ASN C 54 -25.12 -44.62 -15.06
C ASN C 54 -25.75 -44.67 -16.44
N PRO C 55 -27.09 -44.71 -16.53
CA PRO C 55 -27.76 -44.73 -17.84
C PRO C 55 -27.94 -43.36 -18.48
N TYR C 56 -27.38 -42.30 -17.91
CA TYR C 56 -27.51 -40.95 -18.45
C TYR C 56 -26.13 -40.34 -18.64
N PRO C 57 -25.36 -40.83 -19.61
CA PRO C 57 -24.06 -40.22 -19.88
C PRO C 57 -24.20 -39.00 -20.79
N ARG C 58 -23.37 -38.00 -20.55
CA ARG C 58 -23.36 -36.79 -21.36
C ARG C 58 -22.04 -36.76 -22.15
N ILE C 59 -22.12 -37.02 -23.45
CA ILE C 59 -20.97 -37.01 -24.34
C ILE C 59 -21.03 -35.75 -25.19
N LEU C 60 -19.91 -35.03 -25.26
CA LEU C 60 -19.86 -33.71 -25.85
C LEU C 60 -18.73 -33.59 -26.86
N ASP C 61 -18.97 -32.82 -27.92
CA ASP C 61 -17.95 -32.47 -28.91
C ASP C 61 -18.12 -30.99 -29.23
N ILE C 62 -17.21 -30.15 -28.75
CA ILE C 62 -17.33 -28.70 -28.91
C ILE C 62 -16.67 -28.26 -30.21
N SER C 63 -16.25 -29.23 -31.03
CA SER C 63 -15.72 -28.96 -32.36
C SER C 63 -16.27 -29.97 -33.35
N CYS C 64 -17.57 -30.25 -33.25
CA CYS C 64 -18.15 -31.40 -33.93
C CYS C 64 -18.12 -31.28 -35.44
N GLY C 65 -18.23 -30.07 -35.97
CA GLY C 65 -18.26 -29.91 -37.41
C GLY C 65 -19.48 -30.61 -37.99
N CYS C 66 -19.26 -31.58 -38.87
CA CYS C 66 -20.34 -32.38 -39.42
C CYS C 66 -20.68 -33.59 -38.56
N GLY C 67 -20.06 -33.72 -37.39
CA GLY C 67 -20.41 -34.78 -36.47
C GLY C 67 -19.71 -36.10 -36.69
N ASN C 68 -18.46 -36.08 -37.18
CA ASN C 68 -17.75 -37.33 -37.41
C ASN C 68 -17.63 -38.14 -36.12
N PHE C 69 -17.42 -37.47 -34.99
CA PHE C 69 -17.34 -38.17 -33.71
C PHE C 69 -18.72 -38.50 -33.16
N LEU C 70 -19.66 -37.55 -33.23
CA LEU C 70 -20.95 -37.72 -32.57
C LEU C 70 -21.78 -38.84 -33.20
N LEU C 71 -21.67 -39.03 -34.52
CA LEU C 71 -22.40 -40.12 -35.16
C LEU C 71 -21.91 -41.47 -34.66
N GLU C 72 -20.59 -41.63 -34.50
CA GLU C 72 -20.06 -42.86 -33.93
C GLU C 72 -20.44 -43.03 -32.47
N VAL C 73 -20.55 -41.93 -31.72
CA VAL C 73 -21.07 -42.02 -30.35
C VAL C 73 -22.52 -42.49 -30.37
N TYR C 74 -23.30 -42.05 -31.36
CA TYR C 74 -24.67 -42.50 -31.49
C TYR C 74 -24.74 -44.00 -31.74
N ASP C 75 -23.88 -44.52 -32.62
CA ASP C 75 -23.88 -45.95 -32.91
C ASP C 75 -23.45 -46.77 -31.69
N ILE C 76 -22.42 -46.31 -30.98
CA ILE C 76 -21.96 -47.05 -29.79
C ILE C 76 -23.01 -47.02 -28.70
N LEU C 77 -23.64 -45.86 -28.48
CA LEU C 77 -24.68 -45.76 -27.46
C LEU C 77 -25.88 -46.65 -27.79
N TYR C 78 -26.28 -46.69 -29.06
CA TYR C 78 -27.42 -47.50 -29.45
C TYR C 78 -27.17 -48.98 -29.16
N ASP C 79 -25.99 -49.47 -29.52
CA ASP C 79 -25.64 -50.86 -29.23
C ASP C 79 -25.54 -51.10 -27.73
N LEU C 80 -24.94 -50.16 -27.00
CA LEU C 80 -24.76 -50.34 -25.55
C LEU C 80 -26.10 -50.42 -24.83
N PHE C 81 -27.04 -49.54 -25.20
CA PHE C 81 -28.36 -49.57 -24.58
C PHE C 81 -29.14 -50.83 -24.98
N GLU C 82 -28.96 -51.29 -26.22
CA GLU C 82 -29.66 -52.50 -26.67
C GLU C 82 -29.22 -53.72 -25.86
N GLU C 83 -27.92 -53.84 -25.59
CA GLU C 83 -27.39 -55.04 -24.94
C GLU C 83 -27.89 -55.18 -23.51
N ASN C 84 -28.20 -54.07 -22.84
CA ASN C 84 -28.62 -54.07 -21.44
C ASN C 84 -30.07 -53.65 -21.28
N ILE C 85 -30.90 -53.88 -22.30
CA ILE C 85 -32.28 -53.37 -22.27
C ILE C 85 -33.10 -54.10 -21.22
N TYR C 86 -32.86 -55.40 -21.03
CA TYR C 86 -33.59 -56.16 -20.01
C TYR C 86 -33.23 -55.67 -18.61
N GLU C 87 -31.94 -55.39 -18.38
CA GLU C 87 -31.52 -54.84 -17.08
C GLU C 87 -32.01 -53.42 -16.90
N LEU C 88 -32.19 -52.67 -17.99
CA LEU C 88 -32.77 -51.34 -17.88
C LEU C 88 -34.22 -51.41 -17.42
N LYS C 89 -34.98 -52.35 -17.95
CA LYS C 89 -36.39 -52.49 -17.55
C LYS C 89 -36.54 -53.10 -16.15
N LYS C 90 -35.49 -53.73 -15.63
CA LYS C 90 -35.54 -54.33 -14.30
C LYS C 90 -35.07 -53.38 -13.22
N LYS C 91 -33.91 -52.75 -13.41
CA LYS C 91 -33.38 -51.82 -12.41
C LYS C 91 -34.18 -50.53 -12.34
N TYR C 92 -34.86 -50.16 -13.43
CA TYR C 92 -35.63 -48.93 -13.48
C TYR C 92 -37.04 -49.20 -13.98
N ASP C 93 -37.76 -48.13 -14.33
CA ASP C 93 -39.10 -48.28 -14.90
C ASP C 93 -39.08 -49.19 -16.12
N GLU C 94 -39.91 -50.23 -16.08
CA GLU C 94 -39.92 -51.21 -17.16
C GLU C 94 -40.50 -50.64 -18.45
N ASN C 95 -41.50 -49.75 -18.32
CA ASN C 95 -42.19 -49.25 -19.51
C ASN C 95 -41.33 -48.24 -20.28
N TYR C 96 -40.63 -47.35 -19.58
CA TYR C 96 -39.86 -46.31 -20.25
C TYR C 96 -38.72 -46.91 -21.07
N TRP C 97 -38.03 -47.90 -20.52
CA TRP C 97 -36.87 -48.50 -21.18
C TRP C 97 -37.37 -49.49 -22.22
N THR C 98 -37.64 -48.99 -23.42
CA THR C 98 -38.05 -49.79 -24.56
C THR C 98 -37.16 -49.46 -25.74
N VAL C 99 -36.98 -50.45 -26.64
CA VAL C 99 -36.14 -50.24 -27.81
C VAL C 99 -36.72 -49.15 -28.70
N ASP C 100 -38.06 -49.07 -28.78
CA ASP C 100 -38.70 -48.07 -29.63
C ASP C 100 -38.42 -46.65 -29.17
N ASN C 101 -38.00 -46.45 -27.92
CA ASN C 101 -37.67 -45.13 -27.41
C ASN C 101 -36.17 -44.87 -27.32
N ILE C 102 -35.33 -45.83 -27.72
CA ILE C 102 -33.89 -45.72 -27.52
C ILE C 102 -33.34 -44.55 -28.33
N HIS C 103 -33.83 -44.36 -29.56
CA HIS C 103 -33.33 -43.29 -30.42
C HIS C 103 -33.57 -41.92 -29.79
N ARG C 104 -34.78 -41.69 -29.27
CA ARG C 104 -35.09 -40.39 -28.67
C ARG C 104 -34.28 -40.17 -27.40
N HIS C 105 -34.06 -41.23 -26.62
CA HIS C 105 -33.32 -41.07 -25.37
C HIS C 105 -31.88 -40.64 -25.61
N ILE C 106 -31.25 -41.18 -26.66
CA ILE C 106 -29.88 -40.79 -26.98
C ILE C 106 -29.83 -39.31 -27.34
N LEU C 107 -30.77 -38.86 -28.16
CA LEU C 107 -30.71 -37.48 -28.66
C LEU C 107 -31.07 -36.48 -27.58
N ASN C 108 -32.04 -36.82 -26.71
CA ASN C 108 -32.53 -35.87 -25.73
C ASN C 108 -31.57 -35.68 -24.56
N TYR C 109 -30.92 -36.75 -24.11
CA TYR C 109 -30.18 -36.72 -22.85
C TYR C 109 -28.69 -37.01 -22.96
N CYS C 110 -28.19 -37.51 -24.09
CA CYS C 110 -26.84 -38.06 -24.16
C CYS C 110 -25.90 -37.27 -25.06
N ILE C 111 -26.31 -36.93 -26.28
CA ILE C 111 -25.43 -36.31 -27.26
C ILE C 111 -25.44 -34.80 -27.08
N TYR C 112 -24.25 -34.19 -27.09
CA TYR C 112 -24.10 -32.74 -27.06
C TYR C 112 -23.03 -32.35 -28.07
N GLY C 113 -23.31 -31.31 -28.85
CA GLY C 113 -22.36 -30.85 -29.84
C GLY C 113 -22.45 -29.36 -30.04
N ALA C 114 -21.32 -28.75 -30.43
CA ALA C 114 -21.25 -27.32 -30.63
C ALA C 114 -20.32 -27.01 -31.79
N ASP C 115 -20.65 -25.96 -32.54
CA ASP C 115 -19.83 -25.52 -33.66
C ASP C 115 -20.24 -24.10 -34.02
N ILE C 116 -19.31 -23.36 -34.65
CA ILE C 116 -19.61 -22.01 -35.07
C ILE C 116 -20.24 -21.94 -36.45
N ASP C 117 -20.09 -22.98 -37.27
CA ASP C 117 -20.66 -23.00 -38.61
C ASP C 117 -22.11 -23.45 -38.54
N GLU C 118 -23.03 -22.57 -38.91
CA GLU C 118 -24.45 -22.93 -38.90
C GLU C 118 -24.75 -24.03 -39.91
N LYS C 119 -24.08 -24.00 -41.06
CA LYS C 119 -24.30 -25.01 -42.08
C LYS C 119 -23.89 -26.39 -41.59
N ALA C 120 -22.72 -26.48 -40.95
CA ALA C 120 -22.24 -27.77 -40.44
C ALA C 120 -23.14 -28.30 -39.33
N ILE C 121 -23.59 -27.42 -38.44
CA ILE C 121 -24.50 -27.87 -37.38
C ILE C 121 -25.84 -28.28 -37.96
N SER C 122 -26.22 -27.71 -39.11
CA SER C 122 -27.48 -28.10 -39.74
C SER C 122 -27.38 -29.49 -40.36
N ILE C 123 -26.26 -29.79 -41.01
CA ILE C 123 -26.07 -31.12 -41.60
C ILE C 123 -26.06 -32.18 -40.51
N LEU C 124 -25.39 -31.90 -39.38
CA LEU C 124 -25.36 -32.86 -38.28
C LEU C 124 -26.74 -33.10 -37.71
N LYS C 125 -27.55 -32.03 -37.57
CA LYS C 125 -28.90 -32.19 -37.05
C LYS C 125 -29.76 -33.03 -37.98
N ASP C 126 -29.66 -32.79 -39.29
CA ASP C 126 -30.45 -33.56 -40.25
C ASP C 126 -30.00 -35.02 -40.29
N SER C 127 -28.69 -35.26 -40.20
CA SER C 127 -28.20 -36.64 -40.22
C SER C 127 -28.59 -37.39 -38.95
N LEU C 128 -28.62 -36.70 -37.81
CA LEU C 128 -29.11 -37.32 -36.58
C LEU C 128 -30.59 -37.66 -36.68
N THR C 129 -31.38 -36.78 -37.32
CA THR C 129 -32.79 -37.08 -37.55
C THR C 129 -32.98 -38.35 -38.39
N ASN C 130 -31.99 -38.71 -39.21
CA ASN C 130 -32.03 -39.95 -39.98
C ASN C 130 -31.21 -41.04 -39.30
N ILE C 142 -38.14 -34.22 -29.91
CA ILE C 142 -36.88 -34.65 -29.32
C ILE C 142 -35.86 -33.53 -29.33
N LYS C 143 -35.54 -33.00 -28.15
CA LYS C 143 -34.48 -32.01 -28.04
C LYS C 143 -33.15 -32.63 -28.48
N ILE C 144 -32.42 -31.91 -29.32
CA ILE C 144 -31.20 -32.46 -29.93
C ILE C 144 -29.93 -32.03 -29.20
N ASN C 145 -29.97 -30.94 -28.43
CA ASN C 145 -28.81 -30.49 -27.66
C ASN C 145 -27.61 -30.18 -28.57
N LEU C 146 -27.88 -29.53 -29.69
CA LEU C 146 -26.84 -29.00 -30.57
C LEU C 146 -26.81 -27.49 -30.46
N PHE C 147 -25.61 -26.92 -30.40
CA PHE C 147 -25.41 -25.49 -30.18
C PHE C 147 -24.61 -24.91 -31.34
N CYS C 148 -25.07 -23.77 -31.86
CA CYS C 148 -24.32 -23.01 -32.85
C CYS C 148 -23.79 -21.75 -32.15
N CYS C 149 -22.55 -21.81 -31.70
CA CYS C 149 -21.96 -20.75 -30.91
C CYS C 149 -20.46 -20.92 -30.88
N ASP C 150 -19.78 -19.92 -30.33
CA ASP C 150 -18.35 -20.01 -30.07
C ASP C 150 -18.16 -20.81 -28.79
N SER C 151 -17.58 -22.01 -28.91
CA SER C 151 -17.45 -22.89 -27.75
C SER C 151 -16.59 -22.27 -26.67
N LEU C 152 -15.64 -21.42 -27.04
CA LEU C 152 -14.80 -20.75 -26.06
C LEU C 152 -15.54 -19.62 -25.33
N LYS C 153 -16.66 -19.17 -25.87
CA LYS C 153 -17.42 -18.07 -25.27
C LYS C 153 -18.66 -18.52 -24.51
N LYS C 154 -19.29 -19.61 -24.94
CA LYS C 154 -20.57 -20.02 -24.36
C LYS C 154 -20.42 -20.37 -22.87
N LYS C 155 -21.33 -19.84 -22.06
CA LYS C 155 -21.38 -20.16 -20.64
C LYS C 155 -22.02 -21.54 -20.49
N TRP C 156 -21.19 -22.54 -20.24
CA TRP C 156 -21.67 -23.91 -20.12
C TRP C 156 -22.31 -24.09 -18.75
N ARG C 157 -23.58 -24.50 -18.73
CA ARG C 157 -24.34 -24.59 -17.49
C ARG C 157 -23.97 -25.81 -16.65
N TYR C 158 -23.43 -26.86 -17.25
CA TYR C 158 -23.11 -28.07 -16.51
C TYR C 158 -22.00 -28.83 -17.24
N LYS C 159 -21.31 -29.68 -16.49
CA LYS C 159 -20.16 -30.40 -16.99
C LYS C 159 -20.58 -31.73 -17.63
N PHE C 160 -19.61 -32.45 -18.20
CA PHE C 160 -19.90 -33.58 -19.07
C PHE C 160 -19.09 -34.81 -18.66
N ASP C 161 -19.70 -35.98 -18.83
CA ASP C 161 -19.03 -37.24 -18.50
C ASP C 161 -17.90 -37.55 -19.47
N TYR C 162 -18.13 -37.37 -20.76
CA TYR C 162 -17.14 -37.69 -21.77
C TYR C 162 -17.05 -36.57 -22.80
N ILE C 163 -15.84 -36.31 -23.27
CA ILE C 163 -15.58 -35.28 -24.28
C ILE C 163 -14.67 -35.87 -25.34
N VAL C 164 -15.06 -35.74 -26.62
CA VAL C 164 -14.28 -36.19 -27.75
C VAL C 164 -14.28 -35.08 -28.80
N GLY C 165 -13.38 -35.20 -29.78
CA GLY C 165 -13.47 -34.35 -30.93
C GLY C 165 -12.10 -33.96 -31.47
N ASN C 166 -12.12 -33.01 -32.40
CA ASN C 166 -10.91 -32.51 -33.05
C ASN C 166 -11.03 -30.99 -33.14
N PRO C 167 -10.33 -30.26 -32.29
CA PRO C 167 -10.52 -28.80 -32.21
C PRO C 167 -9.90 -28.11 -33.41
N PRO C 168 -10.25 -26.85 -33.66
CA PRO C 168 -9.58 -26.11 -34.76
C PRO C 168 -8.16 -25.74 -34.37
N TYR C 169 -7.26 -25.75 -35.36
CA TYR C 169 -5.88 -25.33 -35.17
C TYR C 169 -5.69 -24.03 -35.95
N ILE C 170 -5.46 -22.93 -35.24
CA ILE C 170 -5.21 -21.64 -35.86
C ILE C 170 -4.06 -20.95 -35.14
N GLY C 171 -2.98 -20.67 -35.86
CA GLY C 171 -1.80 -20.08 -35.27
C GLY C 171 -1.89 -18.57 -35.16
N HIS C 172 -0.76 -17.97 -34.77
CA HIS C 172 -0.76 -16.55 -34.43
C HIS C 172 -0.91 -15.67 -35.66
N LYS C 173 -0.46 -16.12 -36.83
CA LYS C 173 -0.60 -15.31 -38.03
C LYS C 173 -2.02 -15.34 -38.60
N LYS C 174 -2.73 -16.47 -38.45
CA LYS C 174 -4.04 -16.64 -39.06
C LYS C 174 -5.20 -16.32 -38.12
N LEU C 175 -4.92 -15.95 -36.88
CA LEU C 175 -5.95 -15.44 -35.98
C LEU C 175 -6.09 -13.93 -36.14
N GLU C 176 -7.30 -13.43 -35.98
CA GLU C 176 -7.56 -12.01 -36.05
C GLU C 176 -7.19 -11.33 -34.74
N LYS C 177 -6.72 -10.08 -34.84
CA LYS C 177 -6.16 -9.40 -33.68
C LYS C 177 -7.19 -9.20 -32.58
N LYS C 178 -8.43 -8.85 -32.95
CA LYS C 178 -9.46 -8.62 -31.93
C LYS C 178 -9.77 -9.89 -31.16
N TYR C 179 -9.86 -11.03 -31.86
CA TYR C 179 -10.12 -12.29 -31.17
C TYR C 179 -8.95 -12.72 -30.29
N LYS C 180 -7.71 -12.43 -30.71
CA LYS C 180 -6.57 -12.73 -29.86
C LYS C 180 -6.58 -11.89 -28.58
N LYS C 181 -7.08 -10.66 -28.64
CA LYS C 181 -7.22 -9.86 -27.43
C LYS C 181 -8.17 -10.53 -26.44
N PHE C 182 -9.23 -11.15 -26.95
CA PHE C 182 -10.13 -11.92 -26.10
C PHE C 182 -9.45 -13.14 -25.50
N LEU C 183 -8.68 -13.88 -26.31
CA LEU C 183 -8.00 -15.07 -25.81
C LEU C 183 -6.97 -14.70 -24.74
N LEU C 184 -6.22 -13.62 -24.95
CA LEU C 184 -5.22 -13.21 -23.97
C LEU C 184 -5.85 -12.79 -22.66
N GLU C 185 -7.07 -12.23 -22.69
CA GLU C 185 -7.71 -11.75 -21.46
C GLU C 185 -8.23 -12.91 -20.62
N LYS C 186 -8.86 -13.91 -21.25
CA LYS C 186 -9.59 -14.93 -20.52
C LYS C 186 -8.94 -16.31 -20.56
N TYR C 187 -8.04 -16.57 -21.50
CA TYR C 187 -7.35 -17.85 -21.61
C TYR C 187 -5.85 -17.72 -21.34
N SER C 188 -5.46 -16.69 -20.58
CA SER C 188 -4.05 -16.42 -20.35
C SER C 188 -3.32 -17.57 -19.68
N GLU C 189 -4.04 -18.47 -19.01
CA GLU C 189 -3.40 -19.59 -18.34
C GLU C 189 -2.74 -20.52 -19.34
N VAL C 190 -3.23 -20.57 -20.58
CA VAL C 190 -2.61 -21.40 -21.62
C VAL C 190 -2.27 -20.63 -22.88
N TYR C 191 -2.88 -19.48 -23.15
CA TYR C 191 -2.66 -18.76 -24.40
C TYR C 191 -1.79 -17.54 -24.16
N LYS C 192 -0.67 -17.49 -24.85
CA LYS C 192 0.33 -16.44 -24.71
C LYS C 192 1.01 -16.27 -26.05
N ASP C 193 2.23 -15.72 -26.04
CA ASP C 193 2.87 -15.03 -27.16
C ASP C 193 2.57 -15.63 -28.52
N LYS C 194 3.04 -16.84 -28.81
CA LYS C 194 2.84 -17.43 -30.13
C LYS C 194 2.04 -18.72 -30.03
N ALA C 195 1.20 -18.82 -29.00
CA ALA C 195 0.39 -19.99 -28.76
C ALA C 195 -0.65 -20.16 -29.88
N ASP C 196 -1.33 -21.31 -29.85
CA ASP C 196 -2.31 -21.66 -30.86
C ASP C 196 -3.70 -21.70 -30.25
N LEU C 197 -4.71 -21.63 -31.13
CA LEU C 197 -6.10 -21.66 -30.66
C LEU C 197 -6.44 -22.98 -29.98
N TYR C 198 -5.85 -24.09 -30.42
CA TYR C 198 -6.18 -25.38 -29.79
C TYR C 198 -5.62 -25.48 -28.38
N PHE C 199 -4.72 -24.59 -27.98
CA PHE C 199 -4.34 -24.53 -26.57
C PHE C 199 -5.56 -24.20 -25.71
N CYS C 200 -6.36 -23.22 -26.15
CA CYS C 200 -7.53 -22.79 -25.37
C CYS C 200 -8.61 -23.87 -25.35
N PHE C 201 -8.76 -24.61 -26.45
CA PHE C 201 -9.74 -25.69 -26.48
C PHE C 201 -9.38 -26.80 -25.50
N TYR C 202 -8.08 -27.08 -25.34
CA TYR C 202 -7.63 -28.00 -24.31
C TYR C 202 -8.08 -27.53 -22.93
N LYS C 203 -7.91 -26.23 -22.66
CA LYS C 203 -8.29 -25.69 -21.35
C LYS C 203 -9.80 -25.76 -21.15
N LYS C 204 -10.59 -25.45 -22.18
CA LYS C 204 -12.04 -25.51 -22.05
C LYS C 204 -12.52 -26.94 -21.81
N ILE C 205 -11.95 -27.91 -22.53
CA ILE C 205 -12.34 -29.30 -22.38
C ILE C 205 -12.05 -29.79 -20.97
N ILE C 206 -10.86 -29.45 -20.45
CA ILE C 206 -10.51 -29.86 -19.08
C ILE C 206 -11.45 -29.20 -18.07
N ASP C 207 -11.77 -27.92 -18.27
CA ASP C 207 -12.57 -27.19 -17.30
C ASP C 207 -13.99 -27.75 -17.18
N ILE C 208 -14.61 -28.11 -18.30
CA ILE C 208 -16.01 -28.51 -18.31
C ILE C 208 -16.16 -30.03 -18.26
N LEU C 209 -15.11 -30.75 -17.84
CA LEU C 209 -15.17 -32.19 -17.71
C LEU C 209 -15.56 -32.57 -16.29
N LYS C 210 -16.56 -33.44 -16.16
CA LYS C 210 -16.99 -33.89 -14.84
C LYS C 210 -15.86 -34.62 -14.13
N GLN C 211 -15.85 -34.51 -12.81
CA GLN C 211 -14.91 -35.28 -12.01
C GLN C 211 -15.19 -36.77 -12.20
N GLY C 212 -14.13 -37.53 -12.47
CA GLY C 212 -14.26 -38.91 -12.87
C GLY C 212 -14.47 -39.11 -14.37
N GLY C 213 -14.60 -38.02 -15.13
CA GLY C 213 -14.84 -38.12 -16.56
C GLY C 213 -13.59 -38.45 -17.34
N ILE C 214 -13.78 -38.68 -18.63
CA ILE C 214 -12.72 -39.09 -19.54
C ILE C 214 -12.78 -38.21 -20.77
N GLY C 215 -11.61 -37.75 -21.23
CA GLY C 215 -11.53 -36.96 -22.44
C GLY C 215 -10.47 -37.48 -23.40
N SER C 216 -10.83 -37.56 -24.68
CA SER C 216 -9.91 -37.99 -25.72
C SER C 216 -10.07 -37.08 -26.92
N VAL C 217 -8.95 -36.69 -27.53
CA VAL C 217 -8.94 -35.64 -28.53
C VAL C 217 -7.71 -35.82 -29.41
N ILE C 218 -7.79 -35.36 -30.66
CA ILE C 218 -6.67 -35.32 -31.57
C ILE C 218 -6.33 -33.87 -31.89
N THR C 219 -5.07 -33.50 -31.68
CA THR C 219 -4.58 -32.14 -31.86
C THR C 219 -3.22 -32.21 -32.54
N PRO C 220 -2.62 -31.07 -32.92
CA PRO C 220 -1.21 -31.11 -33.32
C PRO C 220 -0.34 -31.56 -32.14
N ARG C 221 0.80 -32.16 -32.47
CA ARG C 221 1.72 -32.65 -31.47
C ARG C 221 2.76 -31.62 -31.05
N TYR C 222 2.72 -30.42 -31.60
CA TYR C 222 3.82 -29.46 -31.39
C TYR C 222 3.87 -28.96 -29.96
N PHE C 223 2.73 -28.89 -29.27
CA PHE C 223 2.72 -28.43 -27.88
C PHE C 223 3.47 -29.36 -26.94
N LEU C 224 3.80 -30.58 -27.37
CA LEU C 224 4.57 -31.49 -26.52
C LEU C 224 6.00 -31.01 -26.34
N GLU C 225 6.53 -30.25 -27.29
CA GLU C 225 7.91 -29.77 -27.23
C GLU C 225 8.06 -28.27 -27.40
N SER C 226 7.09 -27.58 -28.00
CA SER C 226 7.26 -26.18 -28.38
C SER C 226 7.38 -25.29 -27.16
N LEU C 227 8.11 -24.19 -27.33
CA LEU C 227 8.27 -23.21 -26.26
C LEU C 227 6.93 -22.59 -25.88
N SER C 228 6.09 -22.30 -26.88
CA SER C 228 4.78 -21.72 -26.60
C SER C 228 3.88 -22.65 -25.78
N GLY C 229 4.11 -23.96 -25.84
CA GLY C 229 3.27 -24.90 -25.14
C GLY C 229 3.63 -25.15 -23.68
N LYS C 230 4.59 -24.40 -23.12
CA LYS C 230 5.03 -24.66 -21.76
C LYS C 230 3.88 -24.48 -20.77
N ASP C 231 3.11 -23.40 -20.93
CA ASP C 231 1.98 -23.17 -20.03
C ASP C 231 0.92 -24.26 -20.18
N LEU C 232 0.64 -24.67 -21.43
CA LEU C 232 -0.38 -25.70 -21.66
C LEU C 232 0.00 -27.02 -21.00
N ARG C 233 1.26 -27.42 -21.11
CA ARG C 233 1.69 -28.68 -20.51
C ARG C 233 1.53 -28.64 -19.00
N GLU C 234 1.85 -27.50 -18.38
CA GLU C 234 1.65 -27.36 -16.94
C GLU C 234 0.18 -27.47 -16.58
N TYR C 235 -0.71 -26.88 -17.40
CA TYR C 235 -2.13 -26.96 -17.12
C TYR C 235 -2.63 -28.39 -17.22
N ILE C 236 -2.20 -29.13 -18.24
CA ILE C 236 -2.68 -30.50 -18.44
C ILE C 236 -2.23 -31.38 -17.28
N LYS C 237 -0.94 -31.34 -16.95
CA LYS C 237 -0.42 -32.24 -15.92
C LYS C 237 -0.91 -31.90 -14.52
N SER C 238 -1.45 -30.70 -14.32
CA SER C 238 -1.91 -30.28 -12.99
C SER C 238 -3.40 -30.47 -12.77
N ASN C 239 -4.17 -30.74 -13.84
CA ASN C 239 -5.61 -30.80 -13.72
C ASN C 239 -6.23 -32.13 -14.16
N VAL C 240 -5.53 -32.92 -14.97
CA VAL C 240 -6.03 -34.24 -15.38
C VAL C 240 -4.89 -35.24 -15.26
N ASN C 241 -5.27 -36.52 -15.12
CA ASN C 241 -4.34 -37.62 -15.22
C ASN C 241 -4.27 -38.05 -16.69
N VAL C 242 -3.08 -37.99 -17.28
CA VAL C 242 -2.91 -38.35 -18.68
C VAL C 242 -2.79 -39.87 -18.76
N GLN C 243 -3.78 -40.51 -19.37
CA GLN C 243 -3.73 -41.96 -19.54
C GLN C 243 -2.75 -42.35 -20.64
N GLU C 244 -2.78 -41.65 -21.77
CA GLU C 244 -2.13 -42.17 -22.95
C GLU C 244 -1.84 -41.04 -23.94
N ILE C 245 -0.71 -41.14 -24.63
CA ILE C 245 -0.33 -40.22 -25.69
C ILE C 245 0.07 -41.06 -26.90
N VAL C 246 -0.59 -40.82 -28.03
CA VAL C 246 -0.25 -41.46 -29.30
C VAL C 246 0.40 -40.40 -30.17
N ASP C 247 1.72 -40.50 -30.34
CA ASP C 247 2.50 -39.53 -31.10
C ASP C 247 2.76 -40.10 -32.48
N PHE C 248 2.20 -39.45 -33.51
CA PHE C 248 2.38 -39.87 -34.88
C PHE C 248 3.63 -39.30 -35.54
N LEU C 249 4.32 -38.38 -34.86
CA LEU C 249 5.69 -37.97 -35.20
C LEU C 249 5.83 -37.61 -36.68
N GLY C 250 5.04 -36.65 -37.14
CA GLY C 250 5.26 -36.17 -38.48
C GLY C 250 4.75 -37.06 -39.60
N ALA C 251 4.02 -38.12 -39.28
CA ALA C 251 3.27 -38.84 -40.30
C ALA C 251 2.12 -37.98 -40.79
N ASN C 252 1.53 -38.38 -41.92
CA ASN C 252 0.50 -37.58 -42.58
C ASN C 252 -0.86 -38.24 -42.30
N ILE C 253 -1.47 -37.84 -41.19
CA ILE C 253 -2.79 -38.38 -40.81
C ILE C 253 -3.89 -37.78 -41.68
N PHE C 254 -3.86 -36.47 -41.91
CA PHE C 254 -4.90 -35.77 -42.66
C PHE C 254 -4.44 -35.58 -44.10
N LYS C 255 -5.23 -36.09 -45.04
CA LYS C 255 -4.86 -36.02 -46.45
C LYS C 255 -4.74 -34.57 -46.91
N ASN C 256 -3.63 -34.25 -47.57
CA ASN C 256 -3.39 -32.93 -48.16
C ASN C 256 -3.37 -31.83 -47.09
N ILE C 257 -3.06 -32.17 -45.85
CA ILE C 257 -2.96 -31.20 -44.77
C ILE C 257 -1.56 -31.29 -44.18
N GLY C 258 -0.90 -30.14 -44.10
CA GLY C 258 0.46 -30.10 -43.59
C GLY C 258 0.54 -29.92 -42.09
N VAL C 259 0.05 -30.90 -41.34
CA VAL C 259 0.10 -30.89 -39.89
C VAL C 259 0.55 -32.26 -39.40
N SER C 260 1.22 -32.26 -38.26
CA SER C 260 1.57 -33.49 -37.55
C SER C 260 0.70 -33.61 -36.30
N SER C 261 0.25 -34.82 -36.01
CA SER C 261 -0.86 -35.03 -35.10
C SER C 261 -0.44 -35.91 -33.92
N CYS C 262 -1.27 -35.86 -32.87
CA CYS C 262 -1.16 -36.76 -31.74
C CYS C 262 -2.53 -36.90 -31.10
N ILE C 263 -2.72 -37.99 -30.36
CA ILE C 263 -3.97 -38.29 -29.67
C ILE C 263 -3.70 -38.32 -28.18
N LEU C 264 -4.50 -37.58 -27.42
CA LEU C 264 -4.34 -37.46 -25.98
C LEU C 264 -5.59 -37.98 -25.29
N THR C 265 -5.42 -38.88 -24.33
CA THR C 265 -6.50 -39.39 -23.50
C THR C 265 -6.19 -39.12 -22.05
N PHE C 266 -7.14 -38.53 -21.33
CA PHE C 266 -6.92 -38.11 -19.96
C PHE C 266 -8.22 -38.24 -19.18
N ASP C 267 -8.10 -38.23 -17.85
CA ASP C 267 -9.24 -38.42 -16.98
C ASP C 267 -9.11 -37.53 -15.76
N LYS C 268 -10.22 -37.36 -15.05
CA LYS C 268 -10.27 -36.72 -13.74
C LYS C 268 -10.65 -37.73 -12.65
N LYS C 269 -10.21 -38.98 -12.81
CA LYS C 269 -10.49 -40.03 -11.85
C LYS C 269 -9.56 -39.92 -10.64
N LYS C 270 -9.88 -40.69 -9.61
CA LYS C 270 -9.02 -40.76 -8.42
C LYS C 270 -7.64 -41.28 -8.84
N THR C 271 -6.64 -40.42 -8.78
CA THR C 271 -5.33 -40.72 -9.35
C THR C 271 -4.68 -41.89 -8.60
N LYS C 272 -4.31 -42.93 -9.33
CA LYS C 272 -3.58 -44.05 -8.79
C LYS C 272 -2.11 -43.93 -9.18
N GLU C 273 -1.31 -44.92 -8.75
CA GLU C 273 0.11 -44.92 -9.08
C GLU C 273 0.33 -45.49 -10.47
N THR C 274 -0.39 -44.96 -11.45
CA THR C 274 -0.33 -45.43 -12.83
C THR C 274 0.60 -44.55 -13.65
N TYR C 275 1.06 -45.09 -14.76
CA TYR C 275 1.97 -44.40 -15.65
C TYR C 275 1.24 -44.00 -16.93
N ILE C 276 1.84 -43.06 -17.66
CA ILE C 276 1.32 -42.65 -18.95
C ILE C 276 1.80 -43.62 -20.01
N ASP C 277 0.86 -44.16 -20.79
CA ASP C 277 1.21 -45.02 -21.92
C ASP C 277 1.53 -44.15 -23.12
N VAL C 278 2.77 -44.22 -23.60
CA VAL C 278 3.22 -43.40 -24.72
C VAL C 278 3.48 -44.33 -25.90
N PHE C 279 2.83 -44.04 -27.02
CA PHE C 279 3.05 -44.74 -28.28
C PHE C 279 3.68 -43.77 -29.27
N LYS C 280 4.92 -44.04 -29.66
CA LYS C 280 5.63 -43.26 -30.68
C LYS C 280 5.78 -44.11 -31.93
N ILE C 281 5.35 -43.57 -33.06
CA ILE C 281 5.44 -44.31 -34.31
C ILE C 281 6.90 -44.50 -34.69
N LYS C 282 7.22 -45.64 -35.30
CA LYS C 282 8.59 -45.94 -35.70
C LYS C 282 8.89 -45.56 -37.14
N ASN C 283 7.89 -45.57 -38.00
CA ASN C 283 8.06 -45.24 -39.42
C ASN C 283 7.02 -44.19 -39.79
N GLU C 284 7.50 -43.03 -40.25
CA GLU C 284 6.61 -41.94 -40.61
C GLU C 284 5.94 -42.13 -41.96
N ASP C 285 6.33 -43.15 -42.71
CA ASP C 285 5.83 -43.36 -44.06
C ASP C 285 4.54 -44.18 -44.12
N ILE C 286 3.98 -44.57 -42.97
CA ILE C 286 2.76 -45.38 -42.99
C ILE C 286 1.57 -44.51 -43.41
N CYS C 287 0.56 -45.19 -43.95
CA CYS C 287 -0.73 -44.57 -44.28
C CYS C 287 -1.79 -45.21 -43.40
N ILE C 288 -2.47 -44.40 -42.61
CA ILE C 288 -3.50 -44.93 -41.72
C ILE C 288 -4.67 -45.50 -42.52
N ASN C 289 -4.92 -44.98 -43.72
CA ASN C 289 -6.08 -45.41 -44.50
C ASN C 289 -5.96 -46.86 -44.96
N LYS C 290 -4.79 -47.47 -44.83
CA LYS C 290 -4.57 -48.85 -45.23
C LYS C 290 -4.76 -49.85 -44.10
N PHE C 291 -5.12 -49.39 -42.90
CA PHE C 291 -5.27 -50.26 -41.74
C PHE C 291 -6.70 -50.23 -41.21
N GLU C 292 -7.19 -51.40 -40.81
CA GLU C 292 -8.58 -51.53 -40.37
C GLU C 292 -8.80 -51.00 -38.96
N THR C 293 -7.76 -50.87 -38.15
CA THR C 293 -7.91 -50.41 -36.78
C THR C 293 -6.60 -49.77 -36.32
N LEU C 294 -6.73 -48.75 -35.47
CA LEU C 294 -5.54 -48.16 -34.86
C LEU C 294 -4.90 -49.09 -33.85
N GLU C 295 -5.71 -49.92 -33.17
CA GLU C 295 -5.14 -50.91 -32.26
C GLU C 295 -4.19 -51.85 -32.98
N GLU C 296 -4.53 -52.22 -34.22
CA GLU C 296 -3.64 -53.04 -35.03
C GLU C 296 -2.26 -52.38 -35.17
N LEU C 297 -2.23 -51.06 -35.35
CA LEU C 297 -0.96 -50.36 -35.47
C LEU C 297 -0.23 -50.27 -34.14
N LEU C 298 -0.95 -49.87 -33.07
CA LEU C 298 -0.30 -49.65 -31.79
C LEU C 298 0.27 -50.93 -31.20
N LYS C 299 -0.43 -52.05 -31.40
CA LYS C 299 -0.02 -53.34 -30.88
C LYS C 299 0.88 -54.10 -31.84
N SER C 300 1.64 -53.39 -32.68
CA SER C 300 2.52 -54.03 -33.65
C SER C 300 3.93 -53.46 -33.56
N SER C 301 4.79 -53.87 -34.48
CA SER C 301 6.16 -53.34 -34.55
C SER C 301 6.23 -51.93 -35.09
N LYS C 302 5.13 -51.40 -35.64
CA LYS C 302 5.14 -50.06 -36.21
C LYS C 302 5.12 -48.96 -35.15
N PHE C 303 4.83 -49.29 -33.90
CA PHE C 303 4.80 -48.33 -32.81
C PHE C 303 5.64 -48.83 -31.64
N GLU C 304 6.42 -47.93 -31.07
CA GLU C 304 7.14 -48.20 -29.83
C GLU C 304 6.32 -47.73 -28.64
N HIS C 305 6.35 -48.51 -27.56
CA HIS C 305 5.63 -48.17 -26.34
C HIS C 305 6.60 -48.06 -25.17
N PHE C 306 6.33 -47.10 -24.29
CA PHE C 306 7.05 -46.99 -23.02
C PHE C 306 6.18 -46.22 -22.04
N ASN C 307 6.52 -46.36 -20.76
CA ASN C 307 5.77 -45.74 -19.68
C ASN C 307 6.48 -44.48 -19.20
N ILE C 308 5.70 -43.46 -18.86
CA ILE C 308 6.21 -42.21 -18.31
C ILE C 308 5.46 -41.91 -17.03
N ASN C 309 6.20 -41.63 -15.96
CA ASN C 309 5.58 -41.27 -14.68
C ASN C 309 5.17 -39.81 -14.72
N GLN C 310 3.86 -39.56 -14.63
CA GLN C 310 3.35 -38.19 -14.76
C GLN C 310 3.83 -37.30 -13.63
N ARG C 311 4.03 -37.86 -12.43
CA ARG C 311 4.54 -37.08 -11.31
C ARG C 311 5.97 -36.64 -11.51
N LEU C 312 6.70 -37.21 -12.48
CA LEU C 312 8.09 -36.87 -12.73
C LEU C 312 8.28 -35.89 -13.87
N LEU C 313 7.20 -35.42 -14.49
CA LEU C 313 7.33 -34.46 -15.58
C LEU C 313 7.71 -33.08 -15.03
N SER C 314 8.68 -32.46 -15.69
CA SER C 314 9.07 -31.09 -15.41
C SER C 314 8.27 -30.14 -16.30
N ASP C 315 8.70 -28.89 -16.42
CA ASP C 315 8.12 -27.99 -17.41
C ASP C 315 8.32 -28.52 -18.83
N GLU C 316 9.34 -29.35 -19.03
CA GLU C 316 9.59 -30.02 -20.30
C GLU C 316 9.25 -31.50 -20.18
N TRP C 317 8.49 -32.02 -21.13
CA TRP C 317 8.09 -33.42 -21.13
C TRP C 317 9.08 -34.22 -21.97
N ILE C 318 9.95 -34.99 -21.31
CA ILE C 318 10.94 -35.80 -22.00
C ILE C 318 10.34 -37.19 -22.17
N LEU C 319 9.65 -37.39 -23.30
CA LEU C 319 8.95 -38.65 -23.56
C LEU C 319 9.88 -39.56 -24.37
N VAL C 320 10.80 -40.20 -23.65
CA VAL C 320 11.77 -41.10 -24.25
C VAL C 320 11.84 -42.37 -23.41
N ASN C 321 12.42 -43.41 -24.00
CA ASN C 321 12.60 -44.67 -23.29
C ASN C 321 13.73 -44.54 -22.26
N LYS C 322 13.98 -45.63 -21.53
CA LYS C 322 14.97 -45.61 -20.47
C LYS C 322 16.37 -45.40 -21.01
N ASP C 323 16.70 -46.02 -22.14
CA ASP C 323 18.05 -45.87 -22.70
C ASP C 323 18.31 -44.44 -23.14
N ASP C 324 17.34 -43.82 -23.81
CA ASP C 324 17.52 -42.43 -24.24
C ASP C 324 17.60 -41.48 -23.05
N GLU C 325 16.82 -41.76 -22.01
CA GLU C 325 16.86 -40.91 -20.81
C GLU C 325 18.24 -40.96 -20.14
N THR C 326 18.80 -42.17 -20.02
CA THR C 326 20.15 -42.29 -19.47
C THR C 326 21.17 -41.59 -20.36
N PHE C 327 21.05 -41.76 -21.67
CA PHE C 327 21.94 -41.10 -22.62
C PHE C 327 21.84 -39.59 -22.50
N TYR C 328 20.62 -39.07 -22.43
CA TYR C 328 20.43 -37.62 -22.35
C TYR C 328 20.99 -37.06 -21.04
N ASN C 329 20.76 -37.74 -19.93
CA ASN C 329 21.23 -37.24 -18.64
C ASN C 329 22.75 -37.33 -18.52
N LYS C 330 23.37 -38.35 -19.12
CA LYS C 330 24.82 -38.45 -19.10
C LYS C 330 25.47 -37.25 -19.78
N ILE C 331 25.03 -36.93 -21.00
CA ILE C 331 25.57 -35.78 -21.71
C ILE C 331 25.26 -34.50 -20.95
N GLN C 332 24.03 -34.37 -20.45
CA GLN C 332 23.61 -33.14 -19.78
C GLN C 332 24.46 -32.87 -18.55
N GLU C 333 24.75 -33.91 -17.76
CA GLU C 333 25.52 -33.72 -16.53
C GLU C 333 27.01 -33.51 -16.79
N LYS C 334 27.56 -34.14 -17.83
CA LYS C 334 29.00 -34.05 -18.07
C LYS C 334 29.40 -32.65 -18.57
N CYS C 335 28.57 -32.02 -19.39
CA CYS C 335 28.94 -30.76 -20.02
C CYS C 335 28.78 -29.60 -19.06
N LYS C 336 29.84 -28.79 -18.93
CA LYS C 336 29.85 -27.63 -18.05
C LYS C 336 29.45 -26.34 -18.74
N TYR C 337 29.18 -26.37 -20.05
CA TYR C 337 28.81 -25.19 -20.82
C TYR C 337 27.58 -25.49 -21.66
N SER C 338 26.93 -24.42 -22.10
CA SER C 338 25.90 -24.49 -23.13
C SER C 338 26.24 -23.47 -24.21
N LEU C 339 25.69 -23.70 -25.41
CA LEU C 339 25.94 -22.78 -26.51
C LEU C 339 25.54 -21.35 -26.14
N GLU C 340 24.47 -21.21 -25.35
CA GLU C 340 24.02 -19.89 -24.92
C GLU C 340 25.08 -19.20 -24.06
N ASP C 341 25.83 -19.97 -23.26
CA ASP C 341 26.88 -19.38 -22.44
C ASP C 341 27.98 -18.77 -23.29
N ILE C 342 28.37 -19.45 -24.37
CA ILE C 342 29.60 -19.10 -25.08
C ILE C 342 29.37 -18.35 -26.39
N ALA C 343 28.13 -18.25 -26.86
CA ALA C 343 27.86 -17.74 -28.20
C ALA C 343 26.78 -16.67 -28.18
N ILE C 344 26.83 -15.81 -29.20
CA ILE C 344 25.79 -14.83 -29.47
C ILE C 344 24.97 -15.33 -30.64
N SER C 345 23.70 -15.61 -30.41
CA SER C 345 22.79 -16.14 -31.43
C SER C 345 21.95 -15.00 -32.00
N PHE C 346 21.55 -15.17 -33.27
CA PHE C 346 20.65 -14.21 -33.88
C PHE C 346 19.97 -14.81 -35.10
N GLN C 347 18.76 -14.33 -35.38
CA GLN C 347 17.98 -14.72 -36.53
C GLN C 347 18.40 -13.89 -37.76
N GLY C 348 18.09 -14.42 -38.94
CA GLY C 348 18.51 -13.80 -40.17
C GLY C 348 17.70 -12.57 -40.53
N ILE C 349 18.04 -11.98 -41.67
CA ILE C 349 17.32 -10.83 -42.20
C ILE C 349 15.87 -11.22 -42.46
N ILE C 350 14.96 -10.32 -42.14
CA ILE C 350 13.55 -10.46 -42.53
C ILE C 350 13.21 -9.21 -43.33
N THR C 351 13.24 -9.33 -44.66
CA THR C 351 13.02 -8.17 -45.51
C THR C 351 11.58 -7.68 -45.44
N GLY C 352 10.62 -8.60 -45.27
CA GLY C 352 9.21 -8.30 -45.33
C GLY C 352 8.60 -8.57 -46.69
N CYS C 353 9.41 -8.54 -47.75
CA CYS C 353 8.97 -8.94 -49.09
C CYS C 353 10.22 -9.30 -49.89
N ASP C 354 10.51 -10.60 -49.99
CA ASP C 354 11.78 -11.02 -50.58
C ASP C 354 11.86 -10.71 -52.07
N LYS C 355 10.72 -10.72 -52.78
CA LYS C 355 10.75 -10.48 -54.22
C LYS C 355 11.25 -9.09 -54.57
N ALA C 356 11.24 -8.15 -53.62
CA ALA C 356 11.67 -6.79 -53.88
C ALA C 356 13.13 -6.53 -53.52
N PHE C 357 13.79 -7.46 -52.84
CA PHE C 357 15.16 -7.26 -52.39
C PHE C 357 16.14 -8.35 -52.78
N ILE C 358 15.67 -9.53 -53.22
CA ILE C 358 16.54 -10.66 -53.51
C ILE C 358 16.53 -10.90 -55.01
N LEU C 359 17.72 -10.92 -55.61
CA LEU C 359 17.86 -11.15 -57.03
C LEU C 359 18.82 -12.31 -57.26
N SER C 360 18.59 -13.02 -58.36
CA SER C 360 19.51 -14.06 -58.76
C SER C 360 20.87 -13.45 -59.09
N LYS C 361 21.92 -14.22 -58.79
CA LYS C 361 23.29 -13.74 -59.01
C LYS C 361 23.52 -13.37 -60.47
N ASP C 362 22.81 -14.02 -61.39
CA ASP C 362 22.93 -13.75 -62.82
C ASP C 362 21.91 -12.74 -63.33
N ASP C 363 21.08 -12.16 -62.44
CA ASP C 363 20.05 -11.23 -62.88
C ASP C 363 20.69 -9.98 -63.47
N VAL C 364 20.15 -9.54 -64.62
CA VAL C 364 20.70 -8.37 -65.30
C VAL C 364 20.44 -7.08 -64.53
N LYS C 365 19.34 -7.03 -63.77
CA LYS C 365 18.99 -5.81 -63.05
C LYS C 365 19.98 -5.47 -61.94
N LEU C 366 20.89 -6.39 -61.60
CA LEU C 366 21.97 -6.07 -60.67
C LEU C 366 22.94 -5.05 -61.26
N ASN C 367 22.87 -4.78 -62.58
CA ASN C 367 23.65 -3.69 -63.15
C ASN C 367 23.24 -2.34 -62.59
N LEU C 368 21.99 -2.24 -62.12
CA LEU C 368 21.48 -0.99 -61.56
C LEU C 368 21.93 -0.75 -60.13
N VAL C 369 22.44 -1.77 -59.44
CA VAL C 369 22.74 -1.68 -58.02
C VAL C 369 24.25 -1.60 -57.85
N ASP C 370 24.71 -0.55 -57.15
CA ASP C 370 26.11 -0.45 -56.77
C ASP C 370 26.49 -1.64 -55.90
N ASP C 371 27.71 -2.15 -56.10
CA ASP C 371 28.14 -3.36 -55.40
C ASP C 371 28.22 -3.17 -53.89
N LYS C 372 28.33 -1.92 -53.42
CA LYS C 372 28.39 -1.68 -51.98
C LYS C 372 27.08 -2.03 -51.28
N PHE C 373 25.96 -2.04 -52.02
CA PHE C 373 24.67 -2.39 -51.46
C PHE C 373 24.38 -3.88 -51.48
N LEU C 374 25.16 -4.67 -52.21
CA LEU C 374 24.84 -6.07 -52.45
C LEU C 374 25.53 -6.97 -51.45
N LYS C 375 24.76 -7.90 -50.88
CA LYS C 375 25.28 -8.90 -49.96
C LYS C 375 24.98 -10.29 -50.53
N CYS C 376 25.82 -11.25 -50.17
CA CYS C 376 25.55 -12.64 -50.52
C CYS C 376 24.37 -13.18 -49.73
N TRP C 377 23.51 -13.93 -50.40
CA TRP C 377 22.25 -14.41 -49.83
C TRP C 377 22.19 -15.92 -49.99
N ILE C 378 22.01 -16.64 -48.88
CA ILE C 378 21.93 -18.09 -48.93
C ILE C 378 20.60 -18.53 -48.33
N LYS C 379 20.17 -19.72 -48.75
CA LYS C 379 18.96 -20.37 -48.26
C LYS C 379 19.33 -21.57 -47.40
N SER C 380 18.30 -22.16 -46.79
CA SER C 380 18.53 -23.28 -45.88
C SER C 380 19.16 -24.47 -46.59
N LYS C 381 18.85 -24.68 -47.88
CA LYS C 381 19.40 -25.82 -48.59
C LYS C 381 20.89 -25.66 -48.87
N ASN C 382 21.43 -24.45 -48.76
CA ASN C 382 22.84 -24.22 -48.99
C ASN C 382 23.73 -24.68 -47.84
N ILE C 383 23.15 -25.00 -46.69
CA ILE C 383 23.93 -25.38 -45.51
C ILE C 383 24.16 -26.88 -45.53
N ASN C 384 25.43 -27.28 -45.50
CA ASN C 384 25.82 -28.67 -45.28
C ASN C 384 26.54 -28.75 -43.94
N LYS C 385 26.88 -29.97 -43.55
CA LYS C 385 27.82 -30.14 -42.46
C LYS C 385 29.15 -29.48 -42.81
N TYR C 386 29.60 -28.59 -41.93
CA TYR C 386 30.92 -27.94 -41.92
C TYR C 386 31.12 -26.81 -42.93
N ILE C 387 30.28 -26.68 -43.96
CA ILE C 387 30.52 -25.73 -45.03
C ILE C 387 29.21 -25.35 -45.71
N VAL C 388 29.24 -24.20 -46.38
CA VAL C 388 28.08 -23.63 -47.03
C VAL C 388 28.32 -23.61 -48.53
N ASP C 389 27.28 -23.98 -49.29
CA ASP C 389 27.34 -23.85 -50.73
C ASP C 389 27.53 -22.38 -51.11
N LYS C 390 28.16 -22.15 -52.26
CA LYS C 390 28.31 -20.79 -52.76
C LYS C 390 26.95 -20.19 -53.03
N SER C 391 26.82 -18.89 -52.77
CA SER C 391 25.52 -18.25 -52.88
C SER C 391 25.14 -18.03 -54.34
N GLU C 392 23.85 -18.20 -54.63
CA GLU C 392 23.30 -17.97 -55.96
C GLU C 392 22.40 -16.75 -56.01
N TYR C 393 22.24 -16.03 -54.89
CA TYR C 393 21.36 -14.87 -54.82
C TYR C 393 22.11 -13.69 -54.21
N ARG C 394 21.55 -12.52 -54.40
CA ARG C 394 22.09 -11.29 -53.84
C ARG C 394 20.99 -10.53 -53.10
N LEU C 395 21.35 -9.98 -51.94
CA LEU C 395 20.44 -9.17 -51.14
C LEU C 395 20.78 -7.69 -51.33
N ILE C 396 19.77 -6.90 -51.69
CA ILE C 396 19.92 -5.45 -51.75
C ILE C 396 19.70 -4.92 -50.33
N TYR C 397 20.78 -4.60 -49.64
CA TYR C 397 20.69 -4.06 -48.28
C TYR C 397 20.26 -2.59 -48.39
N SER C 398 18.95 -2.40 -48.58
CA SER C 398 18.40 -1.10 -48.91
C SER C 398 18.47 -0.09 -47.77
N ASN C 399 18.76 -0.53 -46.54
CA ASN C 399 18.90 0.41 -45.42
C ASN C 399 20.06 1.37 -45.62
N ASP C 400 21.06 1.01 -46.42
CA ASP C 400 22.22 1.86 -46.63
C ASP C 400 22.00 2.94 -47.68
N ILE C 401 20.84 2.96 -48.34
CA ILE C 401 20.46 4.06 -49.21
C ILE C 401 19.99 5.22 -48.34
N ASP C 402 20.72 6.33 -48.36
CA ASP C 402 20.48 7.41 -47.40
C ASP C 402 19.07 7.99 -47.54
N ASN C 403 18.68 8.38 -48.75
CA ASN C 403 17.36 8.93 -49.01
C ASN C 403 16.87 8.41 -50.36
N GLU C 404 15.67 8.84 -50.75
CA GLU C 404 15.12 8.46 -52.05
C GLU C 404 15.81 9.19 -53.21
N ASN C 405 16.26 10.42 -53.00
CA ASN C 405 16.76 11.26 -54.08
C ASN C 405 18.13 10.85 -54.60
N THR C 406 18.88 10.04 -53.87
CA THR C 406 20.23 9.67 -54.33
C THR C 406 20.20 8.50 -55.32
N ASN C 407 19.79 7.32 -54.86
CA ASN C 407 19.80 6.11 -55.69
C ASN C 407 18.39 5.80 -56.23
N LYS C 408 17.86 6.76 -57.00
CA LYS C 408 16.47 6.66 -57.43
C LYS C 408 16.22 5.43 -58.29
N ARG C 409 17.20 5.01 -59.09
CA ARG C 409 16.96 3.94 -60.06
C ARG C 409 16.70 2.62 -59.36
N ILE C 410 17.38 2.35 -58.25
CA ILE C 410 17.15 1.12 -57.51
C ILE C 410 15.71 1.07 -56.99
N LEU C 411 15.24 2.18 -56.42
CA LEU C 411 13.88 2.20 -55.88
C LEU C 411 12.84 2.11 -56.99
N ASP C 412 13.09 2.75 -58.13
CA ASP C 412 12.08 2.80 -59.18
C ASP C 412 11.98 1.50 -59.96
N GLU C 413 13.10 0.83 -60.22
CA GLU C 413 13.09 -0.30 -61.14
C GLU C 413 13.13 -1.66 -60.46
N ILE C 414 13.48 -1.72 -59.17
CA ILE C 414 13.58 -3.02 -58.50
C ILE C 414 12.65 -3.07 -57.29
N ILE C 415 12.93 -2.24 -56.28
CA ILE C 415 12.20 -2.33 -55.03
C ILE C 415 10.76 -1.85 -55.19
N GLY C 416 10.57 -0.77 -55.95
CA GLY C 416 9.25 -0.17 -56.10
C GLY C 416 8.23 -1.04 -56.82
N LEU C 417 8.66 -2.13 -57.46
CA LEU C 417 7.71 -3.02 -58.10
C LEU C 417 6.77 -3.67 -57.08
N TYR C 418 7.12 -3.64 -55.79
CA TYR C 418 6.27 -4.15 -54.73
C TYR C 418 6.00 -3.08 -53.68
N LYS C 419 5.94 -1.82 -54.11
CA LYS C 419 5.83 -0.72 -53.16
C LYS C 419 4.55 -0.81 -52.34
N THR C 420 3.43 -1.17 -52.99
CA THR C 420 2.18 -1.30 -52.27
C THR C 420 2.28 -2.36 -51.17
N LYS C 421 2.87 -3.51 -51.49
CA LYS C 421 3.05 -4.55 -50.48
C LYS C 421 4.00 -4.08 -49.38
N LEU C 422 5.07 -3.39 -49.75
CA LEU C 422 6.03 -2.90 -48.75
C LEU C 422 5.37 -1.87 -47.83
N GLU C 423 4.51 -1.03 -48.38
CA GLU C 423 3.85 0.00 -47.58
C GLU C 423 2.90 -0.57 -46.54
N ASN C 424 2.50 -1.84 -46.69
CA ASN C 424 1.54 -2.43 -45.78
C ASN C 424 2.21 -3.19 -44.63
N ARG C 425 3.54 -3.20 -44.57
CA ARG C 425 4.21 -3.77 -43.41
C ARG C 425 3.97 -2.89 -42.19
N ARG C 426 3.94 -3.53 -41.01
CA ARG C 426 3.48 -2.84 -39.81
C ARG C 426 4.36 -1.62 -39.49
N GLU C 427 5.68 -1.76 -39.62
CA GLU C 427 6.57 -0.67 -39.28
C GLU C 427 6.49 0.48 -40.30
N CYS C 428 6.05 0.21 -41.52
CA CYS C 428 5.83 1.29 -42.48
C CYS C 428 4.56 2.06 -42.17
N LYS C 429 3.49 1.36 -41.80
CA LYS C 429 2.23 2.04 -41.50
C LYS C 429 2.35 2.91 -40.24
N SER C 430 3.28 2.59 -39.34
CA SER C 430 3.53 3.40 -38.16
C SER C 430 4.56 4.50 -38.40
N GLY C 431 5.18 4.54 -39.58
CA GLY C 431 6.06 5.63 -39.95
C GLY C 431 7.48 5.52 -39.44
N ILE C 432 7.83 4.46 -38.70
CA ILE C 432 9.20 4.33 -38.19
C ILE C 432 10.09 3.59 -39.16
N ARG C 433 9.58 3.20 -40.33
CA ARG C 433 10.35 2.49 -41.33
C ARG C 433 9.95 3.00 -42.71
N LYS C 434 10.93 3.41 -43.50
CA LYS C 434 10.66 3.85 -44.86
C LYS C 434 10.21 2.68 -45.72
N TRP C 435 9.42 2.99 -46.77
CA TRP C 435 8.81 1.93 -47.56
C TRP C 435 9.85 1.07 -48.27
N TYR C 436 11.00 1.64 -48.62
CA TYR C 436 12.02 0.90 -49.37
C TYR C 436 13.02 0.18 -48.47
N GLU C 437 12.98 0.39 -47.16
CA GLU C 437 13.94 -0.26 -46.28
C GLU C 437 13.52 -1.69 -45.96
N LEU C 438 14.49 -2.48 -45.51
CA LEU C 438 14.22 -3.83 -45.04
C LEU C 438 13.42 -3.76 -43.74
N GLN C 439 12.44 -4.66 -43.60
CA GLN C 439 11.58 -4.60 -42.42
C GLN C 439 12.37 -4.85 -41.15
N TRP C 440 13.12 -5.95 -41.11
CA TRP C 440 14.05 -6.21 -40.01
C TRP C 440 15.42 -6.47 -40.62
N GLY C 441 16.12 -5.39 -40.92
CA GLY C 441 17.54 -5.47 -41.24
C GLY C 441 18.30 -5.48 -39.93
N ARG C 442 19.03 -6.56 -39.68
CA ARG C 442 19.74 -6.70 -38.43
C ARG C 442 21.02 -5.88 -38.47
N GLU C 443 21.95 -6.14 -37.55
CA GLU C 443 23.25 -5.49 -37.60
C GLU C 443 24.13 -6.18 -38.64
N LYS C 444 24.62 -5.42 -39.62
CA LYS C 444 25.51 -5.98 -40.63
C LYS C 444 26.78 -6.54 -39.99
N LEU C 445 27.28 -5.89 -38.95
CA LEU C 445 28.47 -6.37 -38.25
C LEU C 445 28.31 -7.78 -37.74
N PHE C 446 27.07 -8.23 -37.50
CA PHE C 446 26.87 -9.59 -37.05
C PHE C 446 27.06 -10.60 -38.18
N PHE C 447 26.59 -10.26 -39.39
CA PHE C 447 26.69 -11.20 -40.50
C PHE C 447 28.06 -11.19 -41.14
N GLU C 448 28.69 -10.01 -41.24
CA GLU C 448 29.95 -9.86 -41.98
C GLU C 448 31.13 -10.18 -41.06
N ARG C 449 31.23 -11.46 -40.71
CA ARG C 449 32.27 -11.96 -39.83
C ARG C 449 32.25 -13.48 -39.91
N LYS C 450 33.30 -14.10 -39.36
CA LYS C 450 33.31 -15.55 -39.23
C LYS C 450 32.24 -15.97 -38.24
N LYS C 451 31.43 -16.95 -38.63
CA LYS C 451 30.30 -17.37 -37.81
C LYS C 451 29.87 -18.77 -38.24
N ILE C 452 29.00 -19.37 -37.43
CA ILE C 452 28.42 -20.68 -37.73
C ILE C 452 26.97 -20.48 -38.12
N MET C 453 26.54 -21.18 -39.17
CA MET C 453 25.17 -21.08 -39.67
C MET C 453 24.57 -22.48 -39.78
N TYR C 454 23.26 -22.57 -39.54
CA TYR C 454 22.54 -23.84 -39.62
C TYR C 454 21.12 -23.58 -40.12
N PRO C 455 20.55 -24.52 -40.87
CA PRO C 455 19.17 -24.32 -41.36
C PRO C 455 18.16 -24.38 -40.22
N TYR C 456 17.06 -23.65 -40.40
CA TYR C 456 16.04 -23.57 -39.35
C TYR C 456 15.16 -24.81 -39.29
N LYS C 457 15.15 -25.62 -40.35
CA LYS C 457 14.38 -26.86 -40.39
C LYS C 457 15.19 -27.86 -41.20
N SER C 458 15.48 -29.02 -40.62
CA SER C 458 16.35 -29.98 -41.26
C SER C 458 16.07 -31.37 -40.71
N ASN C 459 16.60 -32.37 -41.40
CA ASN C 459 16.53 -33.76 -40.96
C ASN C 459 17.66 -34.15 -40.02
N GLU C 460 18.70 -33.32 -39.91
CA GLU C 460 19.88 -33.70 -39.14
C GLU C 460 20.65 -32.43 -38.77
N ASN C 461 21.57 -32.57 -37.83
CA ASN C 461 22.45 -31.47 -37.47
C ASN C 461 23.29 -31.08 -38.68
N ARG C 462 23.16 -29.81 -39.10
CA ARG C 462 23.93 -29.25 -40.21
C ARG C 462 24.47 -27.90 -39.74
N PHE C 463 25.63 -27.91 -39.11
CA PHE C 463 26.27 -26.69 -38.61
C PHE C 463 27.52 -26.43 -39.43
N ALA C 464 27.58 -25.26 -40.06
CA ALA C 464 28.62 -24.94 -41.03
C ALA C 464 29.32 -23.65 -40.64
N ILE C 465 30.63 -23.60 -40.84
CA ILE C 465 31.38 -22.37 -40.71
C ILE C 465 31.21 -21.54 -41.97
N ASP C 466 30.80 -20.28 -41.81
CA ASP C 466 30.67 -19.36 -42.92
C ASP C 466 31.91 -18.48 -42.98
N TYR C 467 32.61 -18.52 -44.11
CA TYR C 467 33.80 -17.71 -44.34
C TYR C 467 33.54 -16.53 -45.27
N ASP C 468 32.34 -16.42 -45.84
CA ASP C 468 32.10 -15.56 -46.99
C ASP C 468 31.14 -14.41 -46.69
N ASN C 469 30.90 -14.10 -45.41
CA ASN C 469 30.02 -13.00 -45.01
C ASN C 469 28.62 -13.16 -45.60
N ASN C 470 28.05 -14.35 -45.41
CA ASN C 470 26.75 -14.67 -46.01
C ASN C 470 25.62 -14.06 -45.19
N PHE C 471 24.70 -13.40 -45.88
CA PHE C 471 23.43 -13.02 -45.29
C PHE C 471 22.38 -14.08 -45.64
N SER C 472 21.34 -14.14 -44.82
CA SER C 472 20.27 -15.11 -45.04
C SER C 472 18.98 -14.56 -44.45
N SER C 473 17.88 -15.21 -44.81
CA SER C 473 16.59 -14.91 -44.22
C SER C 473 16.45 -15.66 -42.89
N ALA C 474 15.24 -15.71 -42.36
CA ALA C 474 14.99 -16.43 -41.10
C ALA C 474 15.00 -17.94 -41.26
N ASP C 475 15.21 -18.47 -42.47
CA ASP C 475 15.34 -19.92 -42.65
C ASP C 475 16.74 -20.41 -42.36
N VAL C 476 17.67 -19.52 -42.00
CA VAL C 476 19.01 -19.90 -41.56
C VAL C 476 19.35 -19.07 -40.34
N TYR C 477 19.71 -19.74 -39.24
CA TYR C 477 20.16 -19.06 -38.03
C TYR C 477 21.68 -19.03 -37.99
N SER C 478 22.21 -18.08 -37.22
CA SER C 478 23.65 -17.88 -37.10
C SER C 478 24.02 -17.66 -35.65
N PHE C 479 25.27 -17.96 -35.31
CA PHE C 479 25.84 -17.51 -34.06
C PHE C 479 27.34 -17.34 -34.22
N PHE C 480 27.93 -16.55 -33.33
CA PHE C 480 29.38 -16.42 -33.24
C PHE C 480 29.80 -16.54 -31.79
N ILE C 481 31.06 -16.90 -31.59
CA ILE C 481 31.58 -17.15 -30.25
C ILE C 481 31.87 -15.81 -29.57
N LYS C 482 31.48 -15.71 -28.30
CA LYS C 482 31.77 -14.52 -27.50
C LYS C 482 33.27 -14.32 -27.39
N GLU C 483 33.68 -13.04 -27.37
CA GLU C 483 35.10 -12.72 -27.34
C GLU C 483 35.79 -13.29 -26.11
N GLU C 484 35.09 -13.35 -24.97
CA GLU C 484 35.70 -13.87 -23.76
C GLU C 484 35.88 -15.39 -23.81
N TYR C 485 35.16 -16.08 -24.68
CA TYR C 485 35.27 -17.53 -24.83
C TYR C 485 36.09 -17.94 -26.05
N LEU C 486 36.74 -17.00 -26.73
CA LEU C 486 37.45 -17.34 -27.95
C LEU C 486 38.68 -18.19 -27.69
N ASP C 487 39.29 -18.07 -26.51
CA ASP C 487 40.47 -18.85 -26.18
C ASP C 487 40.15 -20.20 -25.57
N LYS C 488 38.87 -20.51 -25.39
CA LYS C 488 38.43 -21.83 -24.94
C LYS C 488 37.83 -22.68 -26.05
N PHE C 489 37.08 -22.07 -26.96
CA PHE C 489 36.38 -22.79 -28.01
C PHE C 489 36.70 -22.18 -29.36
N SER C 490 36.90 -23.04 -30.36
CA SER C 490 37.09 -22.62 -31.74
C SER C 490 35.84 -22.98 -32.56
N TYR C 491 35.71 -22.31 -33.70
CA TYR C 491 34.63 -22.67 -34.62
C TYR C 491 34.81 -24.08 -35.16
N GLU C 492 36.05 -24.47 -35.46
CA GLU C 492 36.31 -25.80 -35.98
C GLU C 492 35.94 -26.88 -34.97
N TYR C 493 36.25 -26.65 -33.69
CA TYR C 493 35.85 -27.61 -32.65
C TYR C 493 34.33 -27.70 -32.54
N LEU C 494 33.65 -26.55 -32.57
CA LEU C 494 32.19 -26.55 -32.36
C LEU C 494 31.46 -27.30 -33.48
N VAL C 495 31.81 -27.00 -34.73
CA VAL C 495 31.15 -27.73 -35.83
C VAL C 495 31.54 -29.20 -35.80
N GLY C 496 32.73 -29.51 -35.28
CA GLY C 496 33.12 -30.91 -35.16
C GLY C 496 32.19 -31.70 -34.25
N ILE C 497 31.87 -31.15 -33.08
CA ILE C 497 31.03 -31.90 -32.16
C ILE C 497 29.55 -31.73 -32.50
N LEU C 498 29.15 -30.57 -33.04
CA LEU C 498 27.73 -30.35 -33.33
C LEU C 498 27.25 -31.20 -34.50
N ASN C 499 28.14 -31.60 -35.39
CA ASN C 499 27.79 -32.45 -36.52
C ASN C 499 28.05 -33.93 -36.23
N SER C 500 28.40 -34.28 -35.00
CA SER C 500 28.70 -35.66 -34.67
C SER C 500 27.42 -36.48 -34.53
N SER C 501 27.56 -37.80 -34.68
CA SER C 501 26.42 -38.68 -34.47
C SER C 501 25.89 -38.59 -33.04
N VAL C 502 26.79 -38.36 -32.07
CA VAL C 502 26.36 -38.21 -30.68
C VAL C 502 25.44 -37.01 -30.53
N TYR C 503 25.83 -35.87 -31.10
CA TYR C 503 25.04 -34.65 -30.91
C TYR C 503 23.82 -34.59 -31.80
N ASP C 504 23.80 -35.35 -32.90
CA ASP C 504 22.57 -35.47 -33.68
C ASP C 504 21.50 -36.21 -32.89
N LYS C 505 21.88 -37.32 -32.27
CA LYS C 505 20.95 -38.06 -31.40
C LYS C 505 20.60 -37.24 -30.15
N TYR C 506 21.58 -36.54 -29.59
CA TYR C 506 21.36 -35.75 -28.38
C TYR C 506 20.35 -34.62 -28.62
N PHE C 507 20.50 -33.90 -29.74
CA PHE C 507 19.56 -32.82 -30.02
C PHE C 507 18.16 -33.34 -30.30
N LYS C 508 18.06 -34.44 -31.05
CA LYS C 508 16.74 -34.94 -31.46
C LYS C 508 15.95 -35.55 -30.31
N ILE C 509 16.56 -35.74 -29.14
CA ILE C 509 15.81 -36.27 -28.00
C ILE C 509 14.74 -35.28 -27.56
N THR C 510 15.07 -34.00 -27.54
CA THR C 510 14.13 -32.96 -27.11
C THR C 510 13.70 -32.05 -28.25
N ALA C 511 14.19 -32.28 -29.47
CA ALA C 511 13.91 -31.37 -30.58
C ALA C 511 12.45 -31.46 -30.99
N LYS C 512 12.01 -30.41 -31.69
CA LYS C 512 10.60 -30.24 -32.06
C LYS C 512 10.36 -30.86 -33.43
N LYS C 513 9.63 -31.98 -33.47
CA LYS C 513 9.31 -32.65 -34.73
C LYS C 513 8.20 -31.90 -35.44
N MET C 514 8.49 -31.40 -36.64
CA MET C 514 7.55 -30.58 -37.39
C MET C 514 6.77 -31.37 -38.44
N SER C 515 7.46 -32.10 -39.29
CA SER C 515 6.83 -32.88 -40.35
C SER C 515 7.75 -34.04 -40.67
N LYS C 516 7.41 -34.79 -41.72
CA LYS C 516 8.19 -35.96 -42.09
C LYS C 516 9.63 -35.58 -42.39
N ASN C 517 10.54 -36.10 -41.57
CA ASN C 517 12.00 -35.89 -41.72
C ASN C 517 12.42 -34.44 -41.48
N ILE C 518 11.66 -33.67 -40.70
CA ILE C 518 12.00 -32.29 -40.44
C ILE C 518 11.88 -32.00 -38.95
N TYR C 519 12.96 -31.48 -38.36
CA TYR C 519 12.97 -30.94 -37.01
C TYR C 519 13.18 -29.43 -37.06
N ASP C 520 12.60 -28.72 -36.10
CA ASP C 520 12.94 -27.32 -35.92
C ASP C 520 14.35 -27.19 -35.36
N TYR C 521 15.20 -26.40 -36.02
CA TYR C 521 16.49 -26.02 -35.48
C TYR C 521 16.43 -24.52 -35.22
N TYR C 522 15.89 -24.16 -34.06
CA TYR C 522 15.70 -22.80 -33.61
C TYR C 522 16.55 -22.54 -32.37
N PRO C 523 16.96 -21.29 -32.14
CA PRO C 523 17.81 -21.00 -30.97
C PRO C 523 17.17 -21.40 -29.64
N ASN C 524 15.84 -21.39 -29.54
CA ASN C 524 15.21 -21.70 -28.26
C ASN C 524 15.53 -23.12 -27.80
N LYS C 525 15.98 -23.99 -28.70
CA LYS C 525 16.53 -25.28 -28.31
C LYS C 525 17.98 -25.48 -28.72
N VAL C 526 18.44 -24.87 -29.82
CA VAL C 526 19.82 -25.03 -30.24
C VAL C 526 20.78 -24.41 -29.23
N MET C 527 20.43 -23.23 -28.70
CA MET C 527 21.32 -22.58 -27.75
C MET C 527 21.34 -23.28 -26.39
N LYS C 528 20.44 -24.22 -26.14
CA LYS C 528 20.46 -25.02 -24.93
C LYS C 528 21.32 -26.28 -25.05
N ILE C 529 21.85 -26.54 -26.25
CA ILE C 529 22.78 -27.65 -26.43
C ILE C 529 23.99 -27.43 -25.53
N ARG C 530 24.39 -28.47 -24.80
CA ARG C 530 25.46 -28.36 -23.83
C ARG C 530 26.77 -28.87 -24.42
N ILE C 531 27.86 -28.16 -24.10
CA ILE C 531 29.17 -28.37 -24.70
C ILE C 531 30.17 -28.72 -23.61
N PHE C 532 31.13 -29.57 -23.95
CA PHE C 532 32.17 -29.98 -23.03
C PHE C 532 33.53 -29.51 -23.54
N ARG C 533 34.54 -29.63 -22.67
CA ARG C 533 35.91 -29.26 -23.02
C ARG C 533 36.84 -30.09 -22.13
N ASP C 534 37.61 -30.99 -22.73
CA ASP C 534 38.50 -31.85 -21.96
C ASP C 534 39.73 -32.17 -22.82
N ASN C 535 40.46 -33.23 -22.44
CA ASN C 535 41.73 -33.56 -23.07
C ASN C 535 41.60 -33.96 -24.55
N ASN C 536 40.42 -34.41 -24.98
CA ASN C 536 40.23 -34.78 -26.38
C ASN C 536 39.99 -33.58 -27.29
N TYR C 537 40.08 -32.36 -26.76
CA TYR C 537 39.76 -31.17 -27.55
C TYR C 537 40.65 -31.07 -28.78
N GLU C 538 41.96 -31.23 -28.60
CA GLU C 538 42.90 -30.97 -29.70
C GLU C 538 42.68 -31.92 -30.87
N GLU C 539 42.45 -33.20 -30.59
CA GLU C 539 42.27 -34.14 -31.69
C GLU C 539 40.88 -34.02 -32.32
N ILE C 540 39.85 -33.72 -31.53
CA ILE C 540 38.54 -33.43 -32.11
C ILE C 540 38.64 -32.24 -33.06
N GLU C 541 39.29 -31.17 -32.61
CA GLU C 541 39.47 -29.99 -33.44
C GLU C 541 40.29 -30.31 -34.69
N ASN C 542 41.37 -31.08 -34.53
CA ASN C 542 42.21 -31.41 -35.67
C ASN C 542 41.48 -32.27 -36.69
N LEU C 543 40.68 -33.23 -36.21
CA LEU C 543 39.89 -34.06 -37.13
C LEU C 543 38.88 -33.21 -37.90
N SER C 544 38.23 -32.26 -37.20
CA SER C 544 37.30 -31.36 -37.85
C SER C 544 37.99 -30.52 -38.92
N LYS C 545 39.20 -30.04 -38.63
CA LYS C 545 39.94 -29.27 -39.63
C LYS C 545 40.29 -30.12 -40.84
N GLN C 546 40.59 -31.40 -40.63
CA GLN C 546 40.87 -32.29 -41.75
C GLN C 546 39.63 -32.49 -42.60
N ILE C 547 38.47 -32.66 -41.97
CA ILE C 547 37.22 -32.84 -42.71
C ILE C 547 36.91 -31.61 -43.54
N ILE C 548 37.08 -30.42 -42.94
CA ILE C 548 36.82 -29.18 -43.65
C ILE C 548 37.75 -29.05 -44.86
N SER C 549 39.03 -29.40 -44.67
CA SER C 549 39.99 -29.31 -45.76
C SER C 549 39.60 -30.21 -46.93
N ILE C 550 39.15 -31.44 -46.63
CA ILE C 550 38.73 -32.35 -47.69
C ILE C 550 37.49 -31.82 -48.40
N LEU C 551 36.52 -31.30 -47.64
CA LEU C 551 35.26 -30.87 -48.24
C LEU C 551 35.43 -29.66 -49.15
N LEU C 552 36.52 -28.90 -49.02
CA LEU C 552 36.78 -27.76 -49.87
C LEU C 552 37.67 -28.10 -51.07
N ASN C 553 38.14 -29.35 -51.17
CA ASN C 553 39.00 -29.76 -52.26
C ASN C 553 38.21 -30.03 -53.53
N LYS C 554 38.92 -30.04 -54.66
CA LYS C 554 38.29 -30.37 -55.94
C LYS C 554 37.88 -31.84 -55.99
N SER C 555 38.78 -32.74 -55.60
CA SER C 555 38.49 -34.18 -55.57
C SER C 555 38.23 -34.57 -54.12
N ILE C 556 36.95 -34.73 -53.78
CA ILE C 556 36.54 -35.02 -52.40
C ILE C 556 36.37 -36.53 -52.26
N ASP C 557 37.17 -37.13 -51.38
CA ASP C 557 37.05 -38.55 -51.05
C ASP C 557 36.17 -38.64 -49.81
N LYS C 558 34.87 -38.86 -50.04
CA LYS C 558 33.92 -38.94 -48.94
C LYS C 558 34.24 -40.10 -48.00
N GLY C 559 34.86 -41.16 -48.52
CA GLY C 559 35.26 -42.26 -47.66
C GLY C 559 36.30 -41.86 -46.64
N LYS C 560 37.21 -40.96 -47.04
CA LYS C 560 38.17 -40.42 -46.08
C LYS C 560 37.48 -39.57 -45.03
N VAL C 561 36.45 -38.81 -45.42
CA VAL C 561 35.70 -38.02 -44.46
C VAL C 561 35.00 -38.92 -43.45
N GLU C 562 34.42 -40.03 -43.93
CA GLU C 562 33.66 -40.91 -43.05
C GLU C 562 34.52 -41.48 -41.94
N LYS C 563 35.72 -41.99 -42.29
CA LYS C 563 36.61 -42.53 -41.27
C LYS C 563 37.04 -41.45 -40.28
N LEU C 564 37.32 -40.24 -40.77
CA LEU C 564 37.68 -39.15 -39.88
C LEU C 564 36.53 -38.82 -38.93
N GLN C 565 35.29 -38.81 -39.44
CA GLN C 565 34.14 -38.54 -38.59
C GLN C 565 33.97 -39.62 -37.53
N ILE C 566 34.17 -40.89 -37.90
CA ILE C 566 34.00 -41.99 -36.95
C ILE C 566 35.00 -41.87 -35.81
N LYS C 567 36.26 -41.56 -36.14
CA LYS C 567 37.27 -41.36 -35.10
C LYS C 567 36.88 -40.21 -34.18
N MET C 568 36.34 -39.13 -34.74
CA MET C 568 35.88 -38.03 -33.90
C MET C 568 34.70 -38.45 -33.02
N ASP C 569 33.78 -39.23 -33.57
CA ASP C 569 32.64 -39.70 -32.80
C ASP C 569 33.09 -40.55 -31.61
N ASN C 570 34.11 -41.39 -31.82
CA ASN C 570 34.62 -42.21 -30.72
C ASN C 570 35.27 -41.37 -29.63
N LEU C 571 35.97 -40.31 -30.01
CA LEU C 571 36.55 -39.41 -29.01
C LEU C 571 35.45 -38.71 -28.21
N ILE C 572 34.39 -38.28 -28.89
CA ILE C 572 33.29 -37.60 -28.20
C ILE C 572 32.56 -38.56 -27.26
N MET C 573 32.34 -39.80 -27.69
CA MET C 573 31.76 -40.80 -26.80
C MET C 573 32.68 -41.08 -25.62
N ASP C 574 33.98 -41.20 -25.88
CA ASP C 574 34.94 -41.38 -24.79
C ASP C 574 34.90 -40.20 -23.83
N SER C 575 34.75 -38.99 -24.36
CA SER C 575 34.70 -37.80 -23.51
C SER C 575 33.45 -37.78 -22.65
N LEU C 576 32.30 -38.11 -23.22
CA LEU C 576 31.02 -38.00 -22.53
C LEU C 576 30.66 -39.25 -21.74
N GLY C 577 31.52 -40.26 -21.72
CA GLY C 577 31.17 -41.49 -21.04
C GLY C 577 30.05 -42.27 -21.70
N ILE C 578 29.77 -41.99 -22.97
CA ILE C 578 28.70 -42.65 -23.68
C ILE C 578 29.18 -44.02 -24.17
K K J . -60.79 -17.09 46.64
K K K . -21.65 18.69 45.75
C1 EDO L . -17.20 -1.14 37.41
O1 EDO L . -17.65 -2.27 38.16
C2 EDO L . -17.27 -1.44 35.92
O2 EDO L . -18.61 -1.87 35.57
C1 EDO M . -63.52 -18.38 47.79
O1 EDO M . -63.68 -17.54 46.64
C2 EDO M . -63.82 -17.58 49.05
O2 EDO M . -62.71 -16.72 49.35
CS MTA N . -24.88 1.61 45.17
S5' MTA N . -23.22 2.26 44.96
C5' MTA N . -22.73 1.47 43.41
C4' MTA N . -22.76 -0.04 43.47
O4' MTA N . -22.66 -0.51 42.10
C2' MTA N . -20.84 -1.49 43.17
O2' MTA N . -20.36 -2.74 43.65
C3' MTA N . -21.62 -0.70 44.24
O3' MTA N . -22.14 -1.53 45.27
C1' MTA N . -21.92 -1.71 42.12
N9 MTA N . -21.41 -1.96 40.78
C8 MTA N . -20.30 -1.41 40.19
N7 MTA N . -20.10 -1.78 38.95
C5 MTA N . -21.17 -2.63 38.70
C6 MTA N . -21.55 -3.36 37.55
N6 MTA N . -20.89 -3.31 36.38
N1 MTA N . -22.65 -4.13 37.63
C2 MTA N . -23.33 -4.16 38.78
N3 MTA N . -23.07 -3.51 39.92
C4 MTA N . -21.97 -2.75 39.81
K K O . 18.13 8.29 -12.04
K K P . 59.75 -19.07 6.14
C1 EDO Q . 14.39 -6.93 3.30
O1 EDO Q . 14.39 -8.35 3.13
C2 EDO Q . 14.24 -6.61 4.78
O2 EDO Q . 15.42 -7.01 5.47
C1 EDO R . 62.65 -20.67 5.45
O1 EDO R . 62.88 -19.33 5.90
C2 EDO R . 62.54 -20.68 3.94
O2 EDO R . 61.52 -19.76 3.54
C1 EDO S . 55.22 -20.83 -5.39
O1 EDO S . 54.18 -21.80 -5.58
C2 EDO S . 55.67 -20.84 -3.94
O2 EDO S . 55.92 -22.19 -3.55
C1 EDO T . 27.79 -3.86 1.77
O1 EDO T . 28.06 -5.16 2.31
C2 EDO T . 26.38 -3.83 1.19
O2 EDO T . 25.49 -3.33 2.19
C1 EDO U . 27.53 -5.50 16.50
O1 EDO U . 26.82 -4.82 15.47
C2 EDO U . 27.74 -6.95 16.10
O2 EDO U . 26.46 -7.56 15.81
CS MTA V . 22.61 -6.64 -4.11
S5' MTA V . 20.87 -6.26 -4.30
C5' MTA V . 20.29 -6.31 -2.60
C4' MTA V . 20.52 -7.66 -1.94
O4' MTA V . 20.29 -7.51 -0.53
C2' MTA V . 18.70 -9.06 -1.21
O2' MTA V . 18.35 -10.44 -1.13
C3' MTA V . 19.58 -8.77 -2.44
O3' MTA V . 20.32 -9.92 -2.82
C1' MTA V . 19.65 -8.68 -0.08
N9 MTA V . 19.01 -8.41 1.20
C8 MTA V . 17.78 -7.85 1.42
N7 MTA V . 17.46 -7.73 2.69
C5 MTA V . 18.57 -8.24 3.35
C6 MTA V . 18.87 -8.40 4.72
N6 MTA V . 18.06 -8.01 5.70
N1 MTA V . 20.06 -8.95 5.03
C2 MTA V . 20.88 -9.32 4.06
N3 MTA V . 20.71 -9.23 2.74
C4 MTA V . 19.52 -8.67 2.44
K K W . 2.86 -34.50 -41.10
C1 EDO X . -12.25 -18.57 -34.02
O1 EDO X . -12.60 -19.47 -32.95
C2 EDO X . -12.05 -19.35 -35.31
O2 EDO X . -13.31 -19.83 -35.80
CS MTA Y . -13.52 -30.71 -36.80
S5' MTA Y . -12.57 -29.48 -37.71
C5' MTA Y . -12.78 -28.02 -36.67
C4' MTA Y . -14.23 -27.61 -36.50
O4' MTA Y . -14.26 -26.64 -35.44
C2' MTA Y . -14.97 -25.46 -37.32
O2' MTA Y . -16.13 -24.85 -37.88
C3' MTA Y . -14.85 -26.94 -37.74
O3' MTA Y . -16.10 -27.52 -38.06
C1' MTA Y . -15.13 -25.59 -35.80
N9 MTA Y . -14.77 -24.39 -35.06
C8 MTA Y . -13.85 -23.43 -35.40
N7 MTA Y . -13.73 -22.47 -34.52
C5 MTA Y . -14.63 -22.82 -33.53
C6 MTA Y . -14.98 -22.20 -32.31
N6 MTA Y . -14.43 -21.08 -31.86
N1 MTA Y . -15.92 -22.81 -31.55
C2 MTA Y . -16.48 -23.94 -31.99
N3 MTA Y . -16.23 -24.61 -33.12
C4 MTA Y . -15.29 -23.99 -33.84
C1 EDO Z . -7.10 19.32 39.14
O1 EDO Z . -7.01 19.51 40.56
C2 EDO Z . -7.93 18.07 38.82
O2 EDO Z . -9.30 18.28 39.16
C1 EDO AA . -0.63 23.45 8.15
O1 EDO AA . -1.85 22.93 7.63
C2 EDO AA . 0.29 22.30 8.59
O2 EDO AA . 1.61 22.49 8.07
C1 EDO BA . 2.93 8.45 -8.30
O1 EDO BA . 2.59 7.48 -9.29
C2 EDO BA . 3.60 7.78 -7.10
O2 EDO BA . 5.00 7.61 -7.34
#